data_6MSL
#
_entry.id   6MSL
#
_cell.length_a   129.764
_cell.length_b   129.764
_cell.length_c   305.896
_cell.angle_alpha   90.000
_cell.angle_beta   90.000
_cell.angle_gamma   120.000
#
_symmetry.space_group_name_H-M   'P 32 2 1'
#
loop_
_entity.id
_entity.type
_entity.pdbx_description
1 polymer 'Integrin alpha-V'
2 polymer 'Integrin beta-3'
3 polymer 'Cystine Knot Protein 2.5D'
4 branched alpha-D-mannopyranose-(1-3)-beta-D-mannopyranose-(1-4)-2-acetamido-2-deoxy-beta-D-glucopyranose-(1-4)-2-acetamido-2-deoxy-beta-D-glucopyranose
5 branched 2-acetamido-2-deoxy-beta-D-glucopyranose-(1-4)-2-acetamido-2-deoxy-beta-D-glucopyranose
6 branched alpha-D-mannopyranose-(1-4)-beta-D-mannopyranose-(1-6)-[alpha-D-mannopyranose-(1-3)]beta-D-mannopyranose-(1-4)-2-acetamido-2-deoxy-beta-D-glucopyranose-(1-4)-2-acetamido-2-deoxy-beta-D-glucopyranose
7 branched beta-D-mannopyranose-(1-4)-2-acetamido-2-deoxy-beta-D-glucopyranose-(1-4)-2-acetamido-2-deoxy-beta-D-glucopyranose
8 non-polymer 2-acetamido-2-deoxy-beta-D-glucopyranose
9 non-polymer 'MANGANESE (II) ION'
10 water water
#
loop_
_entity_poly.entity_id
_entity_poly.type
_entity_poly.pdbx_seq_one_letter_code
_entity_poly.pdbx_strand_id
1 'polypeptide(L)'
;FNLDVDSPAEYSGPEGSYFGFAVDFFVPSASSRMFLLVGAPKANTTQPGIVEGGQVLKCDWSSTRRCQPIEFDATGNRDY
AKDDPLEFKSHQWFGASVRSKQDKILACAPLYHWRTEMKQEREPVGTCFLQDGTKTVEYAPCRSQDIDADGQGFCQGGFS
IDFTKADRVLLGGPGSFYWQGQLISDQVAEIVSKYDPNVYSIKYNNQLATRTAQAIFDDSYLGYSVAVGDFNGDGIDDFV
SGVPRAARTLGMVYIYDGKNMSSLYNFTGEQMAAYFGFSVAATDINGDDYADVFIGAPLFMDRGSDGKLQEVGQVSVSLQ
RASGDFQTTKLNGFEVFARFGSAIAPLGDLDQDGFNDIAIAAPYGGEDKKGIVYIFNGRSTGLNAVPSQILEGQWAARSM
PPSFGYSMKGATDIDKNGYPDLIVGAFGVDRAILYRARPVITVNAGLEVYPSILNQDNKTCSLPGTALKVSCFNVRFCLK
ADGKGVLPRKLNFQVELLLDKLKQKGAIRRALFLYSRSPSHSKNMTISRGGLMQCEELIAYLRDESEFRDKLTPITIFME
YRLDYRTAADTTGLQPILNQFTPANISRQAHILLDCGEDNVCKPKLEVSVDSDQKKIYIGDDNPLTLIVKAQNQGEGAYE
AELIVSIPLQADFIGVVRNNEALARLSCAFKTENQTRQVVCDLGNPMKAGTQLLAGLRFSVHQQSEMDTSVKFDLQIQSS
NLFDKVSPVVSHKVDLAVLAAVEIRGVSSPDHVFLPIPNWEHKENPETEEDVGPVVQHIYELRNNGPSSFSKAMLHLQWP
YKYNNNTLLYILHYDIDGPMNCTSDMEINPLRIKISSLQTTEKNDTVAGQGERDHLITKRDLALSEGDIHTLGCGVAQCL
KIVCQVGRLDRGKSAILYVKSLLWTETFMNKENQNHSYSLKSSASFNVIEFPYKNLPIEDITNSTLVTTNVTWGIQPAPM
PVPVWVI
;
A
2 'polypeptide(L)'
;GPNICTTRGVSSCQQCLAVSPMCAWCSDEALPLGSPRCDLKENLLKDNCAPESIEFPVSEARVLEDRPLSDKGSGDSSQV
TQVSPQRIALRLRPDDSKNFSIQVRQVEDYPVDIYYLMDLSYSMKDDLWSIQNLGTKLATQMRKLTSNLRIGFGAFVDKP
VSPYMYISPPEALENPCYDMKTTCLPMFGYKHVLTLTDQVTRFNEEVKKQSVSRNRDAPEGGFDAIMQATVCDEKIGWRN
DASHLLVFTTDAKTHIALDGRLAGIVQPNDGQCHVGSDNHYSASTTMDYPSLGLMTEKLSQKNINLIFAVTENVVNLYQN
YSELIPGTTVGVLSMDSSNVLQLIVDAYGKIRSKVELEVRDLPEELSLSFNATCLNNEVIPGLKSCMGLKIGDTVSFSIE
AKVRGCPQEKEKSFTIKPVGFKDSLIVQVTFDCDCACQAQAEPNSHRCNNGNGTFECGVCRCGPGWLGSQCECSEEDYRP
SQQDECSPREGQPVCSQRGECLCGQCVCHSSDFGKITGKYCECDDFSCVRYKGEMCSGHGQCSCGDCLCDSDWTGYYCNC
TTRTDTCMSSNGLLCSGRGKCECGSCVCIQPGSYGDTCEKCPTCPDACTFKKECVECKKFDRGALHDENTCNRYCRDEIE
SVKELKDTGKDAVNCTYKNEDDCVVRFQYYEDSSGKSILYVVEEPECPKGPDILV
;
B
3 'polypeptide(L)' CPQGRGDWAPTSCKQDSDCLAGCVCGPNGFCG C
#
# COMPACT_ATOMS: atom_id res chain seq x y z
N PHE A 1 4.73 20.67 13.76
CA PHE A 1 3.38 21.20 13.95
C PHE A 1 3.36 22.69 14.29
N ASN A 2 4.56 23.27 14.45
CA ASN A 2 4.76 24.63 14.93
C ASN A 2 5.10 25.63 13.84
N LEU A 3 4.93 25.30 12.58
CA LEU A 3 5.25 26.27 11.55
C LEU A 3 4.10 27.26 11.42
N ASP A 4 4.42 28.55 11.48
CA ASP A 4 3.40 29.58 11.33
C ASP A 4 2.91 29.62 9.89
N VAL A 5 1.62 29.37 9.68
CA VAL A 5 1.07 29.28 8.34
C VAL A 5 0.31 30.54 7.90
N ASP A 6 -0.04 31.43 8.83
CA ASP A 6 -0.80 32.62 8.47
C ASP A 6 0.06 33.84 8.20
N SER A 7 1.33 33.82 8.62
CA SER A 7 2.27 34.92 8.38
C SER A 7 3.54 34.41 7.70
N PRO A 8 3.42 33.87 6.48
CA PRO A 8 4.61 33.38 5.77
C PRO A 8 5.24 34.47 4.91
N ALA A 9 6.56 34.49 4.86
CA ALA A 9 7.25 35.47 4.03
C ALA A 9 7.24 34.98 2.59
N GLU A 10 6.58 35.72 1.70
CA GLU A 10 6.42 35.31 0.31
C GLU A 10 7.38 36.09 -0.59
N TYR A 11 8.17 35.36 -1.37
CA TYR A 11 9.07 35.95 -2.36
C TYR A 11 8.65 35.51 -3.75
N SER A 12 8.74 36.43 -4.71
CA SER A 12 8.38 36.17 -6.09
C SER A 12 9.51 36.66 -7.01
N GLY A 13 9.60 36.04 -8.19
CA GLY A 13 10.56 36.42 -9.20
C GLY A 13 9.93 36.57 -10.57
N PRO A 14 10.76 36.67 -11.61
CA PRO A 14 10.23 36.87 -12.97
C PRO A 14 9.24 35.78 -13.38
N GLU A 15 8.31 36.16 -14.25
CA GLU A 15 7.29 35.22 -14.72
C GLU A 15 7.90 34.25 -15.74
N GLY A 16 7.68 32.96 -15.52
CA GLY A 16 8.21 31.93 -16.41
C GLY A 16 9.67 31.61 -16.22
N SER A 17 10.28 32.10 -15.14
CA SER A 17 11.69 31.86 -14.83
C SER A 17 11.92 30.65 -13.93
N TYR A 18 10.86 29.92 -13.56
CA TYR A 18 10.96 28.81 -12.62
C TYR A 18 11.67 29.24 -11.34
N PHE A 19 11.46 30.51 -10.95
CA PHE A 19 11.88 30.95 -9.63
C PHE A 19 11.31 30.02 -8.58
N GLY A 20 12.18 29.49 -7.73
CA GLY A 20 11.78 28.55 -6.71
C GLY A 20 12.10 27.12 -7.04
N PHE A 21 12.73 26.85 -8.19
CA PHE A 21 13.07 25.49 -8.58
C PHE A 21 14.07 24.86 -7.62
N ALA A 22 14.90 25.67 -6.99
CA ALA A 22 15.84 25.18 -5.98
C ALA A 22 16.03 26.27 -4.95
N VAL A 23 16.19 25.88 -3.68
CA VAL A 23 16.28 26.83 -2.57
C VAL A 23 17.37 26.39 -1.61
N ASP A 24 17.93 27.36 -0.87
CA ASP A 24 18.83 27.06 0.23
C ASP A 24 18.94 28.32 1.10
N PHE A 25 19.64 28.17 2.23
CA PHE A 25 19.93 29.28 3.13
C PHE A 25 21.34 29.79 2.90
N PHE A 26 21.53 31.09 3.08
CA PHE A 26 22.84 31.73 3.04
C PHE A 26 23.18 32.25 4.42
N VAL A 27 24.12 31.60 5.10
CA VAL A 27 24.51 32.03 6.46
C VAL A 27 25.96 32.51 6.46
N PRO A 28 26.24 33.69 5.91
CA PRO A 28 27.63 34.16 5.83
C PRO A 28 28.24 34.27 7.21
N SER A 29 29.54 33.97 7.31
CA SER A 29 30.27 34.10 8.56
C SER A 29 30.70 35.53 8.86
N ALA A 30 30.69 36.43 7.87
CA ALA A 30 31.06 37.82 8.04
C ALA A 30 29.85 38.74 8.22
N SER A 31 28.72 38.21 8.69
CA SER A 31 27.51 38.99 8.87
C SER A 31 26.58 38.27 9.83
N SER A 32 25.94 39.04 10.71
CA SER A 32 24.95 38.46 11.60
C SER A 32 23.60 38.27 10.92
N ARG A 33 23.46 38.77 9.68
CA ARG A 33 22.26 38.55 8.89
C ARG A 33 22.30 37.18 8.22
N MET A 34 21.17 36.82 7.61
CA MET A 34 21.00 35.58 6.86
C MET A 34 20.10 35.86 5.66
N PHE A 35 20.22 35.03 4.64
CA PHE A 35 19.58 35.31 3.35
C PHE A 35 18.97 34.04 2.77
N LEU A 36 18.07 34.25 1.81
CA LEU A 36 17.42 33.17 1.08
C LEU A 36 18.07 33.07 -0.29
N LEU A 37 18.58 31.90 -0.64
CA LEU A 37 19.04 31.63 -1.99
C LEU A 37 17.95 30.90 -2.77
N VAL A 38 17.58 31.43 -3.93
CA VAL A 38 16.57 30.82 -4.77
C VAL A 38 17.04 30.83 -6.22
N GLY A 39 17.04 29.66 -6.86
CA GLY A 39 17.40 29.58 -8.26
C GLY A 39 16.22 29.82 -9.18
N ALA A 40 16.51 30.46 -10.32
CA ALA A 40 15.52 30.66 -11.38
C ALA A 40 16.12 30.21 -12.71
N PRO A 41 16.19 28.89 -12.96
CA PRO A 41 16.98 28.38 -14.09
C PRO A 41 16.50 28.81 -15.47
N LYS A 42 15.40 29.57 -15.52
CA LYS A 42 14.92 30.09 -16.80
C LYS A 42 14.86 31.62 -16.81
N ALA A 43 15.32 32.29 -15.76
CA ALA A 43 15.42 33.75 -15.75
C ALA A 43 16.33 34.27 -16.87
N ASN A 44 15.96 35.42 -17.44
CA ASN A 44 16.78 36.06 -18.47
C ASN A 44 17.88 36.90 -17.84
N THR A 45 18.99 37.05 -18.56
CA THR A 45 20.18 37.72 -18.03
C THR A 45 20.65 38.81 -18.97
N THR A 46 21.50 39.68 -18.43
CA THR A 46 22.19 40.69 -19.22
C THR A 46 23.35 40.14 -20.02
N GLN A 47 23.61 38.84 -19.93
CA GLN A 47 24.69 38.20 -20.68
C GLN A 47 24.41 38.32 -22.18
N PRO A 48 25.34 38.86 -22.96
CA PRO A 48 25.08 39.09 -24.40
C PRO A 48 24.93 37.77 -25.16
N GLY A 49 23.89 37.70 -25.99
CA GLY A 49 23.59 36.52 -26.79
C GLY A 49 22.96 35.35 -26.05
N ILE A 50 22.70 35.48 -24.75
CA ILE A 50 22.25 34.36 -23.91
C ILE A 50 20.76 34.52 -23.63
N VAL A 51 19.93 33.73 -24.30
CA VAL A 51 18.50 33.68 -24.01
C VAL A 51 18.27 32.66 -22.89
N GLU A 52 17.62 33.10 -21.82
CA GLU A 52 17.25 32.27 -20.67
C GLU A 52 18.46 31.57 -20.05
N GLY A 53 19.45 32.38 -19.66
CA GLY A 53 20.61 31.82 -18.99
C GLY A 53 20.37 31.42 -17.56
N GLY A 54 19.45 32.07 -16.88
CA GLY A 54 19.16 31.66 -15.52
C GLY A 54 19.99 32.41 -14.50
N GLN A 55 19.42 32.57 -13.30
CA GLN A 55 20.07 33.33 -12.25
C GLN A 55 19.98 32.56 -10.94
N VAL A 56 20.68 33.09 -9.93
CA VAL A 56 20.51 32.68 -8.55
C VAL A 56 20.36 33.97 -7.74
N LEU A 57 19.20 34.17 -7.13
CA LEU A 57 18.93 35.39 -6.39
C LEU A 57 19.12 35.15 -4.91
N LYS A 58 19.73 36.11 -4.21
CA LYS A 58 19.67 36.15 -2.76
C LYS A 58 18.60 37.15 -2.36
N CYS A 59 17.83 36.80 -1.34
CA CYS A 59 16.65 37.54 -0.94
C CYS A 59 16.80 38.03 0.50
N ASP A 60 16.65 39.33 0.70
CA ASP A 60 16.77 39.91 2.02
C ASP A 60 15.57 39.47 2.85
N TRP A 61 15.83 38.88 4.02
CA TRP A 61 14.75 38.48 4.90
C TRP A 61 14.29 39.60 5.84
N SER A 62 15.13 40.62 6.07
CA SER A 62 14.80 41.73 6.95
C SER A 62 13.36 42.21 6.77
N SER A 63 13.05 42.69 5.57
CA SER A 63 11.70 43.08 5.19
C SER A 63 11.72 43.34 3.68
N THR A 64 10.55 43.74 3.16
CA THR A 64 10.35 44.21 1.79
C THR A 64 10.60 43.11 0.76
N ARG A 65 11.05 41.94 1.21
CA ARG A 65 11.17 40.73 0.39
C ARG A 65 11.92 41.02 -0.92
N ARG A 66 13.05 41.71 -0.80
CA ARG A 66 13.83 42.08 -1.97
C ARG A 66 14.71 40.91 -2.41
N CYS A 67 14.56 40.50 -3.67
CA CYS A 67 15.41 39.47 -4.29
C CYS A 67 16.25 40.11 -5.38
N GLN A 68 17.56 39.92 -5.28
CA GLN A 68 18.51 40.49 -6.23
C GLN A 68 19.46 39.43 -6.77
N PRO A 69 19.74 39.42 -8.07
CA PRO A 69 20.61 38.39 -8.64
C PRO A 69 22.02 38.47 -8.10
N ILE A 70 22.56 37.32 -7.75
CA ILE A 70 23.99 37.17 -7.52
C ILE A 70 24.69 37.09 -8.88
N GLU A 71 25.78 37.84 -9.03
CA GLU A 71 26.51 37.89 -10.29
C GLU A 71 27.62 36.84 -10.22
N PHE A 72 27.35 35.67 -10.79
CA PHE A 72 28.40 34.67 -10.92
C PHE A 72 29.18 34.88 -12.22
N ASP A 73 28.48 35.23 -13.30
CA ASP A 73 29.09 35.32 -14.63
C ASP A 73 28.27 36.26 -15.50
N ALA A 74 28.87 37.37 -15.89
CA ALA A 74 28.20 38.34 -16.72
C ALA A 74 28.57 38.21 -18.19
N THR A 75 29.48 37.29 -18.52
CA THR A 75 30.04 37.15 -19.86
C THR A 75 29.11 36.29 -20.72
N GLY A 76 29.23 36.46 -22.05
CA GLY A 76 28.53 35.61 -22.99
C GLY A 76 29.29 34.32 -23.26
N ASN A 77 29.25 33.84 -24.51
CA ASN A 77 29.89 32.58 -24.88
C ASN A 77 31.34 32.78 -25.31
N ARG A 78 32.25 31.99 -24.74
CA ARG A 78 33.63 31.99 -25.20
C ARG A 78 33.72 31.38 -26.59
N ASP A 79 34.78 31.74 -27.32
CA ASP A 79 34.92 31.34 -28.72
C ASP A 79 36.07 30.38 -28.93
N TYR A 80 35.84 29.41 -29.82
CA TYR A 80 36.85 28.47 -30.26
C TYR A 80 37.61 28.96 -31.50
N ALA A 81 36.97 29.76 -32.33
CA ALA A 81 37.59 30.34 -33.52
C ALA A 81 36.94 31.70 -33.76
N LYS A 82 37.07 32.22 -34.99
CA LYS A 82 36.50 33.53 -35.30
C LYS A 82 34.99 33.55 -35.03
N ASP A 83 34.23 32.73 -35.77
CA ASP A 83 32.79 32.59 -35.50
C ASP A 83 32.48 31.11 -35.34
N ASP A 84 32.76 30.59 -34.15
CA ASP A 84 32.66 29.18 -33.81
C ASP A 84 32.67 29.08 -32.29
N PRO A 85 31.55 29.35 -31.63
CA PRO A 85 31.52 29.38 -30.17
C PRO A 85 32.02 28.08 -29.55
N LEU A 86 32.75 28.23 -28.45
CA LEU A 86 33.20 27.06 -27.72
C LEU A 86 32.11 26.52 -26.81
N GLU A 87 31.27 27.40 -26.26
CA GLU A 87 30.24 27.04 -25.31
C GLU A 87 28.94 27.72 -25.70
N PHE A 88 27.84 27.14 -25.19
CA PHE A 88 26.49 27.65 -25.44
C PHE A 88 25.78 27.75 -24.11
N LYS A 89 25.58 28.97 -23.62
CA LYS A 89 24.97 29.18 -22.32
C LYS A 89 23.46 29.42 -22.41
N SER A 90 22.95 29.70 -23.60
CA SER A 90 21.52 29.90 -23.77
C SER A 90 20.77 28.62 -23.38
N HIS A 91 19.80 28.76 -22.50
CA HIS A 91 18.94 27.66 -22.04
C HIS A 91 19.72 26.61 -21.24
N GLN A 92 20.68 27.06 -20.43
CA GLN A 92 21.56 26.18 -19.68
C GLN A 92 21.02 25.81 -18.29
N TRP A 93 19.88 26.35 -17.89
CA TRP A 93 19.30 26.07 -16.57
C TRP A 93 20.31 26.34 -15.46
N PHE A 94 20.97 27.50 -15.52
CA PHE A 94 21.87 27.88 -14.43
C PHE A 94 21.04 28.22 -13.19
N GLY A 95 21.29 27.51 -12.11
CA GLY A 95 20.53 27.72 -10.89
C GLY A 95 19.59 26.60 -10.52
N ALA A 96 19.46 25.57 -11.37
CA ALA A 96 18.65 24.42 -11.00
C ALA A 96 19.24 23.66 -9.82
N SER A 97 20.50 23.91 -9.48
CA SER A 97 21.09 23.40 -8.24
C SER A 97 21.72 24.58 -7.50
N VAL A 98 21.42 24.70 -6.21
CA VAL A 98 22.02 25.73 -5.39
C VAL A 98 22.31 25.13 -4.04
N ARG A 99 23.58 25.19 -3.64
CA ARG A 99 23.98 24.79 -2.29
C ARG A 99 24.91 25.85 -1.72
N SER A 100 24.91 25.94 -0.38
CA SER A 100 25.66 26.96 0.33
C SER A 100 26.22 26.36 1.61
N LYS A 101 27.54 26.33 1.72
CA LYS A 101 28.24 26.21 3.00
C LYS A 101 28.40 27.62 3.54
N GLN A 102 29.27 27.79 4.54
CA GLN A 102 29.28 29.05 5.28
C GLN A 102 29.29 30.25 4.35
N ASP A 103 30.35 30.43 3.58
CA ASP A 103 30.42 31.56 2.68
C ASP A 103 30.42 31.15 1.22
N LYS A 104 30.63 29.87 0.92
CA LYS A 104 30.69 29.38 -0.44
C LYS A 104 29.28 29.20 -0.97
N ILE A 105 29.05 29.65 -2.20
CA ILE A 105 27.77 29.46 -2.87
C ILE A 105 28.04 28.73 -4.18
N LEU A 106 27.68 27.47 -4.23
CA LEU A 106 27.85 26.63 -5.41
C LEU A 106 26.53 26.59 -6.17
N ALA A 107 26.53 27.14 -7.40
CA ALA A 107 25.40 27.06 -8.30
C ALA A 107 25.82 26.36 -9.58
N CYS A 108 24.88 25.64 -10.20
CA CYS A 108 25.21 24.82 -11.36
C CYS A 108 24.23 25.08 -12.50
N ALA A 109 24.69 24.72 -13.70
CA ALA A 109 23.93 24.89 -14.94
C ALA A 109 23.95 23.55 -15.65
N PRO A 110 23.01 22.66 -15.35
CA PRO A 110 23.14 21.28 -15.86
C PRO A 110 22.87 21.15 -17.34
N LEU A 111 22.15 22.07 -17.97
CA LEU A 111 21.93 22.00 -19.41
C LEU A 111 22.97 22.77 -20.20
N TYR A 112 24.02 23.28 -19.55
CA TYR A 112 25.08 24.03 -20.23
C TYR A 112 25.73 23.17 -21.30
N HIS A 113 25.75 23.67 -22.53
CA HIS A 113 26.26 22.90 -23.68
C HIS A 113 27.66 23.36 -24.07
N TRP A 114 28.36 22.49 -24.78
CA TRP A 114 29.78 22.68 -25.03
C TRP A 114 30.16 22.14 -26.41
N ARG A 115 30.91 22.92 -27.16
CA ARG A 115 31.48 22.50 -28.43
C ARG A 115 32.87 21.99 -28.15
N THR A 116 33.07 20.68 -28.24
CA THR A 116 34.36 20.11 -27.87
C THR A 116 35.51 20.82 -28.60
N GLU A 117 36.73 20.68 -28.10
CA GLU A 117 37.89 21.15 -28.85
C GLU A 117 38.30 20.23 -29.98
N MET A 118 37.46 19.28 -30.37
CA MET A 118 37.81 18.30 -31.38
C MET A 118 36.93 18.38 -32.62
N LYS A 119 35.62 18.32 -32.46
CA LYS A 119 34.69 18.41 -33.58
C LYS A 119 33.54 19.33 -33.16
N GLN A 120 32.93 20.00 -34.13
CA GLN A 120 31.83 20.90 -33.83
C GLN A 120 30.66 20.12 -33.22
N GLU A 121 30.40 20.31 -31.94
CA GLU A 121 29.35 19.57 -31.22
C GLU A 121 28.64 20.51 -30.26
N ARG A 122 27.58 19.98 -29.63
CA ARG A 122 26.86 20.68 -28.55
C ARG A 122 26.55 19.62 -27.49
N GLU A 123 27.47 19.47 -26.54
CA GLU A 123 27.38 18.40 -25.58
C GLU A 123 27.05 18.97 -24.23
N PRO A 124 25.97 18.56 -23.62
CA PRO A 124 25.54 19.11 -22.32
C PRO A 124 26.37 18.52 -21.18
N VAL A 125 27.61 19.01 -21.06
CA VAL A 125 28.47 18.55 -19.97
C VAL A 125 28.05 19.19 -18.66
N GLY A 126 27.46 20.38 -18.72
CA GLY A 126 27.07 21.10 -17.53
C GLY A 126 28.24 21.72 -16.81
N THR A 127 28.03 22.91 -16.25
CA THR A 127 29.05 23.64 -15.52
C THR A 127 28.53 24.07 -14.15
N CYS A 128 29.44 24.55 -13.32
CA CYS A 128 29.05 25.11 -12.03
C CYS A 128 29.85 26.39 -11.77
N PHE A 129 29.55 27.03 -10.65
CA PHE A 129 30.23 28.26 -10.28
C PHE A 129 30.27 28.33 -8.76
N LEU A 130 31.48 28.41 -8.20
CA LEU A 130 31.67 28.51 -6.76
C LEU A 130 32.09 29.93 -6.43
N GLN A 131 31.27 30.62 -5.64
CA GLN A 131 31.53 32.01 -5.25
C GLN A 131 31.87 32.06 -3.78
N ASP A 132 32.95 32.76 -3.45
CA ASP A 132 33.37 32.99 -2.08
C ASP A 132 33.32 34.48 -1.73
N GLY A 133 32.26 35.16 -2.16
CA GLY A 133 32.05 36.57 -1.93
C GLY A 133 32.77 37.46 -2.90
N THR A 134 34.11 37.36 -2.91
CA THR A 134 34.94 38.14 -3.81
C THR A 134 35.32 37.32 -5.05
N LYS A 135 35.97 36.17 -4.84
CA LYS A 135 36.43 35.34 -5.94
C LYS A 135 35.32 34.45 -6.46
N THR A 136 35.29 34.30 -7.78
CA THR A 136 34.31 33.43 -8.44
C THR A 136 35.05 32.53 -9.42
N VAL A 137 34.98 31.23 -9.18
CA VAL A 137 35.64 30.24 -10.01
C VAL A 137 34.58 29.46 -10.80
N GLU A 138 35.04 28.63 -11.74
CA GLU A 138 34.17 27.75 -12.51
C GLU A 138 34.59 26.31 -12.27
N TYR A 139 33.62 25.46 -11.93
CA TYR A 139 33.82 24.05 -11.62
C TYR A 139 33.05 23.24 -12.64
N ALA A 140 33.75 22.57 -13.55
CA ALA A 140 33.12 21.82 -14.64
C ALA A 140 33.82 20.49 -14.80
N PRO A 141 33.78 19.65 -13.77
CA PRO A 141 34.57 18.41 -13.83
C PRO A 141 34.16 17.47 -14.95
N CYS A 142 33.07 17.73 -15.65
CA CYS A 142 32.66 16.90 -16.76
C CYS A 142 33.02 17.49 -18.12
N ARG A 143 33.82 18.56 -18.14
CA ARG A 143 34.29 19.14 -19.38
C ARG A 143 35.69 18.64 -19.73
N SER A 144 35.97 17.36 -19.44
CA SER A 144 37.29 16.79 -19.66
C SER A 144 37.54 16.60 -21.16
N GLN A 145 38.64 15.93 -21.49
CA GLN A 145 38.89 15.51 -22.85
C GLN A 145 38.19 14.20 -23.19
N ASP A 146 37.67 13.49 -22.19
CA ASP A 146 36.77 12.34 -22.37
C ASP A 146 35.41 12.83 -22.82
N ILE A 147 35.17 12.92 -24.12
CA ILE A 147 33.98 13.61 -24.63
C ILE A 147 33.25 12.70 -25.61
N ASP A 148 32.11 12.17 -25.19
CA ASP A 148 31.01 11.76 -26.06
C ASP A 148 29.98 11.11 -25.15
N ALA A 149 28.85 10.64 -25.71
CA ALA A 149 28.03 9.70 -24.95
C ALA A 149 28.88 8.56 -24.41
N ASP A 150 29.88 8.11 -25.19
CA ASP A 150 30.81 7.09 -24.74
C ASP A 150 31.48 7.49 -23.42
N GLY A 151 31.89 8.76 -23.30
CA GLY A 151 32.49 9.26 -22.09
C GLY A 151 31.61 10.22 -21.31
N GLN A 152 32.03 11.48 -21.19
CA GLN A 152 31.37 12.44 -20.32
C GLN A 152 30.63 13.55 -21.08
N GLY A 153 30.47 13.42 -22.40
CA GLY A 153 29.91 14.52 -23.18
C GLY A 153 28.55 14.96 -22.70
N PHE A 154 27.78 14.04 -22.10
CA PHE A 154 26.41 14.33 -21.70
C PHE A 154 26.24 14.20 -20.20
N CYS A 155 27.35 14.35 -19.48
CA CYS A 155 27.36 14.10 -18.04
C CYS A 155 26.32 14.96 -17.32
N GLN A 156 26.13 16.19 -17.79
CA GLN A 156 25.21 17.13 -17.17
C GLN A 156 25.52 17.28 -15.69
N GLY A 157 26.79 17.58 -15.41
CA GLY A 157 27.24 17.66 -14.02
C GLY A 157 26.70 18.89 -13.34
N GLY A 158 26.39 18.73 -12.06
CA GLY A 158 25.69 19.75 -11.31
C GLY A 158 24.18 19.59 -11.32
N PHE A 159 23.66 18.57 -12.02
CA PHE A 159 22.25 18.20 -11.90
C PHE A 159 21.84 18.10 -10.44
N SER A 160 22.73 17.57 -9.59
CA SER A 160 22.51 17.54 -8.15
C SER A 160 23.84 17.76 -7.45
N ILE A 161 23.85 18.57 -6.37
CA ILE A 161 25.10 18.91 -5.69
C ILE A 161 24.89 18.95 -4.20
N ASP A 162 25.99 18.84 -3.46
CA ASP A 162 25.91 18.90 -2.00
C ASP A 162 27.32 19.15 -1.45
N PHE A 163 27.39 19.70 -0.23
CA PHE A 163 28.67 19.89 0.46
C PHE A 163 28.85 18.83 1.55
N THR A 164 30.09 18.61 1.97
CA THR A 164 30.35 17.78 3.14
C THR A 164 30.87 18.65 4.28
N LYS A 165 31.12 18.00 5.42
CA LYS A 165 31.53 18.75 6.61
C LYS A 165 32.92 19.36 6.42
N ALA A 166 33.81 18.65 5.72
CA ALA A 166 35.20 19.06 5.53
C ALA A 166 35.42 19.90 4.26
N ASP A 167 34.39 20.62 3.81
CA ASP A 167 34.42 21.39 2.56
C ASP A 167 34.86 20.54 1.37
N ARG A 168 34.20 19.41 1.21
CA ARG A 168 34.26 18.62 -0.01
C ARG A 168 32.95 18.82 -0.75
N VAL A 169 33.04 19.00 -2.06
CA VAL A 169 31.83 19.11 -2.87
C VAL A 169 31.51 17.73 -3.45
N LEU A 170 30.24 17.36 -3.36
CA LEU A 170 29.73 16.16 -4.03
C LEU A 170 28.88 16.64 -5.21
N LEU A 171 29.18 16.14 -6.39
CA LEU A 171 28.50 16.57 -7.61
C LEU A 171 28.01 15.34 -8.35
N GLY A 172 26.77 15.37 -8.83
CA GLY A 172 26.22 14.28 -9.60
C GLY A 172 25.98 14.70 -11.04
N GLY A 173 26.20 13.76 -11.96
CA GLY A 173 25.83 13.96 -13.34
C GLY A 173 25.34 12.66 -13.96
N PRO A 174 24.09 12.65 -14.39
CA PRO A 174 23.46 11.39 -14.78
C PRO A 174 23.66 11.00 -16.23
N GLY A 175 24.49 11.71 -16.98
CA GLY A 175 24.66 11.40 -18.38
C GLY A 175 25.99 10.80 -18.78
N SER A 176 26.91 10.61 -17.86
CA SER A 176 28.21 10.05 -18.21
C SER A 176 28.05 8.60 -18.62
N PHE A 177 28.87 8.19 -19.58
CA PHE A 177 29.03 6.78 -19.94
C PHE A 177 27.68 6.20 -20.37
N TYR A 178 27.13 6.78 -21.44
CA TYR A 178 25.86 6.35 -22.01
C TYR A 178 24.80 6.32 -20.91
N TRP A 179 24.77 7.42 -20.15
CA TRP A 179 23.76 7.67 -19.12
C TRP A 179 23.83 6.66 -17.99
N GLN A 180 25.00 6.05 -17.78
CA GLN A 180 25.21 5.31 -16.55
C GLN A 180 25.12 6.23 -15.33
N GLY A 181 25.56 7.47 -15.48
CA GLY A 181 25.66 8.39 -14.37
C GLY A 181 27.05 8.39 -13.76
N GLN A 182 27.34 9.43 -12.98
CA GLN A 182 28.68 9.61 -12.43
C GLN A 182 28.60 10.47 -11.18
N LEU A 183 29.42 10.15 -10.19
CA LEU A 183 29.63 11.01 -9.03
C LEU A 183 31.05 11.55 -9.09
N ILE A 184 31.20 12.85 -8.83
CA ILE A 184 32.51 13.49 -8.82
C ILE A 184 32.58 14.34 -7.55
N SER A 185 33.63 14.12 -6.75
CA SER A 185 33.84 14.87 -5.51
C SER A 185 35.19 15.57 -5.57
N ASP A 186 35.20 16.85 -5.15
CA ASP A 186 36.42 17.64 -5.15
C ASP A 186 36.46 18.51 -3.92
N GLN A 187 37.64 18.63 -3.30
CA GLN A 187 37.83 19.58 -2.21
C GLN A 187 37.56 21.00 -2.71
N VAL A 188 37.01 21.83 -1.83
CA VAL A 188 36.70 23.19 -2.24
C VAL A 188 37.98 23.96 -2.50
N ALA A 189 39.01 23.73 -1.67
CA ALA A 189 40.27 24.45 -1.81
C ALA A 189 40.93 24.17 -3.15
N GLU A 190 40.90 22.91 -3.59
CA GLU A 190 41.46 22.58 -4.89
C GLU A 190 40.67 23.26 -6.02
N ILE A 191 39.36 23.45 -5.83
CA ILE A 191 38.55 24.04 -6.89
C ILE A 191 38.98 25.48 -7.14
N VAL A 192 39.30 26.21 -6.09
CA VAL A 192 39.70 27.59 -6.23
C VAL A 192 41.21 27.73 -6.48
N SER A 193 42.04 26.89 -5.85
CA SER A 193 43.49 26.97 -6.02
C SER A 193 43.95 26.51 -7.40
N LYS A 194 43.17 25.67 -8.08
CA LYS A 194 43.52 25.17 -9.41
C LYS A 194 42.81 25.93 -10.53
N TYR A 195 41.93 26.89 -10.22
CA TYR A 195 41.17 27.55 -11.27
C TYR A 195 42.12 28.34 -12.18
N ASP A 196 41.93 28.19 -13.49
CA ASP A 196 42.76 28.82 -14.51
C ASP A 196 41.86 29.23 -15.67
N PRO A 197 41.51 30.52 -15.77
CA PRO A 197 40.52 30.95 -16.79
C PRO A 197 40.91 30.68 -18.23
N ASN A 198 42.19 30.43 -18.50
CA ASN A 198 42.66 30.09 -19.84
C ASN A 198 42.64 28.59 -20.12
N VAL A 199 42.38 27.78 -19.10
CA VAL A 199 42.31 26.31 -19.22
C VAL A 199 40.86 25.89 -19.09
N TYR A 200 40.37 25.13 -20.06
CA TYR A 200 38.97 24.72 -20.07
C TYR A 200 38.75 23.38 -19.36
N SER A 201 39.73 22.48 -19.43
CA SER A 201 39.64 21.16 -18.79
C SER A 201 40.69 21.13 -17.69
N ILE A 202 40.27 21.32 -16.44
CA ILE A 202 41.18 21.43 -15.30
C ILE A 202 41.16 20.11 -14.54
N LYS A 203 42.35 19.62 -14.19
CA LYS A 203 42.50 18.45 -13.33
C LYS A 203 42.72 18.91 -11.90
N TYR A 204 41.93 18.37 -10.99
CA TYR A 204 42.03 18.68 -9.56
C TYR A 204 42.68 17.49 -8.86
N ASN A 205 43.69 17.76 -8.04
CA ASN A 205 44.24 16.70 -7.22
C ASN A 205 43.24 16.35 -6.13
N ASN A 206 43.37 15.13 -5.61
CA ASN A 206 42.47 14.55 -4.61
C ASN A 206 41.03 14.43 -5.12
N GLN A 207 40.84 14.34 -6.43
CA GLN A 207 39.50 14.14 -6.97
C GLN A 207 39.06 12.70 -6.77
N LEU A 208 37.85 12.53 -6.25
CA LEU A 208 37.18 11.24 -6.19
C LEU A 208 36.11 11.19 -7.29
N ALA A 209 36.03 10.06 -7.99
CA ALA A 209 35.08 9.96 -9.08
C ALA A 209 34.80 8.50 -9.40
N THR A 210 33.55 8.21 -9.76
CA THR A 210 33.21 6.89 -10.25
C THR A 210 33.65 6.79 -11.71
N ARG A 211 33.85 5.55 -12.16
CA ARG A 211 34.36 5.26 -13.49
C ARG A 211 33.29 4.54 -14.29
N THR A 212 33.41 4.58 -15.61
CA THR A 212 32.49 3.84 -16.48
C THR A 212 32.49 2.36 -16.13
N ALA A 213 31.35 1.70 -16.34
CA ALA A 213 31.22 0.27 -16.07
C ALA A 213 30.77 -0.44 -17.35
N GLN A 214 30.37 -1.70 -17.20
CA GLN A 214 29.89 -2.50 -18.31
C GLN A 214 28.64 -1.85 -18.93
N ALA A 215 28.40 -2.13 -20.21
CA ALA A 215 27.28 -1.52 -20.92
C ALA A 215 25.92 -1.92 -20.36
N ILE A 216 25.86 -2.92 -19.48
CA ILE A 216 24.59 -3.35 -18.90
C ILE A 216 24.02 -2.24 -18.01
N PHE A 217 24.89 -1.39 -17.47
CA PHE A 217 24.50 -0.31 -16.57
C PHE A 217 24.11 0.97 -17.29
N ASP A 218 24.11 0.99 -18.63
CA ASP A 218 23.75 2.20 -19.34
C ASP A 218 22.32 2.64 -18.99
N ASP A 219 22.10 3.96 -19.04
CA ASP A 219 20.78 4.54 -18.80
C ASP A 219 20.27 4.26 -17.38
N SER A 220 21.15 4.45 -16.39
CA SER A 220 20.75 4.32 -14.99
C SER A 220 20.58 5.65 -14.27
N TYR A 221 21.25 6.70 -14.73
CA TYR A 221 21.04 8.06 -14.24
C TYR A 221 21.55 8.21 -12.81
N LEU A 222 22.68 7.57 -12.51
CA LEU A 222 23.38 7.82 -11.25
C LEU A 222 23.72 9.31 -11.14
N GLY A 223 23.43 9.90 -9.99
CA GLY A 223 23.61 11.32 -9.79
C GLY A 223 22.39 12.17 -10.05
N TYR A 224 21.23 11.55 -10.29
CA TYR A 224 19.96 12.28 -10.29
C TYR A 224 19.77 13.04 -8.99
N SER A 225 20.14 12.42 -7.87
CA SER A 225 20.05 13.04 -6.56
C SER A 225 21.28 12.69 -5.75
N VAL A 226 21.65 13.57 -4.83
CA VAL A 226 22.79 13.33 -3.94
C VAL A 226 22.47 13.79 -2.52
N ALA A 227 23.05 13.10 -1.54
CA ALA A 227 22.99 13.54 -0.16
C ALA A 227 24.23 13.01 0.56
N VAL A 228 24.53 13.59 1.72
CA VAL A 228 25.78 13.24 2.39
C VAL A 228 25.49 12.86 3.83
N GLY A 229 26.33 11.98 4.36
CA GLY A 229 26.16 11.50 5.71
C GLY A 229 27.18 10.40 5.96
N ASP A 230 27.50 10.21 7.23
CA ASP A 230 28.51 9.25 7.59
C ASP A 230 27.86 7.91 7.90
N PHE A 231 28.23 6.86 7.15
CA PHE A 231 27.72 5.50 7.35
C PHE A 231 28.83 4.50 7.63
N ASN A 232 29.98 4.97 8.12
CA ASN A 232 31.14 4.14 8.43
C ASN A 232 31.67 4.53 9.80
N GLY A 233 32.87 4.05 10.18
CA GLY A 233 33.44 4.48 11.44
C GLY A 233 33.90 5.93 11.43
N ASP A 234 34.56 6.35 10.34
CA ASP A 234 35.24 7.63 10.30
C ASP A 234 34.27 8.78 10.56
N GLY A 235 34.82 9.96 10.82
CA GLY A 235 33.96 11.11 10.89
C GLY A 235 33.62 11.72 9.56
N ILE A 236 34.23 11.21 8.49
CA ILE A 236 34.13 11.79 7.16
C ILE A 236 32.78 11.44 6.57
N ASP A 237 32.09 12.44 6.01
CA ASP A 237 30.81 12.22 5.33
C ASP A 237 31.00 11.33 4.10
N ASP A 238 30.06 10.41 3.91
CA ASP A 238 30.07 9.48 2.78
C ASP A 238 28.95 9.84 1.81
N PHE A 239 29.06 9.31 0.59
CA PHE A 239 28.28 9.81 -0.54
C PHE A 239 27.04 8.95 -0.81
N VAL A 240 25.86 9.57 -0.76
CA VAL A 240 24.59 8.91 -1.07
C VAL A 240 24.05 9.50 -2.36
N SER A 241 23.71 8.64 -3.32
CA SER A 241 23.17 9.13 -4.57
C SER A 241 22.04 8.24 -5.06
N GLY A 242 21.10 8.87 -5.75
CA GLY A 242 19.94 8.18 -6.27
C GLY A 242 20.18 7.80 -7.71
N VAL A 243 19.88 6.54 -8.04
CA VAL A 243 20.04 6.09 -9.42
C VAL A 243 18.74 5.40 -9.81
N PRO A 244 17.77 6.17 -10.30
CA PRO A 244 16.38 5.68 -10.39
C PRO A 244 16.02 4.87 -11.62
N ARG A 245 16.86 4.84 -12.64
CA ARG A 245 16.65 3.94 -13.77
C ARG A 245 17.44 2.65 -13.64
N ALA A 246 18.28 2.53 -12.62
CA ALA A 246 19.07 1.33 -12.44
C ALA A 246 18.18 0.11 -12.29
N ALA A 247 18.81 -1.07 -12.38
CA ALA A 247 18.23 -2.35 -12.01
C ALA A 247 16.89 -2.57 -12.71
N ARG A 248 16.95 -2.65 -14.04
CA ARG A 248 15.80 -2.95 -14.89
C ARG A 248 14.61 -2.03 -14.59
N THR A 249 14.91 -0.80 -14.16
CA THR A 249 13.96 0.28 -13.81
C THR A 249 13.38 0.12 -12.41
N LEU A 250 13.84 -0.85 -11.62
CA LEU A 250 13.48 -0.86 -10.20
C LEU A 250 14.01 0.37 -9.49
N GLY A 251 15.17 0.86 -9.90
CA GLY A 251 15.82 1.98 -9.23
C GLY A 251 16.64 1.50 -8.05
N MET A 252 17.73 2.22 -7.79
CA MET A 252 18.65 1.85 -6.74
C MET A 252 19.19 3.13 -6.11
N VAL A 253 19.92 2.98 -5.01
CA VAL A 253 20.56 4.09 -4.31
C VAL A 253 21.96 3.63 -3.91
N TYR A 254 22.99 4.29 -4.46
CA TYR A 254 24.37 3.91 -4.19
C TYR A 254 24.90 4.75 -3.03
N ILE A 255 25.57 4.10 -2.08
CA ILE A 255 26.29 4.79 -1.01
C ILE A 255 27.79 4.54 -1.20
N TYR A 256 28.54 5.61 -1.44
CA TYR A 256 29.99 5.54 -1.64
C TYR A 256 30.71 6.10 -0.41
N ASP A 257 31.91 5.60 -0.18
CA ASP A 257 32.76 6.08 0.90
C ASP A 257 33.22 7.50 0.61
N GLY A 258 33.45 8.27 1.68
CA GLY A 258 33.96 9.62 1.54
C GLY A 258 35.45 9.72 1.35
N LYS A 259 36.21 8.68 1.73
CA LYS A 259 37.66 8.73 1.62
C LYS A 259 38.12 8.42 0.20
N ASN A 260 37.59 7.33 -0.40
CA ASN A 260 38.16 6.86 -1.65
C ASN A 260 37.12 6.39 -2.67
N MET A 261 35.86 6.84 -2.54
CA MET A 261 34.80 6.51 -3.49
C MET A 261 34.58 4.99 -3.59
N SER A 262 34.81 4.29 -2.48
CA SER A 262 34.57 2.87 -2.41
C SER A 262 33.07 2.59 -2.26
N SER A 263 32.60 1.49 -2.85
CA SER A 263 31.20 1.12 -2.67
C SER A 263 30.97 0.63 -1.25
N LEU A 264 29.87 1.06 -0.64
CA LEU A 264 29.53 0.70 0.73
C LEU A 264 28.22 -0.08 0.82
N TYR A 265 27.10 0.48 0.36
CA TYR A 265 25.79 -0.15 0.53
C TYR A 265 24.92 0.15 -0.68
N ASN A 266 23.87 -0.65 -0.81
CA ASN A 266 22.99 -0.55 -1.95
C ASN A 266 21.56 -0.74 -1.49
N PHE A 267 20.69 0.12 -1.99
CA PHE A 267 19.26 -0.03 -1.80
C PHE A 267 18.62 -0.26 -3.17
N THR A 268 17.69 -1.20 -3.25
CA THR A 268 17.06 -1.52 -4.53
C THR A 268 15.56 -1.34 -4.38
N GLY A 269 14.95 -0.65 -5.34
CA GLY A 269 13.52 -0.42 -5.31
C GLY A 269 12.74 -1.71 -5.36
N GLU A 270 11.44 -1.60 -5.09
CA GLU A 270 10.56 -2.76 -5.07
C GLU A 270 9.62 -2.80 -6.27
N GLN A 271 9.59 -1.74 -7.08
CA GLN A 271 8.57 -1.63 -8.13
C GLN A 271 9.11 -0.80 -9.27
N MET A 272 8.88 -1.30 -10.49
CA MET A 272 9.50 -0.71 -11.68
C MET A 272 8.89 0.66 -11.94
N ALA A 273 9.66 1.50 -12.63
CA ALA A 273 9.16 2.77 -13.14
C ALA A 273 8.72 3.73 -12.06
N ALA A 274 8.87 3.34 -10.79
CA ALA A 274 8.45 4.17 -9.67
C ALA A 274 9.42 5.30 -9.36
N TYR A 275 10.60 5.34 -9.99
CA TYR A 275 11.65 6.31 -9.69
C TYR A 275 12.08 6.27 -8.22
N PHE A 276 12.36 5.06 -7.75
CA PHE A 276 13.07 4.90 -6.48
C PHE A 276 14.42 5.60 -6.59
N GLY A 277 14.64 6.59 -5.73
CA GLY A 277 15.85 7.37 -5.81
C GLY A 277 15.72 8.69 -6.53
N PHE A 278 14.49 9.10 -6.87
CA PHE A 278 14.28 10.46 -7.35
C PHE A 278 14.88 11.47 -6.39
N SER A 279 14.80 11.19 -5.09
CA SER A 279 15.34 12.08 -4.07
C SER A 279 15.93 11.25 -2.94
N VAL A 280 16.96 11.82 -2.30
CA VAL A 280 17.56 11.21 -1.12
C VAL A 280 17.80 12.31 -0.09
N ALA A 281 17.80 11.90 1.18
CA ALA A 281 18.09 12.83 2.25
C ALA A 281 18.74 12.04 3.37
N ALA A 282 19.72 12.63 4.03
CA ALA A 282 20.39 11.98 5.16
C ALA A 282 20.22 12.86 6.40
N THR A 283 19.77 12.25 7.49
CA THR A 283 19.61 12.98 8.74
C THR A 283 19.42 11.94 9.83
N ASP A 284 19.69 12.33 11.08
CA ASP A 284 19.56 11.43 12.23
C ASP A 284 18.19 11.65 12.86
N ILE A 285 17.27 10.72 12.61
CA ILE A 285 15.87 10.94 12.97
C ILE A 285 15.48 10.31 14.31
N ASN A 286 16.28 9.38 14.84
CA ASN A 286 15.98 8.70 16.09
C ASN A 286 16.95 9.06 17.22
N GLY A 287 17.68 10.17 17.08
CA GLY A 287 18.52 10.65 18.16
C GLY A 287 19.58 9.68 18.65
N ASP A 288 20.06 8.78 17.78
CA ASP A 288 21.12 7.83 18.11
C ASP A 288 22.47 8.21 17.48
N ASP A 289 22.61 9.47 17.03
CA ASP A 289 23.86 9.97 16.43
C ASP A 289 24.33 9.11 15.26
N TYR A 290 23.37 8.57 14.51
CA TYR A 290 23.66 7.70 13.37
C TYR A 290 22.78 8.14 12.22
N ALA A 291 23.39 8.55 11.11
CA ALA A 291 22.62 9.14 10.01
C ALA A 291 21.68 8.11 9.39
N ASP A 292 20.47 8.55 9.05
CA ASP A 292 19.44 7.71 8.47
C ASP A 292 19.12 8.14 7.03
N VAL A 293 18.80 7.14 6.18
CA VAL A 293 18.61 7.35 4.75
C VAL A 293 17.12 7.44 4.43
N PHE A 294 16.76 8.41 3.60
CA PHE A 294 15.37 8.63 3.17
C PHE A 294 15.34 8.65 1.65
N ILE A 295 14.73 7.63 1.04
CA ILE A 295 14.67 7.52 -0.41
C ILE A 295 13.23 7.73 -0.87
N GLY A 296 13.05 8.48 -1.95
CA GLY A 296 11.74 8.83 -2.45
C GLY A 296 11.48 8.18 -3.78
N ALA A 297 10.31 7.53 -3.89
CA ALA A 297 9.80 6.97 -5.14
C ALA A 297 8.43 7.59 -5.38
N PRO A 298 8.37 8.69 -6.10
CA PRO A 298 7.12 9.47 -6.18
C PRO A 298 6.07 8.88 -7.11
N LEU A 299 6.45 8.00 -8.03
CA LEU A 299 5.51 7.33 -8.91
C LEU A 299 5.15 5.93 -8.41
N PHE A 300 5.39 5.63 -7.14
CA PHE A 300 5.09 4.32 -6.60
C PHE A 300 3.60 4.04 -6.64
N MET A 301 3.26 2.84 -7.08
CA MET A 301 1.88 2.38 -7.13
C MET A 301 1.72 1.35 -6.02
N ASP A 302 0.88 1.66 -5.04
CA ASP A 302 0.57 0.70 -4.00
C ASP A 302 -0.83 0.18 -4.25
N ARG A 303 -1.32 -0.64 -3.34
CA ARG A 303 -2.64 -1.26 -3.45
C ARG A 303 -3.66 -0.47 -2.65
N GLY A 304 -4.71 0.00 -3.32
CA GLY A 304 -5.79 0.71 -2.67
C GLY A 304 -6.65 -0.20 -1.81
N SER A 305 -7.77 0.37 -1.33
CA SER A 305 -8.68 -0.38 -0.47
C SER A 305 -9.29 -1.57 -1.21
N ASP A 306 -9.43 -1.45 -2.53
CA ASP A 306 -10.02 -2.48 -3.37
C ASP A 306 -8.98 -3.38 -4.03
N GLY A 307 -7.71 -3.20 -3.73
CA GLY A 307 -6.66 -3.99 -4.35
C GLY A 307 -6.20 -3.50 -5.69
N LYS A 308 -6.56 -2.27 -6.06
CA LYS A 308 -6.26 -1.69 -7.36
C LYS A 308 -5.04 -0.78 -7.25
N LEU A 309 -4.13 -0.88 -8.23
CA LEU A 309 -2.95 -0.04 -8.22
C LEU A 309 -3.34 1.43 -8.30
N GLN A 310 -2.70 2.23 -7.47
CA GLN A 310 -2.86 3.69 -7.50
C GLN A 310 -1.50 4.35 -7.29
N GLU A 311 -1.20 5.35 -8.12
CA GLU A 311 0.07 6.07 -8.02
C GLU A 311 -0.03 7.05 -6.89
N VAL A 312 0.55 6.71 -5.74
CA VAL A 312 0.49 7.61 -4.58
C VAL A 312 1.89 8.07 -4.21
N GLY A 313 2.89 7.23 -4.46
CA GLY A 313 4.27 7.54 -4.13
C GLY A 313 4.66 6.96 -2.79
N GLN A 314 5.94 6.67 -2.63
CA GLN A 314 6.43 5.99 -1.44
C GLN A 314 7.79 6.53 -1.02
N VAL A 315 7.96 6.83 0.26
CA VAL A 315 9.23 7.24 0.84
C VAL A 315 9.75 6.13 1.74
N SER A 316 11.00 5.74 1.53
CA SER A 316 11.62 4.62 2.25
C SER A 316 12.48 5.20 3.37
N VAL A 317 12.17 4.84 4.61
CA VAL A 317 12.91 5.32 5.77
C VAL A 317 13.84 4.22 6.22
N SER A 318 15.14 4.46 6.17
CA SER A 318 16.13 3.42 6.48
C SER A 318 16.99 3.88 7.65
N LEU A 319 16.83 3.21 8.79
CA LEU A 319 17.48 3.57 10.04
C LEU A 319 18.82 2.85 10.18
N GLN A 320 19.90 3.61 10.42
CA GLN A 320 21.22 3.00 10.57
C GLN A 320 21.39 2.46 11.98
N ARG A 321 22.04 1.32 12.10
CA ARG A 321 22.34 0.69 13.38
C ARG A 321 23.85 0.61 13.56
N ALA A 322 24.27 0.07 14.72
CA ALA A 322 25.69 0.02 15.05
C ALA A 322 26.49 -0.78 14.02
N SER A 323 25.96 -1.93 13.62
CA SER A 323 26.54 -2.68 12.51
C SER A 323 26.19 -1.96 11.20
N GLY A 324 26.55 -2.56 10.07
CA GLY A 324 26.17 -1.99 8.80
C GLY A 324 24.68 -2.06 8.50
N ASP A 325 23.94 -2.91 9.22
CA ASP A 325 22.56 -3.23 8.88
C ASP A 325 21.70 -1.97 8.89
N PHE A 326 20.59 -2.03 8.15
CA PHE A 326 19.61 -0.96 8.11
C PHE A 326 18.25 -1.54 8.44
N GLN A 327 17.56 -0.94 9.40
CA GLN A 327 16.15 -1.22 9.64
C GLN A 327 15.32 -0.28 8.76
N THR A 328 14.64 -0.84 7.78
CA THR A 328 13.94 -0.04 6.76
C THR A 328 12.44 -0.24 6.87
N THR A 329 11.70 0.86 6.88
CA THR A 329 10.25 0.87 6.88
C THR A 329 9.76 1.69 5.69
N LYS A 330 8.49 1.56 5.36
CA LYS A 330 7.94 2.26 4.21
C LYS A 330 6.88 3.27 4.65
N LEU A 331 6.62 4.24 3.79
CA LEU A 331 5.73 5.35 4.12
C LEU A 331 5.06 5.80 2.83
N ASN A 332 3.77 5.48 2.66
CA ASN A 332 3.09 5.74 1.40
C ASN A 332 2.39 7.09 1.40
N GLY A 333 2.16 7.60 0.19
CA GLY A 333 1.46 8.85 -0.01
C GLY A 333 0.00 8.75 0.40
N PHE A 334 -0.72 9.86 0.17
CA PHE A 334 -2.10 9.99 0.63
C PHE A 334 -3.09 10.34 -0.47
N GLU A 335 -2.66 10.98 -1.56
CA GLU A 335 -3.54 11.33 -2.66
C GLU A 335 -2.94 10.77 -3.95
N VAL A 336 -3.80 10.36 -4.85
CA VAL A 336 -3.36 9.77 -6.11
C VAL A 336 -2.82 10.87 -7.01
N PHE A 337 -1.74 10.56 -7.73
CA PHE A 337 -1.09 11.45 -8.69
C PHE A 337 -0.46 12.66 -7.99
N ALA A 338 -0.26 12.58 -6.67
CA ALA A 338 0.30 13.69 -5.91
C ALA A 338 1.82 13.71 -5.94
N ARG A 339 2.46 12.59 -6.27
CA ARG A 339 3.92 12.46 -6.37
C ARG A 339 4.57 12.77 -5.01
N PHE A 340 4.29 11.88 -4.06
CA PHE A 340 4.54 12.13 -2.65
C PHE A 340 6.02 12.22 -2.31
N GLY A 341 6.86 11.37 -2.88
CA GLY A 341 8.24 11.44 -2.47
C GLY A 341 9.13 12.41 -3.22
N SER A 342 8.55 13.45 -3.83
CA SER A 342 9.29 14.31 -4.77
C SER A 342 10.47 14.98 -4.08
N ALA A 343 10.22 15.70 -2.98
CA ALA A 343 11.26 16.41 -2.25
C ALA A 343 11.27 15.92 -0.81
N ILE A 344 12.46 15.61 -0.29
CA ILE A 344 12.62 15.21 1.10
C ILE A 344 13.62 16.16 1.73
N ALA A 345 13.19 16.94 2.72
CA ALA A 345 14.03 17.98 3.30
C ALA A 345 14.17 17.82 4.81
N PRO A 346 15.36 17.57 5.34
CA PRO A 346 15.53 17.56 6.80
C PRO A 346 15.30 18.94 7.40
N LEU A 347 14.71 18.95 8.59
CA LEU A 347 14.31 20.17 9.28
C LEU A 347 15.18 20.48 10.49
N GLY A 348 16.12 19.59 10.83
CA GLY A 348 16.70 19.67 12.15
C GLY A 348 15.64 19.26 13.15
N ASP A 349 15.66 19.91 14.30
CA ASP A 349 14.66 19.68 15.35
C ASP A 349 13.65 20.84 15.33
N LEU A 350 12.56 20.65 14.58
CA LEU A 350 11.58 21.74 14.41
C LEU A 350 10.90 22.10 15.73
N ASP A 351 10.76 21.14 16.64
CA ASP A 351 10.12 21.36 17.93
C ASP A 351 11.11 21.36 19.08
N GLN A 352 12.40 21.12 18.82
CA GLN A 352 13.41 21.05 19.85
C GLN A 352 13.07 20.02 20.92
N ASP A 353 12.38 18.94 20.53
CA ASP A 353 12.07 17.83 21.43
C ASP A 353 13.28 16.94 21.70
N GLY A 354 14.41 17.20 21.04
CA GLY A 354 15.57 16.35 21.15
C GLY A 354 15.75 15.37 20.02
N PHE A 355 14.80 15.27 19.09
CA PHE A 355 14.86 14.36 17.96
C PHE A 355 14.63 15.14 16.67
N ASN A 356 15.43 14.86 15.65
CA ASN A 356 15.33 15.62 14.40
C ASN A 356 14.07 15.27 13.61
N ASP A 357 13.66 16.20 12.76
CA ASP A 357 12.41 16.12 12.01
C ASP A 357 12.67 16.31 10.53
N ILE A 358 11.69 15.90 9.71
CA ILE A 358 11.83 15.88 8.26
C ILE A 358 10.51 16.29 7.61
N ALA A 359 10.62 16.79 6.38
CA ALA A 359 9.46 17.24 5.64
C ALA A 359 9.46 16.56 4.27
N ILE A 360 8.31 16.01 3.89
CA ILE A 360 8.12 15.35 2.60
C ILE A 360 7.02 16.10 1.85
N ALA A 361 7.14 16.15 0.53
CA ALA A 361 6.31 17.05 -0.24
C ALA A 361 5.64 16.33 -1.39
N ALA A 362 4.34 16.55 -1.55
CA ALA A 362 3.57 16.03 -2.67
C ALA A 362 3.14 17.19 -3.56
N PRO A 363 4.03 17.66 -4.44
CA PRO A 363 3.83 18.98 -5.05
C PRO A 363 2.66 19.05 -6.01
N TYR A 364 2.10 17.92 -6.41
CA TYR A 364 0.97 17.94 -7.31
C TYR A 364 -0.32 17.55 -6.60
N GLY A 365 -0.24 17.21 -5.32
CA GLY A 365 -1.40 16.91 -4.52
C GLY A 365 -2.17 18.15 -4.09
N GLY A 366 -2.97 17.97 -3.05
CA GLY A 366 -3.81 19.04 -2.53
C GLY A 366 -5.01 19.38 -3.39
N GLU A 367 -5.80 20.32 -2.86
CA GLU A 367 -6.93 20.89 -3.59
C GLU A 367 -6.42 21.67 -4.80
N ASP A 368 -7.05 21.44 -5.95
CA ASP A 368 -6.75 22.16 -7.19
C ASP A 368 -5.30 21.97 -7.62
N LYS A 369 -4.66 20.87 -7.19
CA LYS A 369 -3.27 20.58 -7.58
C LYS A 369 -2.34 21.72 -7.15
N LYS A 370 -2.50 22.19 -5.92
CA LYS A 370 -1.72 23.33 -5.45
C LYS A 370 -0.43 22.92 -4.76
N GLY A 371 -0.35 21.72 -4.22
CA GLY A 371 0.86 21.25 -3.57
C GLY A 371 0.60 21.04 -2.09
N ILE A 372 1.24 20.01 -1.53
CA ILE A 372 1.15 19.74 -0.11
C ILE A 372 2.54 19.43 0.41
N VAL A 373 2.81 19.81 1.65
CA VAL A 373 4.04 19.45 2.33
C VAL A 373 3.66 18.88 3.70
N TYR A 374 4.10 17.65 3.98
CA TYR A 374 3.82 16.97 5.24
C TYR A 374 5.05 17.06 6.14
N ILE A 375 4.85 17.50 7.38
CA ILE A 375 5.91 17.54 8.39
C ILE A 375 5.82 16.28 9.24
N PHE A 376 6.92 15.55 9.36
CA PHE A 376 6.95 14.34 10.19
C PHE A 376 7.96 14.53 11.32
N ASN A 377 7.54 14.29 12.56
CA ASN A 377 8.44 14.45 13.70
C ASN A 377 9.13 13.13 14.01
N GLY A 378 10.43 13.18 14.25
CA GLY A 378 11.15 12.00 14.69
C GLY A 378 10.97 11.74 16.18
N ARG A 379 11.24 10.49 16.57
CA ARG A 379 11.16 10.06 17.95
C ARG A 379 12.21 8.99 18.15
N SER A 380 12.32 8.48 19.38
CA SER A 380 13.31 7.45 19.65
C SER A 380 13.07 6.20 18.81
N THR A 381 11.79 5.86 18.57
CA THR A 381 11.44 4.65 17.83
C THR A 381 11.82 4.74 16.35
N GLY A 382 12.23 5.91 15.86
CA GLY A 382 12.33 6.18 14.44
C GLY A 382 11.41 7.30 13.99
N LEU A 383 11.02 7.32 12.72
CA LEU A 383 10.09 8.35 12.27
C LEU A 383 8.67 7.99 12.71
N ASN A 384 7.90 9.02 13.06
CA ASN A 384 6.46 8.84 13.30
C ASN A 384 5.72 8.98 11.99
N ALA A 385 5.10 7.88 11.54
CA ALA A 385 4.52 7.83 10.20
C ALA A 385 3.35 8.82 10.05
N VAL A 386 2.64 9.15 11.13
CA VAL A 386 1.52 10.10 11.01
C VAL A 386 2.00 11.54 11.03
N PRO A 387 1.86 12.28 9.93
CA PRO A 387 2.32 13.68 9.91
C PRO A 387 1.60 14.52 10.96
N SER A 388 2.35 15.47 11.56
CA SER A 388 1.75 16.38 12.54
C SER A 388 1.38 17.73 11.95
N GLN A 389 1.78 18.04 10.73
CA GLN A 389 1.32 19.28 10.13
C GLN A 389 1.26 19.14 8.61
N ILE A 390 0.34 19.89 8.01
CA ILE A 390 0.12 19.93 6.57
C ILE A 390 0.31 21.37 6.12
N LEU A 391 1.27 21.59 5.21
CA LEU A 391 1.47 22.89 4.58
C LEU A 391 0.80 22.85 3.22
N GLU A 392 -0.21 23.68 3.03
CA GLU A 392 -1.01 23.65 1.82
C GLU A 392 -0.69 24.86 0.94
N GLY A 393 -0.42 24.61 -0.33
CA GLY A 393 -0.10 25.71 -1.23
C GLY A 393 -1.26 26.70 -1.33
N GLN A 394 -0.90 27.97 -1.55
CA GLN A 394 -1.89 29.03 -1.69
C GLN A 394 -2.15 29.42 -3.14
N TRP A 395 -1.21 29.19 -4.03
CA TRP A 395 -1.20 29.79 -5.36
C TRP A 395 -1.76 28.83 -6.40
N ALA A 396 -2.51 29.36 -7.35
CA ALA A 396 -3.19 28.57 -8.38
C ALA A 396 -2.41 28.55 -9.68
N ALA A 397 -2.73 27.55 -10.51
CA ALA A 397 -1.99 27.33 -11.75
C ALA A 397 -2.28 28.41 -12.78
N ARG A 398 -1.22 28.85 -13.45
CA ARG A 398 -1.36 29.78 -14.57
C ARG A 398 -1.13 29.09 -15.91
N SER A 399 0.03 28.49 -16.10
CA SER A 399 0.34 27.71 -17.29
C SER A 399 0.66 26.26 -16.98
N MET A 400 1.46 26.02 -15.95
CA MET A 400 1.88 24.71 -15.50
C MET A 400 1.59 24.58 -14.01
N PRO A 401 1.65 23.38 -13.45
CA PRO A 401 1.34 23.21 -12.04
C PRO A 401 2.23 24.07 -11.19
N PRO A 402 1.70 24.67 -10.11
CA PRO A 402 2.54 25.44 -9.19
C PRO A 402 3.73 24.67 -8.64
N SER A 403 3.59 23.35 -8.49
CA SER A 403 4.68 22.50 -8.03
C SER A 403 5.20 22.95 -6.66
N PHE A 404 4.30 23.53 -5.86
CA PHE A 404 4.64 23.92 -4.49
C PHE A 404 5.17 22.72 -3.73
N GLY A 405 6.41 22.81 -3.27
CA GLY A 405 7.05 21.69 -2.62
C GLY A 405 8.04 20.93 -3.48
N TYR A 406 8.18 21.30 -4.76
CA TYR A 406 9.19 20.66 -5.61
C TYR A 406 10.60 20.82 -5.06
N SER A 407 10.86 21.94 -4.35
CA SER A 407 12.16 22.22 -3.72
C SER A 407 11.93 22.72 -2.31
N MET A 408 12.80 22.31 -1.39
CA MET A 408 12.63 22.62 0.03
C MET A 408 14.00 22.63 0.70
N LYS A 409 14.18 23.55 1.65
CA LYS A 409 15.38 23.59 2.46
C LYS A 409 14.97 24.03 3.85
N GLY A 410 15.43 23.29 4.86
CA GLY A 410 15.16 23.61 6.25
C GLY A 410 16.47 23.70 7.01
N ALA A 411 16.42 23.31 8.28
CA ALA A 411 17.57 23.12 9.15
C ALA A 411 18.28 24.41 9.56
N THR A 412 17.77 25.58 9.21
CA THR A 412 18.42 26.85 9.53
C THR A 412 17.43 27.79 10.20
N ASP A 413 17.81 28.31 11.37
CA ASP A 413 16.96 29.21 12.17
C ASP A 413 17.16 30.65 11.74
N ILE A 414 16.41 31.09 10.72
CA ILE A 414 16.66 32.41 10.15
C ILE A 414 16.17 33.53 11.07
N ASP A 415 15.12 33.31 11.87
CA ASP A 415 14.64 34.32 12.82
C ASP A 415 15.45 34.35 14.11
N LYS A 416 16.33 33.37 14.31
CA LYS A 416 17.14 33.24 15.54
C LYS A 416 16.25 33.18 16.78
N ASN A 417 15.13 32.47 16.66
CA ASN A 417 14.20 32.27 17.77
C ASN A 417 14.43 30.93 18.46
N GLY A 418 15.46 30.20 18.07
CA GLY A 418 15.78 28.92 18.68
C GLY A 418 15.20 27.71 17.97
N TYR A 419 14.31 27.91 16.99
CA TYR A 419 13.72 26.80 16.26
C TYR A 419 14.02 26.95 14.77
N PRO A 420 14.38 25.85 14.09
CA PRO A 420 14.69 25.93 12.65
C PRO A 420 13.50 26.40 11.83
N ASP A 421 13.78 26.95 10.66
CA ASP A 421 12.74 27.43 9.73
C ASP A 421 12.78 26.63 8.42
N LEU A 422 11.93 27.02 7.46
CA LEU A 422 11.70 26.17 6.30
C LEU A 422 11.29 26.97 5.07
N ILE A 423 12.09 26.87 4.01
CA ILE A 423 11.80 27.46 2.69
C ILE A 423 11.15 26.38 1.83
N VAL A 424 10.16 26.77 1.04
CA VAL A 424 9.45 25.89 0.13
C VAL A 424 9.26 26.67 -1.17
N GLY A 425 9.54 26.02 -2.30
CA GLY A 425 9.48 26.69 -3.59
C GLY A 425 8.36 26.14 -4.46
N ALA A 426 7.89 26.97 -5.38
CA ALA A 426 6.83 26.60 -6.33
C ALA A 426 7.20 27.24 -7.66
N PHE A 427 7.99 26.52 -8.48
CA PHE A 427 8.52 27.12 -9.69
C PHE A 427 7.47 27.31 -10.77
N GLY A 428 6.30 26.68 -10.63
CA GLY A 428 5.24 26.88 -11.59
C GLY A 428 4.59 28.24 -11.49
N VAL A 429 4.54 28.81 -10.29
CA VAL A 429 4.02 30.14 -10.05
C VAL A 429 5.13 31.15 -9.73
N ASP A 430 6.39 30.73 -9.84
CA ASP A 430 7.56 31.61 -9.69
C ASP A 430 7.62 32.25 -8.29
N ARG A 431 7.42 31.41 -7.27
CA ARG A 431 7.41 31.89 -5.90
C ARG A 431 8.21 30.96 -4.99
N ALA A 432 8.58 31.50 -3.83
CA ALA A 432 9.23 30.74 -2.78
C ALA A 432 8.73 31.31 -1.46
N ILE A 433 8.43 30.43 -0.52
CA ILE A 433 7.75 30.78 0.71
C ILE A 433 8.58 30.24 1.88
N LEU A 434 8.79 31.08 2.89
CA LEU A 434 9.52 30.71 4.08
C LEU A 434 8.55 30.63 5.25
N TYR A 435 8.48 29.47 5.90
CA TYR A 435 7.69 29.25 7.10
C TYR A 435 8.57 29.32 8.33
N ARG A 436 8.14 30.07 9.32
CA ARG A 436 8.89 30.26 10.56
C ARG A 436 8.33 29.34 11.65
N ALA A 437 9.23 28.73 12.41
CA ALA A 437 8.81 27.84 13.50
C ALA A 437 8.36 28.64 14.71
N ARG A 438 7.23 28.20 15.31
CA ARG A 438 6.71 28.76 16.54
C ARG A 438 7.46 28.18 17.74
N PRO A 439 7.52 28.93 18.85
CA PRO A 439 8.11 28.39 20.09
C PRO A 439 7.12 27.48 20.82
N VAL A 440 7.56 26.25 21.14
CA VAL A 440 6.68 25.30 21.80
C VAL A 440 6.71 25.54 23.32
N ILE A 441 5.53 25.46 23.95
CA ILE A 441 5.40 25.66 25.40
C ILE A 441 4.80 24.41 26.02
N THR A 442 5.46 23.89 27.06
CA THR A 442 4.96 22.74 27.80
C THR A 442 4.41 23.26 29.13
N VAL A 443 3.08 23.23 29.27
CA VAL A 443 2.41 23.71 30.48
C VAL A 443 1.78 22.52 31.20
N ASN A 444 2.09 22.39 32.48
CA ASN A 444 1.50 21.38 33.34
C ASN A 444 0.58 22.07 34.34
N ALA A 445 -0.66 21.59 34.43
CA ALA A 445 -1.66 22.19 35.28
C ALA A 445 -1.97 21.26 36.44
N GLY A 446 -2.23 21.84 37.62
CA GLY A 446 -2.70 21.08 38.76
C GLY A 446 -4.07 21.56 39.18
N LEU A 447 -4.86 20.65 39.74
CA LEU A 447 -6.17 20.98 40.29
C LEU A 447 -6.40 20.11 41.52
N GLU A 448 -6.49 20.74 42.68
CA GLU A 448 -6.73 20.04 43.93
C GLU A 448 -7.94 20.67 44.60
N VAL A 449 -8.79 19.83 45.17
CA VAL A 449 -10.01 20.28 45.83
C VAL A 449 -9.99 19.78 47.27
N TYR A 450 -10.21 20.71 48.22
CA TYR A 450 -10.30 20.37 49.64
C TYR A 450 -11.60 19.59 49.85
N PRO A 451 -11.83 19.04 51.07
CA PRO A 451 -12.18 17.61 51.17
C PRO A 451 -13.01 17.08 50.01
N SER A 452 -12.55 16.01 49.39
CA SER A 452 -13.29 15.44 48.28
C SER A 452 -14.63 14.87 48.74
N ILE A 453 -14.67 14.38 49.98
CA ILE A 453 -15.88 13.82 50.58
C ILE A 453 -16.58 14.94 51.35
N LEU A 454 -17.68 15.46 50.79
CA LEU A 454 -18.40 16.61 51.35
C LEU A 454 -19.54 16.16 52.26
N ASN A 455 -19.59 16.72 53.47
CA ASN A 455 -20.67 16.48 54.43
C ASN A 455 -21.65 17.64 54.43
N GLN A 456 -22.92 17.35 54.10
CA GLN A 456 -23.93 18.40 54.05
C GLN A 456 -24.38 18.83 55.44
N ASP A 457 -24.27 17.92 56.41
CA ASP A 457 -24.57 18.27 57.79
C ASP A 457 -23.54 19.25 58.35
N ASN A 458 -22.31 19.20 57.84
CA ASN A 458 -21.24 20.08 58.27
C ASN A 458 -21.29 21.34 57.41
N LYS A 459 -21.78 22.43 57.97
CA LYS A 459 -21.99 23.68 57.24
C LYS A 459 -21.14 24.82 57.79
N THR A 460 -19.85 24.56 58.05
CA THR A 460 -19.01 25.49 58.81
C THR A 460 -18.45 26.62 57.95
N CYS A 461 -19.31 27.30 57.18
CA CYS A 461 -18.89 28.40 56.34
C CYS A 461 -20.09 29.31 56.10
N SER A 462 -19.88 30.62 56.19
CA SER A 462 -20.96 31.59 56.04
C SER A 462 -21.33 31.71 54.55
N LEU A 463 -22.17 32.68 54.23
CA LEU A 463 -22.65 32.85 52.87
C LEU A 463 -22.94 34.34 52.66
N PRO A 464 -22.39 34.95 51.61
CA PRO A 464 -22.61 36.38 51.43
C PRO A 464 -24.02 36.70 50.94
N GLY A 465 -24.55 37.82 51.42
CA GLY A 465 -25.88 38.30 51.10
C GLY A 465 -27.00 37.85 52.02
N THR A 466 -26.92 36.64 52.57
CA THR A 466 -27.99 36.09 53.39
C THR A 466 -27.54 35.40 54.67
N ALA A 467 -26.26 35.06 54.81
CA ALA A 467 -25.70 34.48 56.04
C ALA A 467 -26.52 33.28 56.53
N LEU A 468 -26.53 32.23 55.71
CA LEU A 468 -27.19 30.96 56.04
C LEU A 468 -26.24 29.89 56.58
N LYS A 469 -24.92 30.11 56.50
CA LYS A 469 -23.92 29.16 57.02
C LYS A 469 -24.09 27.78 56.38
N VAL A 470 -23.75 27.73 55.09
CA VAL A 470 -23.89 26.52 54.28
C VAL A 470 -22.57 25.75 54.27
N SER A 471 -22.63 24.50 53.79
CA SER A 471 -21.44 23.66 53.60
C SER A 471 -20.63 24.10 52.39
N CYS A 472 -19.31 24.21 52.58
CA CYS A 472 -18.42 24.74 51.55
C CYS A 472 -17.19 23.84 51.43
N PHE A 473 -16.39 24.13 50.41
CA PHE A 473 -15.10 23.48 50.19
C PHE A 473 -14.31 24.38 49.23
N ASN A 474 -13.04 24.03 49.02
CA ASN A 474 -12.12 24.84 48.24
C ASN A 474 -11.70 24.16 46.94
N VAL A 475 -11.41 25.00 45.95
CA VAL A 475 -10.94 24.58 44.63
C VAL A 475 -9.66 25.34 44.34
N ARG A 476 -8.51 24.65 44.42
CA ARG A 476 -7.21 25.25 44.13
C ARG A 476 -6.70 24.73 42.79
N PHE A 477 -6.18 25.63 41.96
CA PHE A 477 -5.74 25.27 40.62
C PHE A 477 -4.40 25.92 40.29
N CYS A 478 -3.45 25.09 39.86
CA CYS A 478 -2.06 25.50 39.66
C CYS A 478 -1.69 25.48 38.18
N LEU A 479 -0.77 26.35 37.81
CA LEU A 479 -0.41 26.54 36.41
C LEU A 479 1.06 26.94 36.31
N LYS A 480 1.87 26.09 35.66
CA LYS A 480 3.27 26.38 35.43
C LYS A 480 3.62 26.14 33.96
N ALA A 481 4.57 26.93 33.46
CA ALA A 481 4.95 26.89 32.05
C ALA A 481 6.47 26.91 31.92
N ASP A 482 6.96 26.36 30.81
CA ASP A 482 8.38 26.33 30.51
C ASP A 482 8.53 26.02 29.02
N GLY A 483 9.45 26.72 28.36
CA GLY A 483 9.67 26.54 26.93
C GLY A 483 11.03 26.97 26.42
N LYS A 484 11.64 26.16 25.54
CA LYS A 484 12.96 26.46 25.02
C LYS A 484 12.92 27.64 24.05
N GLY A 485 14.10 28.04 23.57
CA GLY A 485 14.18 29.09 22.58
C GLY A 485 13.78 30.46 23.13
N VAL A 486 13.64 31.41 22.21
CA VAL A 486 13.20 32.74 22.60
C VAL A 486 11.71 32.69 22.92
N LEU A 487 11.33 33.39 23.97
CA LEU A 487 9.98 33.28 24.49
C LEU A 487 9.79 34.37 25.55
N PRO A 488 8.66 35.07 25.55
CA PRO A 488 8.38 36.03 26.63
C PRO A 488 8.46 35.34 27.99
N ARG A 489 8.92 36.10 29.00
CA ARG A 489 9.18 35.49 30.30
C ARG A 489 7.93 35.35 31.16
N LYS A 490 6.83 36.02 30.79
CA LYS A 490 5.56 35.87 31.49
C LYS A 490 4.44 35.65 30.49
N LEU A 491 3.63 34.63 30.73
CA LEU A 491 2.54 34.22 29.84
C LEU A 491 1.19 34.44 30.51
N ASN A 492 0.19 34.75 29.69
CA ASN A 492 -1.15 35.12 30.16
C ASN A 492 -2.17 34.12 29.63
N PHE A 493 -2.69 33.29 30.53
CA PHE A 493 -3.72 32.30 30.24
C PHE A 493 -5.09 32.80 30.67
N GLN A 494 -6.12 32.14 30.14
CA GLN A 494 -7.52 32.38 30.53
C GLN A 494 -8.06 31.06 31.10
N VAL A 495 -8.10 30.95 32.42
CA VAL A 495 -8.53 29.70 33.06
C VAL A 495 -10.03 29.76 33.32
N GLU A 496 -10.71 28.62 33.15
CA GLU A 496 -12.14 28.50 33.37
C GLU A 496 -12.41 27.29 34.25
N LEU A 497 -13.28 27.46 35.24
CA LEU A 497 -13.68 26.40 36.15
C LEU A 497 -15.16 26.07 35.99
N LEU A 498 -15.46 24.77 35.96
CA LEU A 498 -16.83 24.30 35.87
C LEU A 498 -17.08 23.32 37.01
N LEU A 499 -18.18 23.52 37.72
CA LEU A 499 -18.58 22.65 38.83
C LEU A 499 -19.65 21.66 38.36
N ASP A 500 -19.46 20.39 38.72
CA ASP A 500 -20.39 19.31 38.39
C ASP A 500 -20.60 19.21 36.87
N LYS A 501 -19.53 18.86 36.16
CA LYS A 501 -19.55 18.92 34.71
C LYS A 501 -20.49 17.88 34.10
N LEU A 502 -20.68 16.75 34.77
CA LEU A 502 -21.67 15.75 34.32
C LEU A 502 -23.06 16.34 34.16
N LYS A 503 -23.41 17.28 35.04
CA LYS A 503 -24.66 18.03 34.96
C LYS A 503 -24.52 19.12 33.91
N GLN A 504 -25.39 20.13 33.94
CA GLN A 504 -25.45 21.28 33.05
C GLN A 504 -26.02 20.89 31.68
N LYS A 505 -26.25 19.60 31.43
CA LYS A 505 -26.98 19.10 30.27
C LYS A 505 -28.53 19.39 30.35
N GLY A 506 -28.89 20.25 31.32
CA GLY A 506 -30.27 20.52 31.67
C GLY A 506 -30.64 20.05 33.07
N ALA A 507 -29.88 19.10 33.63
CA ALA A 507 -30.06 18.69 35.01
C ALA A 507 -29.59 19.81 35.94
N ILE A 508 -29.69 19.59 37.24
CA ILE A 508 -29.37 20.63 38.23
C ILE A 508 -27.91 20.52 38.64
N ARG A 509 -27.18 21.64 38.55
CA ARG A 509 -25.81 21.69 39.05
C ARG A 509 -25.84 21.81 40.57
N ARG A 510 -25.19 20.88 41.27
CA ARG A 510 -25.35 20.71 42.69
C ARG A 510 -24.35 21.51 43.54
N ALA A 511 -23.29 22.07 42.94
CA ALA A 511 -22.36 22.92 43.66
C ALA A 511 -22.22 24.25 42.95
N LEU A 512 -22.03 25.31 43.74
CA LEU A 512 -21.87 26.65 43.22
C LEU A 512 -20.70 27.33 43.93
N PHE A 513 -20.08 28.28 43.24
CA PHE A 513 -19.03 29.09 43.85
C PHE A 513 -19.65 30.07 44.85
N LEU A 514 -18.94 30.26 45.97
CA LEU A 514 -19.49 30.99 47.11
C LEU A 514 -19.90 32.43 46.76
N TYR A 515 -18.93 33.29 46.43
CA TYR A 515 -19.26 34.69 46.20
C TYR A 515 -20.03 34.87 44.90
N SER A 516 -19.64 34.16 43.85
CA SER A 516 -20.22 34.35 42.52
C SER A 516 -21.61 33.73 42.38
N ARG A 517 -21.99 32.81 43.27
CA ARG A 517 -23.29 32.13 43.31
C ARG A 517 -23.51 31.23 42.09
N SER A 518 -22.54 31.13 41.17
CA SER A 518 -22.66 30.40 39.93
C SER A 518 -21.75 29.18 39.91
N PRO A 519 -22.03 28.18 39.06
CA PRO A 519 -21.10 27.05 38.91
C PRO A 519 -19.91 27.32 38.01
N SER A 520 -19.88 28.46 37.32
CA SER A 520 -18.82 28.85 36.40
C SER A 520 -18.00 30.00 36.98
N HIS A 521 -16.71 30.05 36.61
CA HIS A 521 -15.84 31.14 37.02
C HIS A 521 -14.69 31.27 36.02
N SER A 522 -14.19 32.50 35.87
CA SER A 522 -13.09 32.80 34.95
C SER A 522 -12.07 33.68 35.66
N LYS A 523 -10.81 33.56 35.26
CA LYS A 523 -9.73 34.36 35.82
C LYS A 523 -8.59 34.46 34.84
N ASN A 524 -7.94 35.63 34.77
CA ASN A 524 -6.74 35.81 33.96
C ASN A 524 -5.54 35.55 34.84
N MET A 525 -4.89 34.40 34.66
CA MET A 525 -3.65 34.16 35.37
C MET A 525 -2.47 34.62 34.52
N THR A 526 -1.37 34.95 35.21
CA THR A 526 -0.13 35.37 34.56
C THR A 526 1.02 34.73 35.31
N ILE A 527 1.76 33.84 34.66
CA ILE A 527 2.85 33.12 35.30
C ILE A 527 4.16 33.45 34.59
N SER A 528 5.26 33.06 35.23
CA SER A 528 6.60 33.21 34.69
C SER A 528 7.17 31.83 34.36
N ARG A 529 8.15 31.81 33.46
CA ARG A 529 8.70 30.55 33.00
C ARG A 529 9.43 29.84 34.15
N GLY A 530 9.65 28.54 33.95
CA GLY A 530 10.36 27.72 34.92
C GLY A 530 9.46 26.71 35.61
N GLY A 531 9.78 26.40 36.86
CA GLY A 531 8.88 25.59 37.66
C GLY A 531 7.93 26.53 38.36
N LEU A 532 8.02 26.64 39.68
CA LEU A 532 7.27 27.62 40.46
C LEU A 532 5.77 27.51 40.15
N MET A 533 5.21 26.38 40.58
CA MET A 533 3.83 26.01 40.26
C MET A 533 2.89 26.96 41.00
N GLN A 534 2.66 28.12 40.38
CA GLN A 534 1.82 29.16 40.97
C GLN A 534 0.36 28.73 40.96
N CYS A 535 -0.29 28.81 42.11
CA CYS A 535 -1.66 28.33 42.27
C CYS A 535 -2.60 29.48 42.60
N GLU A 536 -3.86 29.11 42.87
CA GLU A 536 -4.92 30.05 43.20
C GLU A 536 -5.89 29.35 44.15
N GLU A 537 -6.90 30.09 44.59
CA GLU A 537 -7.90 29.52 45.50
C GLU A 537 -9.28 30.05 45.16
N LEU A 538 -10.29 29.24 45.46
CA LEU A 538 -11.69 29.64 45.34
C LEU A 538 -12.49 28.87 46.39
N ILE A 539 -13.73 29.30 46.60
CA ILE A 539 -14.64 28.68 47.56
C ILE A 539 -15.93 28.34 46.83
N ALA A 540 -16.23 27.06 46.73
CA ALA A 540 -17.52 26.58 46.24
C ALA A 540 -18.28 26.01 47.42
N TYR A 541 -19.58 25.79 47.22
CA TYR A 541 -20.43 25.29 48.28
C TYR A 541 -21.52 24.44 47.67
N LEU A 542 -22.17 23.65 48.53
CA LEU A 542 -23.28 22.78 48.17
C LEU A 542 -24.61 23.46 48.42
N ARG A 543 -25.60 23.16 47.56
CA ARG A 543 -26.96 23.59 47.82
C ARG A 543 -27.49 22.89 49.07
N ASP A 544 -28.75 23.15 49.40
CA ASP A 544 -29.32 22.63 50.63
C ASP A 544 -29.53 21.12 50.53
N GLU A 545 -29.38 20.44 51.69
CA GLU A 545 -29.57 18.99 51.78
C GLU A 545 -30.85 18.51 51.11
N SER A 546 -31.88 19.36 51.08
CA SER A 546 -33.18 19.04 50.49
C SER A 546 -33.45 19.82 49.21
N GLU A 547 -32.41 20.15 48.45
CA GLU A 547 -32.59 21.06 47.33
C GLU A 547 -32.40 20.43 45.97
N PHE A 548 -31.33 19.67 45.73
CA PHE A 548 -30.98 19.49 44.32
C PHE A 548 -31.51 18.22 43.66
N ARG A 549 -30.85 17.06 43.82
CA ARG A 549 -31.45 15.84 43.30
C ARG A 549 -31.12 14.57 44.08
N ASP A 550 -29.84 14.38 44.40
CA ASP A 550 -29.29 13.05 44.65
C ASP A 550 -27.88 13.17 45.21
N LYS A 551 -27.30 12.03 45.57
CA LYS A 551 -26.03 12.03 46.29
C LYS A 551 -25.02 11.01 45.79
N LEU A 552 -25.35 10.17 44.80
CA LEU A 552 -24.40 9.17 44.32
C LEU A 552 -23.51 9.71 43.20
N THR A 553 -24.09 10.47 42.27
CA THR A 553 -23.29 11.05 41.20
C THR A 553 -22.26 11.99 41.81
N PRO A 554 -21.00 11.89 41.46
CA PRO A 554 -19.98 12.74 42.09
C PRO A 554 -19.91 14.13 41.45
N ILE A 555 -19.29 15.04 42.18
CA ILE A 555 -19.10 16.40 41.67
C ILE A 555 -17.79 16.44 40.91
N THR A 556 -17.87 16.48 39.59
CA THR A 556 -16.70 16.61 38.73
C THR A 556 -16.36 18.09 38.58
N ILE A 557 -15.18 18.48 39.05
CA ILE A 557 -14.71 19.86 38.94
C ILE A 557 -13.79 19.93 37.72
N PHE A 558 -14.08 20.85 36.82
CA PHE A 558 -13.45 20.90 35.51
C PHE A 558 -12.66 22.20 35.36
N MET A 559 -11.37 22.08 35.06
CA MET A 559 -10.53 23.21 34.70
C MET A 559 -10.04 23.07 33.27
N GLU A 560 -10.18 24.14 32.50
CA GLU A 560 -9.57 24.25 31.18
C GLU A 560 -8.82 25.58 31.12
N TYR A 561 -7.74 25.62 30.35
CA TYR A 561 -6.94 26.82 30.25
C TYR A 561 -6.58 27.07 28.78
N ARG A 562 -6.74 28.32 28.35
CA ARG A 562 -6.46 28.76 26.98
C ARG A 562 -5.49 29.92 27.03
N LEU A 563 -4.53 29.93 26.12
CA LEU A 563 -3.46 30.93 26.12
C LEU A 563 -3.82 32.04 25.14
N ASP A 564 -3.92 33.27 25.64
CA ASP A 564 -4.13 34.42 24.75
C ASP A 564 -2.88 34.64 23.93
N TYR A 565 -3.00 34.50 22.61
CA TYR A 565 -1.82 34.33 21.75
C TYR A 565 -1.15 35.65 21.37
N ARG A 566 -1.50 36.76 22.01
CA ARG A 566 -0.60 37.90 22.00
C ARG A 566 0.56 37.57 22.93
N THR A 567 1.41 38.54 23.21
CA THR A 567 2.74 38.31 23.81
C THR A 567 3.58 37.46 22.86
N ALA A 568 3.70 37.94 21.61
CA ALA A 568 4.39 37.23 20.55
C ALA A 568 5.81 37.80 20.36
N ALA A 569 6.51 37.25 19.37
CA ALA A 569 7.91 37.55 19.08
C ALA A 569 8.12 38.89 18.38
N ASP A 570 7.11 39.77 18.37
CA ASP A 570 7.21 41.18 17.96
C ASP A 570 7.59 41.34 16.49
N THR A 571 7.81 40.22 15.81
CA THR A 571 8.17 40.17 14.39
C THR A 571 6.95 39.62 13.65
N THR A 572 6.07 40.53 13.22
CA THR A 572 4.76 40.16 12.66
C THR A 572 4.01 39.21 13.58
N GLY A 573 4.28 39.34 14.88
CA GLY A 573 3.64 38.53 15.90
C GLY A 573 3.83 37.03 15.75
N LEU A 574 5.05 36.55 15.92
CA LEU A 574 5.23 35.10 15.91
C LEU A 574 4.77 34.51 17.24
N GLN A 575 3.47 34.26 17.34
CA GLN A 575 2.85 33.78 18.57
C GLN A 575 3.24 32.34 18.82
N PRO A 576 3.38 31.95 20.08
CA PRO A 576 3.81 30.57 20.37
C PRO A 576 2.68 29.56 20.16
N ILE A 577 2.93 28.30 20.51
CA ILE A 577 1.92 27.25 20.46
C ILE A 577 2.22 26.27 21.58
N LEU A 578 1.16 25.67 22.12
CA LEU A 578 1.33 24.68 23.17
C LEU A 578 1.86 23.38 22.61
N ASN A 579 2.51 22.60 23.48
CA ASN A 579 2.96 21.27 23.09
C ASN A 579 1.78 20.47 22.50
N GLN A 580 2.08 19.75 21.42
CA GLN A 580 1.03 19.04 20.67
C GLN A 580 0.27 18.07 21.56
N PHE A 581 0.99 17.16 22.23
CA PHE A 581 0.33 16.10 22.99
C PHE A 581 0.35 16.47 24.46
N THR A 582 -0.58 17.33 24.85
CA THR A 582 -0.73 17.74 26.22
C THR A 582 -2.21 18.04 26.45
N PRO A 583 -2.77 17.60 27.57
CA PRO A 583 -4.21 17.83 27.83
C PRO A 583 -4.48 19.27 28.21
N ALA A 584 -5.30 19.96 27.41
CA ALA A 584 -5.66 21.36 27.67
C ALA A 584 -6.68 21.54 28.80
N ASN A 585 -6.93 20.50 29.63
CA ASN A 585 -7.91 20.55 30.70
C ASN A 585 -7.65 19.38 31.65
N ILE A 586 -7.92 19.60 32.93
CA ILE A 586 -7.83 18.55 33.94
C ILE A 586 -9.09 18.62 34.80
N SER A 587 -9.46 17.50 35.40
CA SER A 587 -10.68 17.43 36.19
C SER A 587 -10.49 16.52 37.39
N ARG A 588 -11.01 16.94 38.53
CA ARG A 588 -11.05 16.13 39.73
C ARG A 588 -12.50 15.98 40.18
N GLN A 589 -12.71 15.05 41.11
CA GLN A 589 -14.05 14.69 41.53
C GLN A 589 -14.19 14.79 43.04
N ALA A 590 -15.31 15.40 43.46
CA ALA A 590 -15.72 15.43 44.85
C ALA A 590 -16.97 14.59 45.02
N HIS A 591 -17.06 13.90 46.15
CA HIS A 591 -18.18 13.03 46.48
C HIS A 591 -18.94 13.57 47.68
N ILE A 592 -20.24 13.23 47.74
CA ILE A 592 -21.06 13.60 48.89
C ILE A 592 -20.98 12.48 49.92
N LEU A 593 -20.80 12.86 51.18
CA LEU A 593 -20.74 11.88 52.25
C LEU A 593 -22.08 11.15 52.34
N LEU A 594 -22.05 9.83 52.17
CA LEU A 594 -23.26 9.02 52.11
C LEU A 594 -22.91 7.56 52.38
N ASP A 595 -23.61 6.97 53.34
CA ASP A 595 -23.48 5.54 53.63
C ASP A 595 -22.05 5.15 53.96
N CYS A 596 -21.36 6.00 54.70
CA CYS A 596 -19.98 5.74 55.07
C CYS A 596 -19.83 5.26 56.52
N GLY A 597 -20.94 5.07 57.24
CA GLY A 597 -20.88 4.59 58.61
C GLY A 597 -20.76 5.71 59.61
N GLU A 598 -20.70 5.31 60.89
CA GLU A 598 -20.63 6.29 61.96
C GLU A 598 -19.25 6.92 62.05
N ASP A 599 -18.22 6.23 61.58
CA ASP A 599 -16.85 6.77 61.53
C ASP A 599 -16.75 7.97 60.60
N ASN A 600 -17.86 8.33 59.93
CA ASN A 600 -17.93 9.41 58.96
C ASN A 600 -17.04 9.18 57.75
N VAL A 601 -16.50 7.97 57.57
CA VAL A 601 -15.59 7.67 56.48
C VAL A 601 -15.83 6.26 55.95
N CYS A 602 -15.66 6.12 54.63
CA CYS A 602 -15.91 4.87 53.93
C CYS A 602 -14.63 4.05 53.85
N LYS A 603 -14.63 2.90 54.52
CA LYS A 603 -13.47 2.02 54.56
C LYS A 603 -13.84 0.69 53.90
N PRO A 604 -13.52 0.51 52.63
CA PRO A 604 -13.93 -0.70 51.91
C PRO A 604 -13.00 -1.88 52.18
N LYS A 605 -13.52 -3.09 51.90
CA LYS A 605 -12.73 -4.31 51.83
C LYS A 605 -12.76 -4.80 50.37
N LEU A 606 -11.61 -4.68 49.70
CA LEU A 606 -11.50 -4.95 48.27
C LEU A 606 -10.82 -6.29 48.05
N GLU A 607 -11.44 -7.13 47.21
CA GLU A 607 -10.94 -8.47 46.91
C GLU A 607 -10.96 -8.70 45.41
N VAL A 608 -9.96 -9.43 44.92
CA VAL A 608 -9.88 -9.80 43.51
C VAL A 608 -9.41 -11.24 43.42
N SER A 609 -9.98 -11.99 42.48
CA SER A 609 -9.62 -13.38 42.26
C SER A 609 -9.83 -13.70 40.79
N VAL A 610 -9.16 -14.75 40.32
CA VAL A 610 -9.10 -15.05 38.88
C VAL A 610 -8.71 -16.51 38.70
N ASP A 611 -9.38 -17.18 37.75
CA ASP A 611 -9.02 -18.53 37.38
C ASP A 611 -8.56 -18.58 35.92
N SER A 612 -7.88 -19.68 35.58
CA SER A 612 -7.19 -19.79 34.29
C SER A 612 -8.15 -20.11 33.16
N ASP A 613 -8.79 -21.29 33.22
CA ASP A 613 -9.70 -21.84 32.21
C ASP A 613 -8.96 -22.36 30.99
N GLN A 614 -7.65 -22.13 30.92
CA GLN A 614 -6.79 -22.74 29.89
C GLN A 614 -5.58 -23.44 30.50
N LYS A 615 -4.95 -22.84 31.52
CA LYS A 615 -3.90 -23.44 32.34
C LYS A 615 -2.62 -23.77 31.56
N LYS A 616 -2.62 -23.52 30.26
CA LYS A 616 -1.47 -23.78 29.39
C LYS A 616 -1.72 -23.14 28.02
N ILE A 617 -0.67 -22.52 27.48
CA ILE A 617 -0.71 -21.92 26.14
C ILE A 617 0.56 -22.30 25.39
N TYR A 618 0.44 -22.46 24.08
CA TYR A 618 1.51 -22.99 23.24
C TYR A 618 2.36 -21.88 22.63
N ILE A 619 3.66 -22.16 22.48
CA ILE A 619 4.66 -21.10 22.35
C ILE A 619 4.54 -20.38 21.00
N GLY A 620 4.70 -21.12 19.90
CA GLY A 620 4.82 -20.47 18.61
C GLY A 620 3.60 -19.69 18.15
N ASP A 621 2.45 -19.88 18.80
CA ASP A 621 1.18 -19.38 18.29
C ASP A 621 0.80 -18.06 18.96
N ASP A 622 -0.24 -17.43 18.42
CA ASP A 622 -0.95 -16.34 19.08
C ASP A 622 -2.21 -16.93 19.70
N ASN A 623 -2.17 -17.11 21.02
CA ASN A 623 -3.23 -17.86 21.67
C ASN A 623 -4.26 -16.91 22.27
N PRO A 624 -5.55 -17.17 22.04
CA PRO A 624 -6.59 -16.44 22.77
C PRO A 624 -6.62 -16.87 24.23
N LEU A 625 -6.46 -15.88 25.12
CA LEU A 625 -6.44 -16.15 26.57
C LEU A 625 -7.49 -15.26 27.23
N THR A 626 -8.48 -15.88 27.86
CA THR A 626 -9.56 -15.17 28.54
C THR A 626 -9.45 -15.40 30.04
N LEU A 627 -9.16 -14.33 30.78
CA LEU A 627 -9.08 -14.39 32.24
C LEU A 627 -10.44 -14.02 32.82
N ILE A 628 -10.90 -14.80 33.79
CA ILE A 628 -12.16 -14.55 34.46
C ILE A 628 -11.83 -13.91 35.79
N VAL A 629 -12.15 -12.62 35.93
CA VAL A 629 -11.82 -11.82 37.11
C VAL A 629 -13.07 -11.64 37.95
N LYS A 630 -12.92 -11.72 39.27
CA LYS A 630 -13.98 -11.41 40.22
C LYS A 630 -13.48 -10.30 41.14
N ALA A 631 -14.10 -9.13 41.03
CA ALA A 631 -13.75 -7.94 41.80
C ALA A 631 -14.95 -7.60 42.68
N GLN A 632 -14.83 -7.83 43.99
CA GLN A 632 -15.93 -7.57 44.90
C GLN A 632 -15.48 -6.61 45.99
N ASN A 633 -16.43 -5.77 46.43
CA ASN A 633 -16.22 -4.81 47.51
C ASN A 633 -17.16 -5.16 48.65
N GLN A 634 -16.62 -5.78 49.70
CA GLN A 634 -17.43 -6.18 50.84
C GLN A 634 -17.40 -5.19 52.00
N GLY A 635 -16.72 -4.07 51.83
CA GLY A 635 -16.76 -3.02 52.82
C GLY A 635 -17.63 -1.84 52.43
N GLU A 636 -17.30 -0.65 52.93
CA GLU A 636 -18.08 0.54 52.62
C GLU A 636 -17.70 1.06 51.23
N GLY A 637 -18.31 2.17 50.82
CA GLY A 637 -18.20 2.59 49.43
C GLY A 637 -16.76 2.85 49.00
N ALA A 638 -16.50 2.55 47.74
CA ALA A 638 -15.19 2.74 47.13
C ALA A 638 -15.30 3.82 46.06
N TYR A 639 -14.75 5.00 46.33
CA TYR A 639 -14.78 6.10 45.38
C TYR A 639 -13.82 5.81 44.23
N GLU A 640 -14.32 5.93 43.00
CA GLU A 640 -13.51 5.81 41.79
C GLU A 640 -12.75 4.48 41.78
N ALA A 641 -13.51 3.39 41.83
CA ALA A 641 -12.91 2.07 41.82
C ALA A 641 -12.52 1.68 40.41
N GLU A 642 -11.32 1.11 40.27
CA GLU A 642 -10.80 0.65 39.00
C GLU A 642 -9.99 -0.62 39.20
N LEU A 643 -10.14 -1.56 38.27
CA LEU A 643 -9.37 -2.79 38.28
C LEU A 643 -8.09 -2.58 37.50
N ILE A 644 -6.95 -2.86 38.13
CA ILE A 644 -5.65 -2.68 37.50
C ILE A 644 -5.10 -4.08 37.17
N VAL A 645 -5.09 -4.40 35.88
CA VAL A 645 -4.53 -5.64 35.36
C VAL A 645 -3.21 -5.29 34.71
N SER A 646 -2.11 -5.71 35.32
CA SER A 646 -0.77 -5.38 34.84
C SER A 646 -0.25 -6.53 33.98
N ILE A 647 -0.31 -6.37 32.66
CA ILE A 647 0.06 -7.41 31.71
C ILE A 647 1.57 -7.38 31.48
N PRO A 648 2.19 -8.52 31.10
CA PRO A 648 3.66 -8.55 30.97
C PRO A 648 4.13 -8.02 29.63
N LEU A 649 5.44 -8.14 29.38
CA LEU A 649 6.04 -7.66 28.13
C LEU A 649 5.41 -8.29 26.90
N GLN A 650 4.90 -9.52 27.04
CA GLN A 650 4.59 -10.38 25.90
C GLN A 650 3.23 -10.07 25.28
N ALA A 651 2.18 -10.07 26.10
CA ALA A 651 0.81 -10.05 25.61
C ALA A 651 0.26 -8.63 25.55
N ASP A 652 -0.95 -8.50 24.99
CA ASP A 652 -1.68 -7.23 24.97
C ASP A 652 -3.18 -7.53 25.05
N PHE A 653 -3.99 -6.47 25.10
CA PHE A 653 -5.42 -6.58 25.37
C PHE A 653 -6.22 -6.58 24.08
N ILE A 654 -7.30 -7.36 24.08
CA ILE A 654 -8.19 -7.51 22.93
C ILE A 654 -9.52 -6.80 23.17
N GLY A 655 -10.18 -7.12 24.27
CA GLY A 655 -11.50 -6.59 24.53
C GLY A 655 -12.19 -7.39 25.62
N VAL A 656 -13.31 -6.85 26.06
CA VAL A 656 -14.11 -7.52 27.07
C VAL A 656 -15.05 -8.51 26.39
N VAL A 657 -15.43 -9.56 27.11
CA VAL A 657 -16.39 -10.54 26.61
C VAL A 657 -17.80 -10.02 26.82
N ARG A 658 -18.57 -9.93 25.72
CA ARG A 658 -19.95 -9.49 25.76
C ARG A 658 -20.91 -10.53 25.20
N ASN A 659 -20.41 -11.69 24.77
CA ASN A 659 -21.22 -12.76 24.18
C ASN A 659 -21.97 -13.57 25.24
N ASN A 660 -21.81 -13.25 26.52
CA ASN A 660 -22.40 -14.02 27.60
C ASN A 660 -23.02 -13.05 28.60
N GLU A 661 -24.18 -13.43 29.17
CA GLU A 661 -24.85 -12.58 30.14
C GLU A 661 -24.30 -12.74 31.55
N ALA A 662 -23.68 -13.89 31.86
CA ALA A 662 -23.13 -14.13 33.18
C ALA A 662 -21.93 -13.23 33.49
N LEU A 663 -21.32 -12.62 32.46
CA LEU A 663 -20.20 -11.71 32.61
C LEU A 663 -20.61 -10.29 32.21
N ALA A 664 -19.75 -9.34 32.58
CA ALA A 664 -20.06 -7.92 32.52
C ALA A 664 -19.31 -7.24 31.40
N ARG A 665 -19.91 -6.15 30.89
CA ARG A 665 -19.36 -5.37 29.80
C ARG A 665 -18.49 -4.22 30.28
N LEU A 666 -17.79 -4.41 31.40
CA LEU A 666 -16.98 -3.37 32.02
C LEU A 666 -16.23 -2.54 30.98
N SER A 667 -16.36 -1.22 31.10
CA SER A 667 -15.52 -0.33 30.32
C SER A 667 -14.07 -0.52 30.75
N CYS A 668 -13.21 -0.86 29.80
CA CYS A 668 -11.80 -1.08 30.07
C CYS A 668 -10.95 -0.26 29.09
N ALA A 669 -9.69 -0.05 29.45
CA ALA A 669 -8.80 0.67 28.56
C ALA A 669 -7.35 0.25 28.82
N PHE A 670 -6.54 0.39 27.77
CA PHE A 670 -5.13 -0.01 27.78
C PHE A 670 -4.29 1.23 28.07
N LYS A 671 -3.63 1.24 29.22
CA LYS A 671 -2.76 2.34 29.61
C LYS A 671 -1.29 1.94 29.50
N THR A 672 -0.42 2.95 29.37
CA THR A 672 1.01 2.73 29.18
C THR A 672 1.89 3.54 30.12
N GLU A 673 1.34 4.46 30.91
CA GLU A 673 2.12 5.48 31.58
C GLU A 673 3.11 4.89 32.58
N ASN A 674 4.23 5.60 32.77
CA ASN A 674 5.20 5.36 33.84
C ASN A 674 5.77 3.94 33.78
N GLN A 675 6.44 3.63 32.66
CA GLN A 675 7.32 2.46 32.55
C GLN A 675 6.55 1.13 32.59
N THR A 676 5.23 1.17 32.78
CA THR A 676 4.43 -0.04 32.93
C THR A 676 3.15 0.11 32.13
N ARG A 677 2.90 -0.85 31.24
CA ARG A 677 1.61 -0.97 30.57
C ARG A 677 0.69 -1.89 31.39
N GLN A 678 -0.61 -1.65 31.31
CA GLN A 678 -1.59 -2.32 32.17
C GLN A 678 -2.99 -2.05 31.62
N VAL A 679 -3.97 -2.76 32.20
CA VAL A 679 -5.36 -2.66 31.79
C VAL A 679 -6.17 -2.15 32.99
N VAL A 680 -6.89 -1.03 32.80
CA VAL A 680 -7.77 -0.46 33.80
C VAL A 680 -9.22 -0.73 33.40
N CYS A 681 -10.06 -0.96 34.40
CA CYS A 681 -11.47 -1.25 34.18
C CYS A 681 -12.31 -0.54 35.24
N ASP A 682 -13.32 0.21 34.79
CA ASP A 682 -14.17 0.95 35.70
C ASP A 682 -15.11 0.01 36.44
N LEU A 683 -15.00 -0.01 37.77
CA LEU A 683 -15.85 -0.83 38.63
C LEU A 683 -16.97 -0.04 39.29
N GLY A 684 -17.14 1.24 38.95
CA GLY A 684 -18.22 2.02 39.54
C GLY A 684 -17.81 3.14 40.50
N ASN A 685 -18.43 4.31 40.33
CA ASN A 685 -18.10 5.51 41.10
C ASN A 685 -19.36 6.04 41.77
N PRO A 686 -19.67 5.58 42.99
CA PRO A 686 -18.86 4.65 43.78
C PRO A 686 -19.16 3.18 43.52
N MET A 687 -18.24 2.32 43.92
CA MET A 687 -18.48 0.87 43.97
C MET A 687 -19.10 0.56 45.34
N LYS A 688 -20.42 0.39 45.35
CA LYS A 688 -21.20 0.21 46.58
C LYS A 688 -20.82 -1.09 47.30
N ALA A 689 -21.33 -1.22 48.52
CA ALA A 689 -21.03 -2.40 49.34
C ALA A 689 -21.67 -3.64 48.76
N GLY A 690 -21.05 -4.79 49.04
CA GLY A 690 -21.53 -6.10 48.58
C GLY A 690 -21.56 -6.26 47.08
N THR A 691 -21.01 -5.29 46.34
CA THR A 691 -20.95 -5.36 44.89
C THR A 691 -19.98 -6.45 44.47
N GLN A 692 -20.47 -7.41 43.67
CA GLN A 692 -19.64 -8.49 43.13
C GLN A 692 -19.69 -8.39 41.61
N LEU A 693 -18.61 -7.87 41.03
CA LEU A 693 -18.49 -7.79 39.58
C LEU A 693 -17.74 -9.00 39.04
N LEU A 694 -18.17 -9.47 37.87
CA LEU A 694 -17.57 -10.64 37.23
C LEU A 694 -17.56 -10.37 35.73
N ALA A 695 -16.38 -10.46 35.11
CA ALA A 695 -16.25 -10.26 33.68
C ALA A 695 -15.01 -11.00 33.20
N GLY A 696 -14.80 -10.99 31.89
CA GLY A 696 -13.66 -11.64 31.28
C GLY A 696 -12.92 -10.70 30.37
N LEU A 697 -11.61 -10.92 30.30
CA LEU A 697 -10.71 -10.08 29.52
C LEU A 697 -9.96 -10.95 28.52
N ARG A 698 -10.24 -10.75 27.22
CA ARG A 698 -9.58 -11.52 26.17
C ARG A 698 -8.21 -10.92 25.86
N PHE A 699 -7.22 -11.81 25.68
CA PHE A 699 -5.86 -11.38 25.41
C PHE A 699 -5.26 -12.10 24.20
N SER A 700 -3.96 -11.88 23.98
CA SER A 700 -3.23 -12.50 22.87
C SER A 700 -1.76 -12.49 23.27
N VAL A 701 -1.21 -13.68 23.52
CA VAL A 701 0.13 -13.82 24.08
C VAL A 701 1.08 -14.34 23.00
N HIS A 702 2.29 -13.79 22.98
CA HIS A 702 3.39 -14.30 22.18
C HIS A 702 4.64 -14.28 23.05
N GLN A 703 5.26 -15.45 23.20
CA GLN A 703 6.42 -15.60 24.09
C GLN A 703 7.55 -14.67 23.68
N GLN A 704 8.24 -14.10 24.68
CA GLN A 704 9.25 -13.08 24.46
C GLN A 704 10.66 -13.66 24.33
N SER A 705 11.09 -14.48 25.30
CA SER A 705 12.35 -15.20 25.26
C SER A 705 12.07 -16.70 25.20
N GLU A 706 12.83 -17.41 24.36
CA GLU A 706 12.56 -18.83 24.09
C GLU A 706 12.69 -19.71 25.33
N MET A 707 13.16 -19.16 26.44
CA MET A 707 13.23 -19.87 27.72
C MET A 707 12.57 -18.99 28.78
N ASP A 708 11.25 -19.07 28.88
CA ASP A 708 10.47 -18.21 29.75
C ASP A 708 9.63 -18.98 30.77
N THR A 709 9.03 -20.09 30.35
CA THR A 709 8.43 -21.11 31.22
C THR A 709 7.08 -20.72 31.81
N SER A 710 6.67 -19.45 31.69
CA SER A 710 5.42 -19.01 32.31
C SER A 710 5.10 -17.60 31.86
N VAL A 711 3.84 -17.21 32.10
CA VAL A 711 3.36 -15.84 31.96
C VAL A 711 2.62 -15.49 33.24
N LYS A 712 3.07 -14.44 33.93
CA LYS A 712 2.50 -14.01 35.19
C LYS A 712 1.80 -12.66 35.01
N PHE A 713 0.54 -12.60 35.42
CA PHE A 713 -0.22 -11.37 35.52
C PHE A 713 -0.27 -10.93 36.99
N ASP A 714 -0.69 -9.68 37.20
CA ASP A 714 -0.92 -9.16 38.54
C ASP A 714 -2.23 -8.38 38.53
N LEU A 715 -3.10 -8.70 39.48
CA LEU A 715 -4.43 -8.13 39.58
C LEU A 715 -4.55 -7.34 40.88
N GLN A 716 -5.08 -6.12 40.79
CA GLN A 716 -5.26 -5.29 41.98
C GLN A 716 -6.34 -4.26 41.69
N ILE A 717 -7.27 -4.11 42.63
CA ILE A 717 -8.25 -3.03 42.61
C ILE A 717 -7.71 -1.90 43.47
N GLN A 718 -7.91 -0.67 43.02
CA GLN A 718 -7.52 0.48 43.83
C GLN A 718 -8.57 1.57 43.69
N SER A 719 -8.69 2.36 44.75
CA SER A 719 -9.71 3.39 44.86
C SER A 719 -9.11 4.64 45.49
N SER A 720 -9.78 5.76 45.27
CA SER A 720 -9.36 7.07 45.74
C SER A 720 -9.78 7.34 47.20
N ASN A 721 -10.07 6.30 47.98
CA ASN A 721 -10.37 6.47 49.38
C ASN A 721 -9.10 6.79 50.18
N LEU A 722 -9.30 7.21 51.43
CA LEU A 722 -8.15 7.52 52.29
C LEU A 722 -7.62 6.27 52.98
N PHE A 723 -8.51 5.42 53.48
CA PHE A 723 -8.11 4.25 54.25
C PHE A 723 -8.69 2.99 53.62
N ASP A 724 -7.87 1.94 53.58
CA ASP A 724 -8.26 0.65 53.02
C ASP A 724 -8.70 0.79 51.56
N LYS A 725 -7.86 1.47 50.77
CA LYS A 725 -8.22 1.92 49.43
C LYS A 725 -7.69 1.02 48.32
N VAL A 726 -7.12 -0.13 48.65
CA VAL A 726 -6.55 -1.04 47.67
C VAL A 726 -6.83 -2.47 48.09
N SER A 727 -6.97 -3.35 47.10
CA SER A 727 -7.09 -4.78 47.32
C SER A 727 -5.71 -5.42 47.38
N PRO A 728 -5.60 -6.61 47.98
CA PRO A 728 -4.34 -7.34 47.89
C PRO A 728 -4.00 -7.65 46.44
N VAL A 729 -2.70 -7.70 46.14
CA VAL A 729 -2.29 -8.01 44.77
C VAL A 729 -2.40 -9.51 44.55
N VAL A 730 -3.05 -9.90 43.45
CA VAL A 730 -3.19 -11.30 43.07
C VAL A 730 -2.44 -11.52 41.77
N SER A 731 -1.55 -12.51 41.74
CA SER A 731 -0.76 -12.84 40.57
C SER A 731 -1.24 -14.17 40.01
N HIS A 732 -1.79 -14.14 38.79
CA HIS A 732 -2.17 -15.36 38.10
C HIS A 732 -1.07 -15.75 37.13
N LYS A 733 -0.76 -17.05 37.10
CA LYS A 733 0.28 -17.58 36.23
C LYS A 733 -0.34 -18.53 35.21
N VAL A 734 0.11 -18.41 33.95
CA VAL A 734 -0.28 -19.32 32.87
C VAL A 734 0.99 -19.92 32.29
N ASP A 735 1.04 -21.25 32.22
CA ASP A 735 2.25 -21.97 31.85
C ASP A 735 2.38 -22.12 30.33
N LEU A 736 3.56 -21.81 29.80
CA LEU A 736 3.82 -22.03 28.38
C LEU A 736 4.02 -23.52 28.10
N ALA A 737 3.46 -23.99 26.97
CA ALA A 737 3.54 -25.38 26.53
C ALA A 737 4.20 -25.47 25.16
N VAL A 738 4.63 -26.68 24.80
CA VAL A 738 5.26 -26.95 23.51
C VAL A 738 4.33 -27.84 22.69
N LEU A 739 4.01 -27.41 21.47
CA LEU A 739 3.19 -28.21 20.57
C LEU A 739 3.76 -28.08 19.16
N ALA A 740 4.26 -29.19 18.62
CA ALA A 740 4.84 -29.22 17.27
C ALA A 740 4.13 -30.33 16.50
N ALA A 741 3.10 -29.96 15.76
CA ALA A 741 2.40 -30.91 14.90
C ALA A 741 3.28 -31.20 13.69
N VAL A 742 4.17 -32.17 13.79
CA VAL A 742 5.07 -32.52 12.70
C VAL A 742 4.49 -33.73 11.97
N GLU A 743 4.59 -33.72 10.65
CA GLU A 743 4.14 -34.84 9.83
C GLU A 743 5.13 -35.07 8.69
N ILE A 744 5.19 -36.31 8.20
CA ILE A 744 6.09 -36.68 7.11
C ILE A 744 5.25 -37.20 5.95
N ARG A 745 5.50 -36.68 4.76
CA ARG A 745 4.70 -37.00 3.59
C ARG A 745 5.61 -37.48 2.47
N GLY A 746 5.12 -38.44 1.68
CA GLY A 746 5.93 -39.02 0.63
C GLY A 746 5.09 -39.28 -0.60
N VAL A 747 5.79 -39.43 -1.73
CA VAL A 747 5.11 -39.63 -3.02
C VAL A 747 6.13 -40.13 -4.04
N SER A 748 5.65 -40.98 -4.95
CA SER A 748 6.45 -41.51 -6.03
C SER A 748 6.00 -40.90 -7.35
N SER A 749 6.96 -40.56 -8.20
CA SER A 749 6.67 -39.92 -9.49
C SER A 749 7.55 -40.53 -10.58
N PRO A 750 7.03 -41.49 -11.35
CA PRO A 750 5.65 -41.99 -11.26
C PRO A 750 5.42 -42.99 -10.12
N ASP A 751 4.17 -43.42 -9.92
CA ASP A 751 3.84 -44.42 -8.93
C ASP A 751 3.55 -45.78 -9.55
N HIS A 752 3.75 -45.90 -10.85
CA HIS A 752 3.58 -47.17 -11.55
C HIS A 752 4.47 -47.17 -12.78
N VAL A 753 5.04 -48.33 -13.10
CA VAL A 753 5.77 -48.53 -14.35
C VAL A 753 5.17 -49.73 -15.06
N PHE A 754 4.76 -49.53 -16.31
CA PHE A 754 4.13 -50.58 -17.09
C PHE A 754 5.19 -51.32 -17.91
N LEU A 755 5.13 -52.66 -17.87
CA LEU A 755 6.03 -53.53 -18.61
C LEU A 755 5.30 -54.19 -19.78
N PRO A 756 5.98 -54.40 -20.92
CA PRO A 756 7.42 -54.12 -21.11
C PRO A 756 7.72 -52.65 -21.37
N ILE A 757 9.00 -52.30 -21.40
CA ILE A 757 9.44 -50.91 -21.52
C ILE A 757 9.81 -50.65 -22.98
N PRO A 758 9.35 -49.56 -23.58
CA PRO A 758 9.69 -49.29 -24.98
C PRO A 758 11.19 -49.15 -25.22
N ASN A 759 11.63 -49.67 -26.38
CA ASN A 759 13.01 -49.53 -26.85
C ASN A 759 14.01 -50.04 -25.81
N TRP A 760 13.60 -51.05 -25.05
CA TRP A 760 14.42 -51.62 -23.98
C TRP A 760 15.16 -52.84 -24.52
N GLU A 761 16.48 -52.81 -24.44
CA GLU A 761 17.30 -53.94 -24.84
C GLU A 761 18.40 -54.12 -23.81
N HIS A 762 18.63 -55.37 -23.41
CA HIS A 762 19.58 -55.64 -22.33
C HIS A 762 21.00 -55.31 -22.81
N LYS A 763 21.63 -54.34 -22.16
CA LYS A 763 23.01 -54.00 -22.44
C LYS A 763 23.95 -54.82 -21.57
N GLU A 764 25.12 -55.15 -22.12
CA GLU A 764 26.08 -55.98 -21.41
C GLU A 764 26.52 -55.28 -20.13
N ASN A 765 27.13 -54.11 -20.27
CA ASN A 765 27.46 -53.24 -19.14
C ASN A 765 26.68 -51.96 -19.32
N PRO A 766 25.60 -51.75 -18.56
CA PRO A 766 24.80 -50.53 -18.74
C PRO A 766 25.61 -49.28 -18.38
N GLU A 767 25.43 -48.23 -19.18
CA GLU A 767 26.21 -46.99 -19.02
C GLU A 767 25.36 -45.78 -18.68
N THR A 768 24.31 -45.51 -19.45
CA THR A 768 23.44 -44.37 -19.21
C THR A 768 22.13 -44.83 -18.56
N GLU A 769 21.20 -43.89 -18.35
CA GLU A 769 19.91 -44.21 -17.76
C GLU A 769 19.05 -45.01 -18.73
N GLU A 770 19.15 -44.70 -20.04
CA GLU A 770 18.33 -45.38 -21.03
C GLU A 770 18.63 -46.88 -21.06
N ASP A 771 19.87 -47.26 -20.77
CA ASP A 771 20.25 -48.67 -20.73
C ASP A 771 19.74 -49.40 -19.50
N VAL A 772 19.28 -48.68 -18.49
CA VAL A 772 18.84 -49.30 -17.23
C VAL A 772 17.33 -49.34 -17.12
N GLY A 773 16.66 -48.21 -17.33
CA GLY A 773 15.21 -48.18 -17.28
C GLY A 773 14.65 -46.78 -17.08
N PRO A 774 13.35 -46.72 -16.79
CA PRO A 774 12.70 -45.43 -16.51
C PRO A 774 13.19 -44.80 -15.21
N VAL A 775 12.76 -43.56 -14.94
CA VAL A 775 13.15 -42.82 -13.75
C VAL A 775 11.99 -42.87 -12.76
N VAL A 776 12.18 -43.58 -11.66
CA VAL A 776 11.27 -43.53 -10.52
C VAL A 776 11.83 -42.53 -9.52
N GLN A 777 11.01 -41.57 -9.12
CA GLN A 777 11.45 -40.52 -8.18
C GLN A 777 10.59 -40.61 -6.93
N HIS A 778 11.23 -40.86 -5.80
CA HIS A 778 10.56 -40.80 -4.50
C HIS A 778 10.88 -39.45 -3.88
N ILE A 779 9.85 -38.74 -3.43
CA ILE A 779 10.02 -37.47 -2.73
C ILE A 779 9.46 -37.64 -1.33
N TYR A 780 10.31 -37.40 -0.32
CA TYR A 780 9.89 -37.43 1.08
C TYR A 780 9.99 -36.02 1.65
N GLU A 781 8.96 -35.62 2.41
CA GLU A 781 8.89 -34.28 2.97
C GLU A 781 8.61 -34.37 4.46
N LEU A 782 9.42 -33.68 5.25
CA LEU A 782 9.18 -33.56 6.68
C LEU A 782 8.83 -32.10 6.94
N ARG A 783 7.57 -31.85 7.28
CA ARG A 783 7.06 -30.50 7.48
C ARG A 783 6.60 -30.34 8.92
N ASN A 784 6.99 -29.22 9.52
CA ASN A 784 6.51 -28.82 10.84
C ASN A 784 5.39 -27.81 10.69
N ASN A 785 4.19 -28.18 11.12
CA ASN A 785 3.03 -27.31 11.03
C ASN A 785 2.64 -26.69 12.36
N GLY A 786 2.86 -27.40 13.47
CA GLY A 786 2.50 -26.92 14.79
C GLY A 786 3.15 -25.61 15.14
N PRO A 787 2.68 -24.98 16.21
CA PRO A 787 3.19 -23.65 16.60
C PRO A 787 4.65 -23.68 17.00
N SER A 788 4.98 -24.54 17.96
CA SER A 788 6.34 -24.62 18.47
C SER A 788 7.29 -25.16 17.40
N SER A 789 8.54 -24.72 17.48
CA SER A 789 9.58 -25.17 16.60
C SER A 789 10.28 -26.40 17.19
N PHE A 790 11.29 -26.89 16.49
CA PHE A 790 12.25 -27.84 17.06
C PHE A 790 13.63 -27.54 16.48
N SER A 791 14.66 -27.93 17.25
CA SER A 791 16.05 -27.67 16.93
C SER A 791 16.75 -28.81 16.19
N LYS A 792 16.48 -30.07 16.57
CA LYS A 792 17.11 -31.22 15.94
C LYS A 792 16.09 -32.35 15.80
N ALA A 793 16.17 -33.07 14.69
CA ALA A 793 15.41 -34.31 14.56
C ALA A 793 16.14 -35.22 13.58
N MET A 794 15.88 -36.52 13.70
CA MET A 794 16.48 -37.49 12.82
C MET A 794 15.45 -37.99 11.82
N LEU A 795 15.93 -38.46 10.67
CA LEU A 795 15.04 -38.99 9.64
C LEU A 795 15.72 -40.20 9.00
N HIS A 796 14.99 -41.32 8.98
CA HIS A 796 15.52 -42.60 8.51
C HIS A 796 14.73 -43.07 7.29
N LEU A 797 15.45 -43.44 6.24
CA LEU A 797 14.85 -43.95 5.01
C LEU A 797 15.26 -45.40 4.80
N GLN A 798 14.28 -46.27 4.56
CA GLN A 798 14.50 -47.66 4.20
C GLN A 798 14.16 -47.85 2.72
N TRP A 799 15.09 -48.42 1.96
CA TRP A 799 15.00 -48.45 0.50
C TRP A 799 15.29 -49.85 -0.03
N PRO A 800 14.44 -50.39 -0.92
CA PRO A 800 14.65 -51.76 -1.42
C PRO A 800 15.70 -51.84 -2.53
N TYR A 801 16.98 -52.00 -2.18
CA TYR A 801 18.02 -52.04 -3.21
C TYR A 801 17.95 -53.34 -4.01
N LYS A 802 17.93 -54.48 -3.32
CA LYS A 802 18.07 -55.77 -3.97
C LYS A 802 16.98 -56.73 -3.50
N TYR A 803 16.70 -57.71 -4.37
CA TYR A 803 15.85 -58.84 -4.04
C TYR A 803 16.43 -60.07 -4.72
N ASN A 804 16.86 -61.04 -3.91
CA ASN A 804 17.52 -62.24 -4.41
C ASN A 804 18.72 -61.88 -5.26
N ASN A 805 19.55 -60.98 -4.73
CA ASN A 805 20.76 -60.50 -5.41
C ASN A 805 20.44 -59.85 -6.76
N ASN A 806 19.31 -59.14 -6.84
CA ASN A 806 18.90 -58.47 -8.07
C ASN A 806 18.42 -57.06 -7.76
N THR A 807 19.08 -56.06 -8.36
CA THR A 807 18.73 -54.65 -8.13
C THR A 807 17.28 -54.37 -8.50
N LEU A 808 16.63 -53.50 -7.73
CA LEU A 808 15.26 -53.09 -8.02
C LEU A 808 15.16 -51.62 -8.40
N LEU A 809 15.54 -50.71 -7.50
CA LEU A 809 15.46 -49.27 -7.75
C LEU A 809 16.87 -48.71 -7.53
N TYR A 810 17.62 -48.58 -8.62
CA TYR A 810 19.03 -48.21 -8.55
C TYR A 810 19.11 -46.70 -8.31
N ILE A 811 19.56 -46.30 -7.12
CA ILE A 811 19.59 -44.89 -6.77
C ILE A 811 20.76 -44.24 -7.50
N LEU A 812 20.46 -43.24 -8.33
CA LEU A 812 21.49 -42.45 -9.00
C LEU A 812 22.02 -41.35 -8.10
N HIS A 813 21.13 -40.51 -7.60
CA HIS A 813 21.52 -39.32 -6.86
C HIS A 813 20.35 -38.95 -5.95
N TYR A 814 20.67 -38.36 -4.80
CA TYR A 814 19.65 -37.83 -3.90
C TYR A 814 20.01 -36.40 -3.54
N ASP A 815 19.04 -35.49 -3.66
CA ASP A 815 19.18 -34.08 -3.31
C ASP A 815 18.37 -33.76 -2.07
N ILE A 816 18.72 -32.65 -1.41
CA ILE A 816 18.03 -32.23 -0.20
C ILE A 816 17.64 -30.77 -0.34
N ASP A 817 16.47 -30.42 0.18
CA ASP A 817 15.96 -29.05 0.17
C ASP A 817 15.58 -28.71 1.61
N GLY A 818 16.45 -27.95 2.30
CA GLY A 818 16.22 -27.55 3.66
C GLY A 818 17.39 -27.81 4.61
N PRO A 819 17.14 -27.61 5.91
CA PRO A 819 18.16 -27.84 6.98
C PRO A 819 18.39 -29.31 7.28
N MET A 820 19.16 -29.98 6.42
CA MET A 820 19.24 -31.43 6.52
C MET A 820 20.51 -31.93 5.85
N ASN A 821 21.20 -32.86 6.52
CA ASN A 821 22.32 -33.61 5.94
C ASN A 821 21.94 -35.09 5.95
N CYS A 822 22.12 -35.74 4.81
CA CYS A 822 21.79 -37.16 4.70
C CYS A 822 23.03 -37.97 4.36
N THR A 823 23.05 -39.20 4.84
CA THR A 823 24.13 -40.13 4.55
C THR A 823 23.56 -41.52 4.30
N SER A 824 24.03 -42.15 3.24
CA SER A 824 23.58 -43.49 2.86
C SER A 824 24.63 -44.51 3.28
N ASP A 825 24.17 -45.61 3.87
CA ASP A 825 25.08 -46.65 4.37
C ASP A 825 25.68 -47.51 3.27
N MET A 826 25.27 -47.31 2.00
CA MET A 826 25.88 -47.95 0.84
C MET A 826 26.19 -46.86 -0.18
N GLU A 827 27.33 -46.99 -0.87
CA GLU A 827 27.69 -45.99 -1.88
C GLU A 827 26.61 -45.90 -2.96
N ILE A 828 26.15 -44.68 -3.26
CA ILE A 828 25.14 -44.47 -4.30
C ILE A 828 25.85 -44.42 -5.65
N ASN A 829 25.23 -45.02 -6.67
CA ASN A 829 25.76 -45.08 -8.03
C ASN A 829 27.16 -45.69 -8.09
N PRO A 830 27.31 -47.00 -7.81
CA PRO A 830 28.65 -47.61 -7.94
C PRO A 830 29.16 -47.63 -9.36
N LEU A 831 28.26 -47.67 -10.34
CA LEU A 831 28.61 -47.84 -11.74
C LEU A 831 28.87 -46.52 -12.46
N ARG A 832 28.80 -45.39 -11.76
CA ARG A 832 29.03 -44.06 -12.33
C ARG A 832 28.20 -43.87 -13.61
N ILE A 833 26.89 -44.02 -13.44
CA ILE A 833 25.95 -43.82 -14.54
C ILE A 833 25.76 -42.32 -14.75
N LYS A 834 25.88 -41.87 -16.00
CA LYS A 834 25.75 -40.45 -16.29
C LYS A 834 24.27 -40.06 -16.34
N ILE A 835 23.99 -38.85 -16.87
CA ILE A 835 22.62 -38.38 -17.02
C ILE A 835 21.95 -39.03 -18.25
N ASP A 868 -1.95 -62.31 -8.56
CA ASP A 868 -1.89 -61.45 -7.38
C ASP A 868 -0.74 -60.45 -7.52
N ILE A 869 -0.43 -59.73 -6.43
CA ILE A 869 0.67 -58.78 -6.38
C ILE A 869 1.57 -59.13 -5.20
N HIS A 870 2.86 -58.84 -5.32
CA HIS A 870 3.87 -59.20 -4.32
C HIS A 870 4.59 -57.94 -3.84
N THR A 871 4.49 -57.65 -2.53
CA THR A 871 5.08 -56.45 -1.95
C THR A 871 6.55 -56.70 -1.61
N LEU A 872 7.42 -55.78 -1.97
CA LEU A 872 8.85 -55.84 -1.66
C LEU A 872 9.22 -54.64 -0.79
N GLY A 873 9.33 -54.86 0.52
CA GLY A 873 9.33 -53.76 1.47
C GLY A 873 10.50 -53.61 2.42
N CYS A 874 11.66 -54.14 2.04
CA CYS A 874 12.90 -54.03 2.82
C CYS A 874 12.82 -54.87 4.10
N GLY A 875 11.66 -55.44 4.39
CA GLY A 875 11.57 -56.52 5.35
C GLY A 875 11.71 -57.90 4.74
N VAL A 876 11.69 -57.98 3.41
CA VAL A 876 11.95 -59.22 2.69
C VAL A 876 12.95 -58.92 1.57
N ALA A 877 13.54 -57.72 1.58
CA ALA A 877 14.50 -57.32 0.56
C ALA A 877 15.75 -56.76 1.21
N GLN A 878 16.81 -56.67 0.40
CA GLN A 878 18.08 -56.11 0.85
C GLN A 878 17.97 -54.60 0.97
N CYS A 879 18.09 -54.10 2.19
CA CYS A 879 17.72 -52.74 2.52
C CYS A 879 18.93 -51.82 2.46
N LEU A 880 18.81 -50.77 1.67
CA LEU A 880 19.77 -49.68 1.65
C LEU A 880 19.20 -48.56 2.51
N LYS A 881 19.93 -48.15 3.54
CA LYS A 881 19.43 -47.17 4.49
C LYS A 881 19.99 -45.78 4.18
N ILE A 882 19.14 -44.76 4.30
CA ILE A 882 19.58 -43.38 4.22
C ILE A 882 19.14 -42.71 5.52
N VAL A 883 20.10 -42.12 6.23
CA VAL A 883 19.87 -41.47 7.51
C VAL A 883 20.15 -39.98 7.36
N CYS A 884 19.18 -39.15 7.75
CA CYS A 884 19.28 -37.70 7.64
C CYS A 884 19.25 -37.04 9.01
N GLN A 885 19.97 -35.93 9.12
CA GLN A 885 20.04 -35.15 10.36
C GLN A 885 19.34 -33.82 10.06
N VAL A 886 18.18 -33.59 10.68
CA VAL A 886 17.38 -32.38 10.43
C VAL A 886 17.70 -31.32 11.48
N GLY A 887 18.03 -30.12 11.01
CA GLY A 887 18.21 -28.98 11.89
C GLY A 887 16.90 -28.38 12.40
N ARG A 888 16.88 -27.05 12.51
CA ARG A 888 15.76 -26.33 13.12
C ARG A 888 14.67 -26.07 12.09
N LEU A 889 13.49 -26.63 12.33
CA LEU A 889 12.30 -26.37 11.52
C LEU A 889 11.34 -25.51 12.33
N ASP A 890 11.00 -24.36 11.78
CA ASP A 890 10.12 -23.41 12.47
C ASP A 890 8.67 -23.69 12.05
N ARG A 891 7.76 -22.75 12.38
CA ARG A 891 6.32 -22.99 12.30
C ARG A 891 5.84 -23.46 10.94
N GLY A 892 6.46 -23.02 9.86
CA GLY A 892 6.01 -23.48 8.55
C GLY A 892 7.12 -23.90 7.61
N LYS A 893 8.22 -24.41 8.14
CA LYS A 893 9.36 -24.81 7.33
C LYS A 893 9.34 -26.32 7.11
N SER A 894 9.79 -26.73 5.91
CA SER A 894 9.90 -28.15 5.61
C SER A 894 11.34 -28.52 5.25
N ALA A 895 11.62 -29.81 5.38
CA ALA A 895 12.86 -30.41 4.93
C ALA A 895 12.46 -31.55 4.00
N ILE A 896 13.06 -31.59 2.83
CA ILE A 896 12.62 -32.49 1.77
C ILE A 896 13.82 -33.24 1.24
N LEU A 897 13.64 -34.53 0.98
CA LEU A 897 14.65 -35.40 0.40
C LEU A 897 14.15 -35.91 -0.94
N TYR A 898 14.91 -35.65 -2.00
CA TYR A 898 14.59 -36.09 -3.36
C TYR A 898 15.47 -37.28 -3.73
N VAL A 899 14.85 -38.44 -4.01
CA VAL A 899 15.57 -39.65 -4.37
C VAL A 899 15.26 -39.99 -5.82
N LYS A 900 16.23 -39.76 -6.72
CA LYS A 900 16.10 -40.08 -8.14
C LYS A 900 16.72 -41.46 -8.41
N SER A 901 15.86 -42.44 -8.71
CA SER A 901 16.31 -43.81 -8.95
C SER A 901 15.89 -44.27 -10.35
N LEU A 902 16.49 -45.38 -10.78
CA LEU A 902 16.13 -46.04 -12.04
C LEU A 902 15.57 -47.42 -11.75
N LEU A 903 14.62 -47.84 -12.56
CA LEU A 903 14.10 -49.19 -12.48
C LEU A 903 15.07 -50.15 -13.17
N TRP A 904 15.60 -51.10 -12.40
CA TRP A 904 16.51 -52.08 -12.97
C TRP A 904 15.69 -53.04 -13.81
N THR A 905 15.61 -52.78 -15.12
CA THR A 905 14.75 -53.56 -16.00
C THR A 905 15.30 -54.97 -16.18
N GLU A 906 16.62 -55.09 -16.33
CA GLU A 906 17.27 -56.39 -16.46
C GLU A 906 16.73 -57.40 -15.47
N THR A 907 16.32 -56.94 -14.27
CA THR A 907 15.76 -57.85 -13.29
C THR A 907 14.38 -58.36 -13.69
N PHE A 908 13.47 -57.45 -14.01
CA PHE A 908 12.06 -57.81 -14.20
C PHE A 908 11.79 -58.53 -15.52
N MET A 909 12.83 -58.81 -16.31
CA MET A 909 12.72 -59.60 -17.54
C MET A 909 13.65 -60.79 -17.37
N ASN A 910 13.17 -61.82 -16.68
CA ASN A 910 13.98 -62.98 -16.34
C ASN A 910 13.05 -64.04 -15.78
N LYS A 911 13.62 -65.12 -15.24
CA LYS A 911 12.88 -66.00 -14.37
C LYS A 911 12.64 -65.35 -13.01
N GLU A 912 12.81 -64.02 -12.97
CA GLU A 912 12.36 -63.13 -11.92
C GLU A 912 10.86 -62.99 -12.08
N ASN A 913 10.27 -63.94 -12.80
CA ASN A 913 8.82 -64.09 -12.92
C ASN A 913 8.23 -62.87 -13.63
N GLN A 914 8.76 -62.64 -14.83
CA GLN A 914 8.06 -61.80 -15.80
C GLN A 914 6.60 -62.23 -15.88
N ASN A 915 5.71 -61.25 -15.99
CA ASN A 915 4.24 -61.36 -15.93
C ASN A 915 3.76 -61.50 -14.48
N HIS A 916 4.63 -61.24 -13.50
CA HIS A 916 4.24 -61.10 -12.10
C HIS A 916 4.41 -59.65 -11.66
N SER A 917 3.43 -59.15 -10.90
CA SER A 917 3.38 -57.75 -10.51
C SER A 917 4.02 -57.54 -9.15
N TYR A 918 4.80 -56.47 -9.03
CA TYR A 918 5.56 -56.17 -7.83
C TYR A 918 5.24 -54.76 -7.35
N SER A 919 5.25 -54.60 -6.04
CA SER A 919 5.02 -53.32 -5.39
C SER A 919 6.28 -52.92 -4.63
N LEU A 920 7.09 -52.04 -5.22
CA LEU A 920 8.35 -51.61 -4.61
C LEU A 920 8.06 -50.59 -3.52
N LYS A 921 8.24 -50.99 -2.26
CA LYS A 921 7.78 -50.22 -1.11
C LYS A 921 8.98 -49.66 -0.35
N SER A 922 9.00 -48.36 -0.18
CA SER A 922 9.99 -47.70 0.67
C SER A 922 9.26 -47.01 1.81
N SER A 923 9.93 -46.90 2.96
CA SER A 923 9.34 -46.25 4.12
C SER A 923 10.28 -45.18 4.63
N ALA A 924 9.72 -44.24 5.40
CA ALA A 924 10.53 -43.19 6.01
C ALA A 924 9.92 -42.82 7.36
N SER A 925 10.79 -42.64 8.35
CA SER A 925 10.40 -42.28 9.71
C SER A 925 11.27 -41.13 10.19
N PHE A 926 10.76 -40.43 11.21
CA PHE A 926 11.47 -39.33 11.84
C PHE A 926 11.24 -39.39 13.34
N ASN A 927 12.15 -38.80 14.10
CA ASN A 927 12.01 -38.67 15.54
C ASN A 927 12.56 -37.30 15.90
N VAL A 928 11.74 -36.47 16.55
CA VAL A 928 12.16 -35.14 16.97
C VAL A 928 12.85 -35.29 18.32
N ILE A 929 14.13 -34.94 18.39
CA ILE A 929 14.94 -35.24 19.55
C ILE A 929 15.17 -34.01 20.44
N GLU A 930 15.12 -32.80 19.87
CA GLU A 930 15.46 -31.61 20.63
C GLU A 930 14.59 -30.42 20.22
N PHE A 931 14.35 -29.55 21.20
CA PHE A 931 13.55 -28.34 21.04
C PHE A 931 14.34 -27.16 21.59
N PRO A 932 14.20 -25.97 20.98
CA PRO A 932 14.95 -24.80 21.46
C PRO A 932 14.49 -24.28 22.81
N TYR A 933 13.25 -24.58 23.22
CA TYR A 933 12.71 -24.12 24.49
C TYR A 933 13.10 -25.12 25.57
N LYS A 934 13.95 -24.68 26.50
CA LYS A 934 14.35 -25.53 27.61
C LYS A 934 13.43 -25.28 28.81
N ASN A 935 13.65 -26.02 29.89
CA ASN A 935 12.86 -25.94 31.13
C ASN A 935 11.38 -26.22 30.91
N LEU A 936 11.04 -26.98 29.86
CA LEU A 936 9.66 -27.22 29.48
C LEU A 936 9.39 -28.69 29.24
N PRO A 937 8.18 -29.15 29.54
CA PRO A 937 7.85 -30.58 29.35
C PRO A 937 7.75 -30.99 27.89
N ILE A 938 8.91 -31.16 27.23
CA ILE A 938 8.92 -31.66 25.85
C ILE A 938 8.69 -33.16 25.88
N GLU A 939 7.85 -33.65 24.94
CA GLU A 939 7.70 -35.08 24.71
C GLU A 939 7.95 -35.37 23.23
N ASP A 940 8.59 -36.51 22.96
CA ASP A 940 9.09 -36.77 21.61
C ASP A 940 7.95 -37.01 20.61
N ILE A 941 8.27 -36.79 19.34
CA ILE A 941 7.34 -36.90 18.22
C ILE A 941 7.96 -37.87 17.23
N THR A 942 7.29 -38.99 16.99
CA THR A 942 7.74 -39.97 16.00
C THR A 942 6.58 -40.29 15.09
N ASN A 943 6.85 -40.42 13.80
CA ASN A 943 5.85 -40.94 12.88
C ASN A 943 6.56 -41.40 11.61
N SER A 944 5.83 -42.15 10.79
CA SER A 944 6.43 -42.75 9.62
C SER A 944 5.39 -42.80 8.50
N THR A 945 5.89 -42.97 7.28
CA THR A 945 5.05 -43.12 6.12
C THR A 945 5.74 -44.03 5.12
N LEU A 946 4.99 -44.46 4.11
CA LEU A 946 5.52 -45.38 3.11
C LEU A 946 5.09 -44.95 1.72
N VAL A 947 6.00 -45.13 0.77
CA VAL A 947 5.83 -44.77 -0.64
C VAL A 947 6.04 -46.02 -1.50
N THR A 948 5.12 -46.25 -2.42
CA THR A 948 5.14 -47.45 -3.24
C THR A 948 5.24 -47.10 -4.71
N THR A 949 5.94 -47.93 -5.48
CA THR A 949 6.03 -47.82 -6.93
C THR A 949 5.63 -49.17 -7.49
N ASN A 950 4.40 -49.28 -8.00
CA ASN A 950 3.83 -50.53 -8.48
C ASN A 950 4.25 -50.76 -9.92
N VAL A 951 5.23 -51.63 -10.13
CA VAL A 951 5.63 -52.09 -11.45
C VAL A 951 4.81 -53.34 -11.78
N THR A 952 4.15 -53.34 -12.93
CA THR A 952 3.24 -54.41 -13.27
C THR A 952 3.15 -54.53 -14.79
N TRP A 953 2.46 -55.59 -15.24
CA TRP A 953 2.37 -55.90 -16.68
C TRP A 953 0.99 -55.53 -17.20
N GLY A 954 0.94 -54.55 -18.11
CA GLY A 954 -0.32 -54.17 -18.73
C GLY A 954 -0.81 -55.12 -19.80
N ILE A 955 0.10 -55.86 -20.44
CA ILE A 955 -0.22 -56.91 -21.41
C ILE A 955 0.60 -58.14 -21.08
N GLN A 956 0.36 -59.22 -21.81
CA GLN A 956 1.08 -60.48 -21.60
C GLN A 956 2.56 -60.33 -21.97
N GLY B 1 -43.30 -5.17 23.87
CA GLY B 1 -42.39 -5.43 22.76
C GLY B 1 -41.04 -4.76 22.88
N PRO B 2 -40.13 -5.36 23.67
CA PRO B 2 -38.75 -4.84 23.79
C PRO B 2 -37.83 -5.27 22.65
N ASN B 3 -37.90 -4.52 21.54
CA ASN B 3 -37.04 -4.76 20.38
C ASN B 3 -36.17 -3.54 20.13
N ILE B 4 -35.28 -3.68 19.14
CA ILE B 4 -34.30 -2.63 18.83
C ILE B 4 -34.99 -1.37 18.31
N CYS B 5 -36.09 -1.54 17.57
CA CYS B 5 -36.83 -0.38 17.05
C CYS B 5 -37.43 0.47 18.16
N THR B 6 -38.06 -0.19 19.14
CA THR B 6 -38.70 0.50 20.27
C THR B 6 -37.70 1.20 21.18
N THR B 7 -36.40 0.95 21.00
CA THR B 7 -35.36 1.45 21.90
C THR B 7 -34.69 2.71 21.37
N ARG B 8 -34.13 2.64 20.16
CA ARG B 8 -33.34 3.74 19.62
C ARG B 8 -34.11 4.62 18.63
N GLY B 9 -35.39 4.36 18.42
CA GLY B 9 -36.11 5.09 17.40
C GLY B 9 -37.28 5.92 17.88
N VAL B 10 -37.50 5.97 19.20
CA VAL B 10 -38.66 6.66 19.76
C VAL B 10 -38.54 8.18 19.71
N SER B 11 -37.42 8.72 19.22
CA SER B 11 -37.25 10.17 19.17
C SER B 11 -38.12 10.81 18.09
N SER B 12 -37.94 10.41 16.83
CA SER B 12 -38.72 10.96 15.71
C SER B 12 -38.73 9.93 14.59
N CYS B 13 -39.39 10.30 13.48
CA CYS B 13 -39.44 9.40 12.32
C CYS B 13 -38.07 9.27 11.66
N GLN B 14 -37.31 10.37 11.59
CA GLN B 14 -36.01 10.35 10.93
C GLN B 14 -35.06 9.36 11.59
N GLN B 15 -34.92 9.44 12.90
CA GLN B 15 -34.05 8.55 13.65
C GLN B 15 -34.67 7.17 13.88
N CYS B 16 -35.97 7.01 13.62
CA CYS B 16 -36.59 5.69 13.74
C CYS B 16 -36.29 4.83 12.53
N LEU B 17 -36.36 5.41 11.32
CA LEU B 17 -35.99 4.68 10.11
C LEU B 17 -34.53 4.26 10.13
N ALA B 18 -33.67 5.07 10.76
CA ALA B 18 -32.24 4.80 10.81
C ALA B 18 -31.86 3.71 11.80
N VAL B 19 -32.77 3.27 12.67
CA VAL B 19 -32.43 2.23 13.65
C VAL B 19 -32.12 0.92 12.96
N SER B 20 -33.10 0.37 12.25
CA SER B 20 -32.98 -0.90 11.54
C SER B 20 -33.88 -0.85 10.32
N PRO B 21 -33.52 -1.56 9.24
CA PRO B 21 -34.43 -1.65 8.09
C PRO B 21 -35.78 -2.28 8.40
N MET B 22 -35.96 -2.84 9.60
CA MET B 22 -37.20 -3.50 10.00
C MET B 22 -38.16 -2.60 10.77
N CYS B 23 -37.79 -1.36 11.05
CA CYS B 23 -38.60 -0.49 11.88
C CYS B 23 -39.67 0.24 11.08
N ALA B 24 -40.75 0.61 11.77
CA ALA B 24 -41.85 1.39 11.21
C ALA B 24 -42.14 2.56 12.15
N TRP B 25 -43.06 3.44 11.73
CA TRP B 25 -43.38 4.62 12.50
C TRP B 25 -44.86 4.94 12.31
N CYS B 26 -45.48 5.50 13.36
CA CYS B 26 -46.90 5.86 13.36
C CYS B 26 -47.03 7.38 13.36
N SER B 27 -47.47 7.95 12.23
CA SER B 27 -47.55 9.41 12.09
C SER B 27 -48.75 9.99 12.83
N ASP B 28 -49.94 9.39 12.68
CA ASP B 28 -51.15 10.01 13.17
C ASP B 28 -51.24 9.94 14.69
N GLU B 29 -52.19 10.69 15.24
CA GLU B 29 -52.39 10.87 16.67
C GLU B 29 -53.29 9.81 17.27
N ALA B 30 -53.36 8.63 16.65
CA ALA B 30 -54.13 7.51 17.18
C ALA B 30 -53.47 7.03 18.47
N LEU B 31 -54.06 7.41 19.61
CA LEU B 31 -53.59 7.05 20.95
C LEU B 31 -52.16 7.54 21.17
N PRO B 32 -51.95 8.88 21.25
CA PRO B 32 -50.59 9.43 21.30
C PRO B 32 -50.02 9.56 22.72
N LEU B 33 -50.07 8.45 23.47
CA LEU B 33 -49.42 8.35 24.78
C LEU B 33 -49.56 6.92 25.28
N GLY B 34 -48.58 6.50 26.08
CA GLY B 34 -48.56 5.15 26.62
C GLY B 34 -48.30 4.05 25.61
N SER B 35 -47.91 4.38 24.38
CA SER B 35 -47.73 3.44 23.29
C SER B 35 -46.43 3.71 22.56
N PRO B 36 -45.75 2.67 22.07
CA PRO B 36 -44.51 2.88 21.32
C PRO B 36 -44.77 3.30 19.89
N ARG B 37 -43.89 4.14 19.37
CA ARG B 37 -44.08 4.75 18.06
C ARG B 37 -43.16 4.20 16.97
N CYS B 38 -42.03 3.58 17.33
CA CYS B 38 -41.05 3.10 16.35
C CYS B 38 -41.06 1.59 16.20
N ASP B 39 -42.07 0.89 16.73
CA ASP B 39 -42.07 -0.56 16.68
C ASP B 39 -42.20 -1.06 15.22
N LEU B 40 -42.15 -2.38 15.06
CA LEU B 40 -42.20 -3.01 13.74
C LEU B 40 -43.52 -2.72 13.02
N LYS B 41 -43.64 -3.18 11.77
CA LYS B 41 -44.90 -2.97 11.05
C LYS B 41 -46.04 -3.78 11.67
N GLU B 42 -45.78 -5.04 12.03
CA GLU B 42 -46.82 -5.91 12.58
C GLU B 42 -47.21 -5.55 14.01
N ASN B 43 -46.24 -5.11 14.82
CA ASN B 43 -46.56 -4.66 16.18
C ASN B 43 -47.22 -3.29 16.17
N LEU B 44 -46.96 -2.48 15.14
CA LEU B 44 -47.74 -1.28 14.84
C LEU B 44 -49.02 -1.59 14.05
N LEU B 45 -49.23 -2.85 13.68
CA LEU B 45 -50.44 -3.29 13.00
C LEU B 45 -51.52 -3.73 13.98
N LYS B 46 -51.15 -4.52 15.00
CA LYS B 46 -52.11 -4.93 16.03
C LYS B 46 -52.65 -3.72 16.77
N ASP B 47 -51.76 -2.93 17.37
CA ASP B 47 -52.12 -1.61 17.87
C ASP B 47 -52.33 -0.70 16.66
N ASN B 48 -53.59 -0.47 16.32
CA ASN B 48 -53.98 -0.08 14.97
C ASN B 48 -53.52 1.35 14.65
N CYS B 49 -52.41 1.46 13.93
CA CYS B 49 -52.07 2.66 13.18
C CYS B 49 -52.18 2.39 11.68
N ALA B 50 -53.01 1.41 11.31
CA ALA B 50 -52.99 0.80 9.98
C ALA B 50 -53.04 1.76 8.80
N PRO B 51 -53.77 2.90 8.82
CA PRO B 51 -53.84 3.74 7.61
C PRO B 51 -52.53 4.38 7.21
N GLU B 52 -52.58 5.28 6.22
CA GLU B 52 -51.44 6.05 5.73
C GLU B 52 -50.65 6.71 6.87
N SER B 53 -51.25 6.71 8.06
CA SER B 53 -50.54 7.07 9.29
C SER B 53 -49.21 6.33 9.45
N ILE B 54 -49.07 5.14 8.83
CA ILE B 54 -47.84 4.37 8.92
C ILE B 54 -46.83 4.86 7.89
N GLU B 55 -45.63 5.18 8.36
CA GLU B 55 -44.51 5.59 7.50
C GLU B 55 -43.52 4.42 7.49
N PHE B 56 -43.46 3.72 6.36
CA PHE B 56 -42.63 2.51 6.26
C PHE B 56 -42.19 2.34 4.81
N PRO B 57 -41.05 2.92 4.44
CA PRO B 57 -40.47 2.65 3.11
C PRO B 57 -39.79 1.29 3.07
N VAL B 58 -39.62 0.79 1.85
CA VAL B 58 -38.93 -0.48 1.62
C VAL B 58 -37.91 -0.30 0.49
N SER B 59 -36.75 -0.93 0.65
CA SER B 59 -35.68 -0.84 -0.34
C SER B 59 -35.95 -1.75 -1.52
N GLU B 60 -35.53 -1.31 -2.70
CA GLU B 60 -35.83 -2.04 -3.93
C GLU B 60 -34.76 -1.76 -4.97
N ALA B 61 -34.65 -2.68 -5.92
CA ALA B 61 -33.79 -2.50 -7.09
C ALA B 61 -34.63 -2.83 -8.33
N ARG B 62 -35.19 -1.80 -8.96
CA ARG B 62 -35.98 -1.98 -10.17
C ARG B 62 -35.08 -1.94 -11.40
N VAL B 63 -35.35 -2.84 -12.35
CA VAL B 63 -34.66 -2.83 -13.62
C VAL B 63 -35.40 -1.88 -14.56
N LEU B 64 -34.68 -0.87 -15.06
CA LEU B 64 -35.22 0.11 -15.99
C LEU B 64 -34.92 -0.22 -17.44
N GLU B 65 -33.85 -0.99 -17.70
CA GLU B 65 -33.56 -1.44 -19.06
C GLU B 65 -32.82 -2.76 -19.02
N ASP B 66 -33.30 -3.77 -19.77
CA ASP B 66 -32.51 -4.98 -19.98
C ASP B 66 -32.76 -5.50 -21.39
N ARG B 67 -31.93 -5.07 -22.32
CA ARG B 67 -31.97 -5.62 -23.65
C ARG B 67 -31.32 -7.00 -23.66
N PRO B 68 -31.85 -7.91 -24.44
CA PRO B 68 -31.27 -9.26 -24.50
C PRO B 68 -29.84 -9.28 -25.05
N LEU B 69 -29.03 -10.19 -24.51
CA LEU B 69 -27.69 -10.41 -25.03
C LEU B 69 -27.73 -10.81 -26.49
N SER B 70 -26.98 -10.09 -27.32
CA SER B 70 -26.85 -10.36 -28.74
C SER B 70 -26.21 -11.73 -28.98
N ASP B 71 -26.42 -12.27 -30.18
CA ASP B 71 -25.80 -13.53 -30.56
C ASP B 71 -24.54 -13.34 -31.38
N LYS B 72 -24.48 -12.29 -32.21
CA LYS B 72 -23.36 -12.04 -33.09
C LYS B 72 -22.99 -10.56 -33.04
N GLY B 73 -21.76 -10.26 -33.44
CA GLY B 73 -21.25 -8.90 -33.47
C GLY B 73 -21.62 -8.09 -34.70
N SER B 74 -22.22 -8.72 -35.70
CA SER B 74 -22.70 -8.00 -36.87
C SER B 74 -23.96 -7.21 -36.53
N GLY B 75 -23.88 -5.88 -36.63
CA GLY B 75 -24.99 -5.02 -36.27
C GLY B 75 -26.09 -5.00 -37.31
N ASP B 76 -26.62 -6.19 -37.64
CA ASP B 76 -27.68 -6.33 -38.64
C ASP B 76 -28.94 -5.60 -38.20
N SER B 77 -29.57 -6.09 -37.13
CA SER B 77 -30.91 -5.60 -36.82
C SER B 77 -30.88 -4.31 -36.00
N SER B 78 -30.37 -4.38 -34.77
CA SER B 78 -30.46 -3.24 -33.85
C SER B 78 -29.11 -2.72 -33.38
N GLN B 79 -28.33 -3.53 -32.66
CA GLN B 79 -27.01 -3.15 -32.15
C GLN B 79 -26.39 -4.34 -31.44
N VAL B 80 -25.17 -4.19 -30.90
CA VAL B 80 -24.53 -5.23 -30.11
C VAL B 80 -24.79 -4.94 -28.64
N THR B 81 -25.08 -5.99 -27.86
CA THR B 81 -25.35 -5.84 -26.42
C THR B 81 -24.73 -7.01 -25.67
N GLN B 82 -23.70 -6.72 -24.87
CA GLN B 82 -22.95 -7.76 -24.19
C GLN B 82 -23.19 -7.81 -22.68
N VAL B 83 -24.06 -6.95 -22.15
CA VAL B 83 -24.35 -6.87 -20.72
C VAL B 83 -25.84 -6.66 -20.55
N SER B 84 -26.43 -7.32 -19.54
CA SER B 84 -27.83 -7.18 -19.21
C SER B 84 -27.97 -7.44 -17.73
N PRO B 85 -28.78 -6.66 -17.01
CA PRO B 85 -29.51 -5.48 -17.50
C PRO B 85 -28.61 -4.27 -17.81
N GLN B 86 -29.19 -3.11 -18.14
CA GLN B 86 -28.45 -1.90 -18.52
C GLN B 86 -28.57 -0.78 -17.49
N ARG B 87 -29.77 -0.51 -16.97
CA ARG B 87 -30.00 0.48 -15.93
C ARG B 87 -30.85 -0.16 -14.84
N ILE B 88 -30.29 -0.30 -13.65
CA ILE B 88 -31.06 -0.63 -12.46
C ILE B 88 -31.30 0.67 -11.71
N ALA B 89 -32.45 0.79 -11.07
CA ALA B 89 -32.71 1.86 -10.13
C ALA B 89 -32.62 1.26 -8.74
N LEU B 90 -31.70 1.77 -7.92
CA LEU B 90 -31.54 1.33 -6.55
C LEU B 90 -32.21 2.33 -5.63
N ARG B 91 -33.04 1.82 -4.71
CA ARG B 91 -33.68 2.64 -3.69
C ARG B 91 -33.29 2.03 -2.35
N LEU B 92 -32.62 2.81 -1.50
CA LEU B 92 -31.97 2.28 -0.32
C LEU B 92 -32.45 2.98 0.95
N ARG B 93 -32.61 2.19 2.01
CA ARG B 93 -32.89 2.65 3.35
C ARG B 93 -31.61 2.73 4.15
N PRO B 94 -31.62 3.42 5.29
CA PRO B 94 -30.43 3.46 6.14
C PRO B 94 -30.01 2.07 6.61
N ASP B 95 -28.72 1.79 6.46
CA ASP B 95 -28.09 0.54 6.89
C ASP B 95 -28.62 -0.68 6.16
N ASP B 96 -29.25 -0.47 5.00
CA ASP B 96 -29.91 -1.54 4.28
C ASP B 96 -29.11 -1.93 3.04
N SER B 97 -29.44 -3.11 2.51
CA SER B 97 -28.77 -3.66 1.34
C SER B 97 -29.84 -4.28 0.45
N LYS B 98 -29.48 -4.45 -0.82
CA LYS B 98 -30.39 -5.07 -1.78
C LYS B 98 -29.52 -5.64 -2.87
N ASN B 99 -29.59 -6.94 -3.10
CA ASN B 99 -28.71 -7.58 -4.06
C ASN B 99 -29.41 -7.71 -5.41
N PHE B 100 -28.60 -7.71 -6.48
CA PHE B 100 -29.05 -7.93 -7.86
C PHE B 100 -27.96 -8.71 -8.58
N SER B 101 -28.06 -8.79 -9.91
CA SER B 101 -27.11 -9.60 -10.69
C SER B 101 -27.01 -9.06 -12.11
N ILE B 102 -26.01 -9.56 -12.84
CA ILE B 102 -25.67 -9.02 -14.15
C ILE B 102 -25.00 -10.13 -14.96
N GLN B 103 -25.31 -10.18 -16.26
CA GLN B 103 -24.76 -11.19 -17.15
C GLN B 103 -23.88 -10.53 -18.21
N VAL B 104 -22.75 -11.16 -18.53
CA VAL B 104 -21.78 -10.62 -19.46
C VAL B 104 -21.41 -11.70 -20.46
N ARG B 105 -21.34 -11.31 -21.74
CA ARG B 105 -21.14 -12.25 -22.84
C ARG B 105 -20.18 -11.62 -23.83
N GLN B 106 -19.10 -12.31 -24.14
CA GLN B 106 -18.19 -11.89 -25.21
C GLN B 106 -18.75 -12.45 -26.52
N VAL B 107 -19.53 -11.62 -27.23
CA VAL B 107 -20.22 -12.11 -28.43
C VAL B 107 -19.21 -12.46 -29.52
N GLU B 108 -19.69 -13.21 -30.50
CA GLU B 108 -18.86 -13.60 -31.62
C GLU B 108 -18.93 -12.59 -32.74
N ASP B 109 -17.95 -12.66 -33.65
CA ASP B 109 -17.85 -11.74 -34.78
C ASP B 109 -17.88 -10.29 -34.30
N TYR B 110 -17.21 -10.04 -33.17
CA TYR B 110 -17.11 -8.68 -32.67
C TYR B 110 -16.13 -7.87 -33.52
N PRO B 111 -16.48 -6.65 -33.91
CA PRO B 111 -15.56 -5.86 -34.75
C PRO B 111 -14.29 -5.50 -33.97
N VAL B 112 -13.14 -5.61 -34.64
CA VAL B 112 -11.84 -5.41 -34.00
C VAL B 112 -11.12 -4.23 -34.64
N ASP B 113 -10.53 -3.38 -33.80
CA ASP B 113 -9.69 -2.27 -34.23
C ASP B 113 -8.25 -2.54 -33.81
N ILE B 114 -7.31 -2.28 -34.71
CA ILE B 114 -5.89 -2.49 -34.44
C ILE B 114 -5.12 -1.25 -34.87
N TYR B 115 -4.60 -0.51 -33.90
CA TYR B 115 -3.64 0.57 -34.14
C TYR B 115 -2.24 0.08 -33.79
N TYR B 116 -1.27 0.50 -34.59
CA TYR B 116 0.05 -0.10 -34.57
C TYR B 116 1.07 1.01 -34.35
N LEU B 117 1.70 1.01 -33.18
CA LEU B 117 2.75 1.97 -32.88
C LEU B 117 4.09 1.35 -33.27
N MET B 118 4.77 1.97 -34.22
CA MET B 118 6.04 1.49 -34.74
C MET B 118 7.19 2.30 -34.16
N ASP B 119 8.17 1.62 -33.57
CA ASP B 119 9.47 2.20 -33.24
C ASP B 119 10.24 2.42 -34.53
N LEU B 120 10.50 3.69 -34.86
CA LEU B 120 11.24 4.06 -36.06
C LEU B 120 12.65 4.58 -35.74
N SER B 121 13.20 4.19 -34.59
CA SER B 121 14.57 4.50 -34.22
C SER B 121 15.55 3.57 -34.94
N TYR B 122 16.84 3.92 -34.84
CA TYR B 122 17.85 3.23 -35.65
C TYR B 122 18.00 1.76 -35.25
N SER B 123 17.84 1.43 -33.96
CA SER B 123 17.94 0.04 -33.55
C SER B 123 16.97 -0.87 -34.31
N MET B 124 15.88 -0.31 -34.81
CA MET B 124 14.85 -1.10 -35.47
C MET B 124 15.18 -1.40 -36.93
N LYS B 125 16.29 -0.90 -37.45
CA LYS B 125 16.67 -1.19 -38.84
C LYS B 125 16.71 -2.69 -39.10
N ASP B 126 17.23 -3.46 -38.14
CA ASP B 126 17.30 -4.91 -38.22
C ASP B 126 16.01 -5.59 -37.78
N ASP B 127 14.89 -4.86 -37.75
CA ASP B 127 13.66 -5.40 -37.17
C ASP B 127 12.42 -4.98 -37.94
N LEU B 128 12.57 -4.34 -39.10
CA LEU B 128 11.44 -3.85 -39.88
C LEU B 128 10.91 -4.89 -40.87
N TRP B 129 11.30 -6.17 -40.71
CA TRP B 129 10.65 -7.24 -41.45
C TRP B 129 9.22 -7.40 -41.02
N SER B 130 8.93 -7.18 -39.73
CA SER B 130 7.60 -7.38 -39.18
C SER B 130 6.57 -6.51 -39.87
N ILE B 131 6.86 -5.22 -40.00
CA ILE B 131 5.92 -4.29 -40.61
C ILE B 131 5.67 -4.61 -42.09
N GLN B 132 6.51 -5.44 -42.70
CA GLN B 132 6.37 -5.71 -44.12
C GLN B 132 5.14 -6.56 -44.40
N ASN B 133 4.30 -6.07 -45.32
CA ASN B 133 3.05 -6.72 -45.69
C ASN B 133 2.21 -6.99 -44.45
N LEU B 134 2.04 -5.94 -43.64
CA LEU B 134 1.44 -6.12 -42.32
C LEU B 134 -0.07 -6.33 -42.45
N GLY B 135 -0.76 -5.44 -43.16
CA GLY B 135 -2.21 -5.53 -43.27
C GLY B 135 -2.68 -6.86 -43.83
N THR B 136 -1.92 -7.45 -44.74
CA THR B 136 -2.20 -8.83 -45.14
C THR B 136 -2.01 -9.78 -43.96
N LYS B 137 -0.94 -9.62 -43.17
CA LYS B 137 -0.68 -10.50 -42.05
C LYS B 137 -1.52 -10.17 -40.82
N LEU B 138 -2.17 -9.01 -40.79
CA LEU B 138 -3.22 -8.72 -39.81
C LEU B 138 -4.56 -9.27 -40.26
N ALA B 139 -4.91 -9.11 -41.54
CA ALA B 139 -6.18 -9.61 -42.04
C ALA B 139 -6.19 -11.14 -42.14
N THR B 140 -5.10 -11.73 -42.65
CA THR B 140 -5.06 -13.17 -42.91
C THR B 140 -5.11 -14.00 -41.65
N GLN B 141 -4.89 -13.42 -40.48
CA GLN B 141 -4.98 -14.19 -39.24
C GLN B 141 -6.08 -13.74 -38.31
N MET B 142 -6.61 -12.53 -38.49
CA MET B 142 -7.74 -12.09 -37.68
C MET B 142 -9.09 -12.43 -38.30
N ARG B 143 -9.14 -12.77 -39.59
CA ARG B 143 -10.42 -13.07 -40.23
C ARG B 143 -11.10 -14.26 -39.56
N LYS B 144 -10.32 -15.17 -38.99
CA LYS B 144 -10.90 -16.37 -38.38
C LYS B 144 -11.70 -16.03 -37.13
N LEU B 145 -11.38 -14.91 -36.47
CA LEU B 145 -12.06 -14.49 -35.25
C LEU B 145 -13.03 -13.35 -35.47
N THR B 146 -12.93 -12.62 -36.58
CA THR B 146 -13.88 -11.53 -36.80
C THR B 146 -13.93 -11.18 -38.28
N SER B 147 -15.10 -10.70 -38.73
CA SER B 147 -15.21 -9.84 -39.90
C SER B 147 -15.16 -8.39 -39.40
N ASN B 148 -15.31 -7.44 -40.31
CA ASN B 148 -15.31 -6.03 -39.95
C ASN B 148 -14.06 -5.66 -39.15
N LEU B 149 -12.90 -5.79 -39.80
CA LEU B 149 -11.63 -5.43 -39.18
C LEU B 149 -11.13 -4.11 -39.76
N ARG B 150 -10.62 -3.23 -38.88
CA ARG B 150 -10.02 -1.96 -39.29
C ARG B 150 -8.61 -1.87 -38.72
N ILE B 151 -7.70 -1.25 -39.49
CA ILE B 151 -6.30 -1.11 -39.08
C ILE B 151 -5.78 0.28 -39.43
N GLY B 152 -4.86 0.75 -38.59
CA GLY B 152 -4.09 1.96 -38.84
C GLY B 152 -2.77 1.81 -38.12
N PHE B 153 -1.93 2.85 -38.17
CA PHE B 153 -0.65 2.76 -37.48
C PHE B 153 0.01 4.13 -37.37
N GLY B 154 0.90 4.26 -36.38
CA GLY B 154 1.73 5.44 -36.23
C GLY B 154 3.17 5.06 -35.96
N ALA B 155 4.01 6.08 -35.78
CA ALA B 155 5.43 5.87 -35.52
C ALA B 155 5.95 6.84 -34.46
N PHE B 156 7.01 6.43 -33.77
CA PHE B 156 7.61 7.22 -32.72
C PHE B 156 9.10 6.96 -32.71
N VAL B 157 9.90 7.99 -32.35
CA VAL B 157 11.32 7.75 -32.13
C VAL B 157 11.68 8.13 -30.70
N ASP B 158 11.61 9.43 -30.39
CA ASP B 158 11.92 9.93 -29.05
C ASP B 158 11.69 11.43 -29.01
N LYS B 159 11.89 12.06 -27.86
CA LYS B 159 11.66 13.49 -27.79
C LYS B 159 12.71 14.22 -28.63
N PRO B 160 12.31 15.16 -29.50
CA PRO B 160 13.26 15.81 -30.41
C PRO B 160 13.97 16.98 -29.75
N VAL B 161 14.62 16.71 -28.63
CA VAL B 161 15.34 17.71 -27.83
C VAL B 161 16.71 17.13 -27.50
N SER B 162 17.60 17.98 -26.98
CA SER B 162 18.74 17.27 -26.40
C SER B 162 18.36 16.79 -24.99
N PRO B 163 19.02 15.73 -24.46
CA PRO B 163 20.17 15.02 -25.01
C PRO B 163 19.79 13.86 -25.90
N TYR B 164 18.55 13.84 -26.38
CA TYR B 164 18.13 12.70 -27.21
C TYR B 164 18.46 12.93 -28.69
N MET B 165 18.32 14.15 -29.16
CA MET B 165 18.41 14.46 -30.57
C MET B 165 19.84 14.78 -30.99
N TYR B 166 20.17 14.41 -32.23
CA TYR B 166 21.41 14.83 -32.86
C TYR B 166 21.20 16.25 -33.38
N ILE B 167 21.74 17.22 -32.64
CA ILE B 167 21.60 18.63 -33.00
C ILE B 167 22.93 19.26 -33.35
N SER B 168 24.05 18.53 -33.18
CA SER B 168 25.35 19.19 -33.07
C SER B 168 25.87 19.73 -34.40
N PRO B 169 26.10 18.91 -35.42
CA PRO B 169 26.43 19.49 -36.72
C PRO B 169 25.15 19.78 -37.49
N PRO B 170 25.04 20.96 -38.09
CA PRO B 170 23.73 21.37 -38.64
C PRO B 170 23.17 20.39 -39.66
N GLU B 171 24.03 19.71 -40.42
CA GLU B 171 23.56 18.70 -41.37
C GLU B 171 23.05 17.44 -40.70
N ALA B 172 23.21 17.30 -39.38
CA ALA B 172 22.59 16.21 -38.64
C ALA B 172 21.17 16.53 -38.19
N LEU B 173 20.75 17.80 -38.29
CA LEU B 173 19.35 18.15 -38.02
C LEU B 173 18.41 17.54 -39.05
N GLU B 174 18.86 17.42 -40.30
CA GLU B 174 18.08 16.81 -41.37
C GLU B 174 18.56 15.39 -41.72
N ASN B 175 19.71 14.98 -41.22
CA ASN B 175 20.22 13.63 -41.45
C ASN B 175 20.98 13.16 -40.21
N PRO B 176 20.25 12.65 -39.20
CA PRO B 176 20.93 12.21 -37.97
C PRO B 176 22.05 11.22 -38.20
N CYS B 177 22.09 10.57 -39.36
CA CYS B 177 23.20 9.69 -39.71
C CYS B 177 24.24 10.46 -40.53
N TYR B 178 24.60 11.64 -40.02
CA TYR B 178 25.71 12.38 -40.61
C TYR B 178 27.00 11.57 -40.51
N ASP B 179 27.32 11.10 -39.29
CA ASP B 179 28.34 10.10 -39.10
C ASP B 179 27.93 8.80 -39.83
N MET B 180 28.90 7.88 -39.95
CA MET B 180 28.72 6.66 -40.73
C MET B 180 28.60 6.98 -42.22
N LYS B 181 28.54 8.28 -42.53
CA LYS B 181 28.22 8.80 -43.86
C LYS B 181 27.08 8.02 -44.51
N THR B 182 26.04 7.75 -43.72
CA THR B 182 24.81 7.10 -44.15
C THR B 182 23.70 8.14 -44.25
N THR B 183 22.51 7.70 -44.62
CA THR B 183 21.36 8.59 -44.70
C THR B 183 20.20 7.95 -43.96
N CYS B 184 19.59 8.71 -43.07
CA CYS B 184 18.36 8.32 -42.40
C CYS B 184 17.49 9.57 -42.24
N LEU B 185 16.48 9.45 -41.45
CA LEU B 185 15.47 10.50 -41.51
C LEU B 185 15.52 11.36 -40.25
N PRO B 186 15.05 12.61 -40.31
CA PRO B 186 14.98 13.43 -39.09
C PRO B 186 14.06 12.80 -38.04
N MET B 187 14.34 13.08 -36.77
CA MET B 187 13.58 12.42 -35.73
C MET B 187 12.32 13.21 -35.38
N PHE B 188 11.40 12.53 -34.69
CA PHE B 188 10.11 13.09 -34.31
C PHE B 188 9.64 12.36 -33.05
N GLY B 189 8.79 13.04 -32.27
CA GLY B 189 8.22 12.41 -31.11
C GLY B 189 7.23 11.32 -31.49
N TYR B 190 6.06 11.71 -32.00
CA TYR B 190 5.03 10.77 -32.38
C TYR B 190 4.31 11.26 -33.62
N LYS B 191 4.27 10.44 -34.65
CA LYS B 191 3.72 10.80 -35.94
C LYS B 191 2.56 9.85 -36.23
N HIS B 192 1.37 10.41 -36.42
CA HIS B 192 0.23 9.64 -36.87
C HIS B 192 0.28 9.50 -38.38
N VAL B 193 0.35 8.26 -38.87
CA VAL B 193 0.54 8.00 -40.30
C VAL B 193 -0.80 7.74 -40.98
N LEU B 194 -1.49 6.68 -40.56
CA LEU B 194 -2.68 6.20 -41.24
C LEU B 194 -3.81 6.01 -40.23
N THR B 195 -4.90 6.75 -40.44
CA THR B 195 -6.11 6.53 -39.65
C THR B 195 -6.65 5.13 -39.93
N LEU B 196 -7.36 4.57 -38.94
CA LEU B 196 -7.93 3.23 -39.05
C LEU B 196 -8.86 3.12 -40.25
N THR B 197 -8.48 2.36 -41.27
CA THR B 197 -9.36 2.10 -42.40
C THR B 197 -9.55 0.60 -42.57
N ASP B 198 -10.32 0.23 -43.59
CA ASP B 198 -10.61 -1.16 -43.89
C ASP B 198 -9.83 -1.69 -45.08
N GLN B 199 -9.05 -0.84 -45.76
CA GLN B 199 -8.31 -1.26 -46.95
C GLN B 199 -6.88 -1.63 -46.55
N VAL B 200 -6.60 -2.94 -46.55
CA VAL B 200 -5.23 -3.41 -46.42
C VAL B 200 -4.37 -3.02 -47.61
N THR B 201 -5.00 -2.61 -48.72
CA THR B 201 -4.26 -2.10 -49.88
C THR B 201 -3.45 -0.87 -49.49
N ARG B 202 -4.16 0.20 -49.14
CA ARG B 202 -3.52 1.45 -48.76
C ARG B 202 -2.64 1.27 -47.53
N PHE B 203 -3.01 0.33 -46.65
CA PHE B 203 -2.20 0.06 -45.47
C PHE B 203 -0.83 -0.50 -45.85
N ASN B 204 -0.82 -1.65 -46.54
CA ASN B 204 0.45 -2.28 -46.89
C ASN B 204 1.38 -1.35 -47.67
N GLU B 205 0.80 -0.47 -48.49
CA GLU B 205 1.63 0.47 -49.24
C GLU B 205 2.15 1.57 -48.35
N GLU B 206 1.29 2.08 -47.45
CA GLU B 206 1.70 3.13 -46.54
C GLU B 206 2.72 2.65 -45.52
N VAL B 207 2.76 1.34 -45.23
CA VAL B 207 3.72 0.80 -44.27
C VAL B 207 5.09 0.58 -44.92
N LYS B 208 5.14 0.25 -46.21
CA LYS B 208 6.42 -0.09 -46.83
C LYS B 208 7.32 1.12 -47.00
N LYS B 209 6.76 2.33 -47.06
CA LYS B 209 7.54 3.56 -47.13
C LYS B 209 8.40 3.79 -45.89
N GLN B 210 8.03 3.20 -44.75
CA GLN B 210 8.63 3.57 -43.47
C GLN B 210 10.11 3.22 -43.43
N SER B 211 10.91 4.15 -42.93
CA SER B 211 12.32 3.91 -42.67
C SER B 211 12.68 4.49 -41.30
N VAL B 212 13.87 4.13 -40.83
CA VAL B 212 14.30 4.43 -39.47
C VAL B 212 14.93 5.82 -39.39
N SER B 213 14.87 6.38 -38.19
CA SER B 213 15.52 7.62 -37.79
C SER B 213 16.63 7.26 -36.79
N ARG B 214 17.22 8.27 -36.14
CA ARG B 214 18.33 8.00 -35.23
C ARG B 214 18.37 9.01 -34.10
N ASN B 215 18.67 8.52 -32.89
CA ASN B 215 18.89 9.38 -31.74
C ASN B 215 20.05 8.80 -30.94
N ARG B 216 20.30 9.36 -29.75
CA ARG B 216 21.49 9.02 -28.97
C ARG B 216 21.26 7.90 -27.96
N ASP B 217 20.31 8.09 -27.04
CA ASP B 217 20.12 7.16 -25.94
C ASP B 217 19.11 6.05 -26.27
N ALA B 218 19.45 4.85 -25.79
CA ALA B 218 18.71 3.66 -26.19
C ALA B 218 17.24 3.68 -25.78
N PRO B 219 16.83 4.22 -24.65
CA PRO B 219 15.40 4.46 -24.43
C PRO B 219 14.79 5.30 -25.54
N GLU B 220 13.56 4.92 -25.94
CA GLU B 220 12.88 5.60 -27.03
C GLU B 220 11.55 6.24 -26.65
N GLY B 221 11.04 5.99 -25.44
CA GLY B 221 9.82 6.65 -25.01
C GLY B 221 8.68 6.55 -26.00
N GLY B 222 8.25 5.34 -26.29
CA GLY B 222 6.96 5.25 -26.94
C GLY B 222 5.79 5.57 -26.04
N PHE B 223 6.00 5.68 -24.73
CA PHE B 223 4.87 5.94 -23.84
C PHE B 223 4.23 7.27 -24.18
N ASP B 224 5.00 8.21 -24.76
CA ASP B 224 4.38 9.39 -25.34
C ASP B 224 3.42 9.01 -26.45
N ALA B 225 3.79 8.02 -27.28
CA ALA B 225 2.91 7.60 -28.36
C ALA B 225 1.72 6.80 -27.84
N ILE B 226 1.92 5.95 -26.83
CA ILE B 226 0.79 5.19 -26.28
C ILE B 226 -0.31 6.14 -25.81
N MET B 227 0.06 7.14 -25.01
CA MET B 227 -0.92 8.08 -24.47
C MET B 227 -1.68 8.78 -25.59
N GLN B 228 -0.96 9.27 -26.62
CA GLN B 228 -1.64 10.08 -27.63
C GLN B 228 -2.56 9.23 -28.48
N ALA B 229 -2.15 8.01 -28.81
CA ALA B 229 -3.00 7.10 -29.55
C ALA B 229 -4.20 6.64 -28.75
N THR B 230 -4.20 6.86 -27.45
CA THR B 230 -5.30 6.47 -26.57
C THR B 230 -6.34 7.58 -26.44
N VAL B 231 -5.91 8.83 -26.22
CA VAL B 231 -6.83 9.90 -25.91
C VAL B 231 -7.12 10.81 -27.10
N CYS B 232 -6.53 10.54 -28.26
CA CYS B 232 -6.85 11.22 -29.52
C CYS B 232 -7.74 10.35 -30.39
N ASP B 233 -8.67 9.62 -29.76
CA ASP B 233 -9.54 8.68 -30.47
C ASP B 233 -10.24 9.32 -31.66
N GLU B 234 -10.53 10.63 -31.61
CA GLU B 234 -11.16 11.29 -32.75
C GLU B 234 -10.26 11.26 -33.98
N LYS B 235 -8.95 11.43 -33.78
CA LYS B 235 -8.00 11.37 -34.89
C LYS B 235 -7.62 9.94 -35.24
N ILE B 236 -7.50 9.07 -34.23
CA ILE B 236 -7.11 7.68 -34.48
C ILE B 236 -8.21 6.94 -35.23
N GLY B 237 -9.47 7.23 -34.91
CA GLY B 237 -10.59 6.52 -35.49
C GLY B 237 -11.16 5.38 -34.66
N TRP B 238 -10.94 5.36 -33.35
CA TRP B 238 -11.51 4.31 -32.52
C TRP B 238 -13.03 4.30 -32.68
N ARG B 239 -13.57 3.17 -33.10
CA ARG B 239 -15.00 3.02 -33.28
C ARG B 239 -15.66 2.59 -31.97
N ASN B 240 -16.87 3.08 -31.76
CA ASN B 240 -17.69 2.55 -30.66
C ASN B 240 -18.21 1.17 -31.01
N ASP B 241 -18.29 0.32 -29.98
CA ASP B 241 -18.71 -1.07 -30.13
C ASP B 241 -17.74 -1.83 -31.05
N ALA B 242 -16.49 -1.91 -30.60
CA ALA B 242 -15.43 -2.62 -31.30
C ALA B 242 -14.25 -2.81 -30.37
N SER B 243 -13.65 -3.99 -30.39
CA SER B 243 -12.43 -4.21 -29.62
C SER B 243 -11.34 -3.26 -30.09
N HIS B 244 -10.66 -2.66 -29.13
CA HIS B 244 -9.62 -1.68 -29.39
C HIS B 244 -8.29 -2.30 -28.98
N LEU B 245 -7.42 -2.54 -29.97
CA LEU B 245 -6.11 -3.10 -29.73
C LEU B 245 -5.06 -2.06 -30.11
N LEU B 246 -4.18 -1.74 -29.17
CA LEU B 246 -3.04 -0.87 -29.42
C LEU B 246 -1.78 -1.73 -29.33
N VAL B 247 -1.13 -1.95 -30.48
CA VAL B 247 0.03 -2.82 -30.57
C VAL B 247 1.29 -1.96 -30.56
N PHE B 248 2.20 -2.26 -29.65
CA PHE B 248 3.42 -1.50 -29.42
C PHE B 248 4.59 -2.40 -29.77
N THR B 249 5.36 -2.03 -30.78
CA THR B 249 6.50 -2.83 -31.22
C THR B 249 7.77 -2.00 -31.09
N THR B 250 8.78 -2.55 -30.41
CA THR B 250 10.00 -1.81 -30.15
C THR B 250 11.19 -2.74 -29.98
N ASP B 251 12.39 -2.13 -29.99
CA ASP B 251 13.66 -2.84 -30.03
C ASP B 251 14.27 -3.03 -28.65
N ALA B 252 14.27 -1.97 -27.84
CA ALA B 252 14.99 -1.92 -26.57
C ALA B 252 14.10 -1.26 -25.53
N LYS B 253 14.71 -0.89 -24.39
CA LYS B 253 14.01 -0.34 -23.24
C LYS B 253 13.40 1.03 -23.57
N THR B 254 12.58 1.52 -22.64
CA THR B 254 11.76 2.69 -22.88
C THR B 254 11.99 3.75 -21.81
N HIS B 255 11.84 5.02 -22.20
CA HIS B 255 11.81 6.09 -21.22
C HIS B 255 10.54 5.98 -20.39
N ILE B 256 10.62 6.46 -19.16
CA ILE B 256 9.49 6.49 -18.24
C ILE B 256 9.31 7.92 -17.76
N ALA B 257 8.25 8.15 -16.99
CA ALA B 257 8.01 9.49 -16.48
C ALA B 257 9.09 9.87 -15.47
N LEU B 258 9.43 11.16 -15.45
CA LEU B 258 10.51 11.85 -14.73
C LEU B 258 11.85 11.76 -15.47
N ASP B 259 11.93 11.05 -16.59
CA ASP B 259 13.18 11.00 -17.34
C ASP B 259 13.44 12.35 -17.99
N GLY B 260 12.38 13.06 -18.37
CA GLY B 260 12.51 14.31 -19.10
C GLY B 260 13.14 15.45 -18.32
N ARG B 261 13.34 15.29 -17.01
CA ARG B 261 14.04 16.36 -16.28
C ARG B 261 15.45 16.55 -16.83
N LEU B 262 16.08 15.48 -17.33
CA LEU B 262 17.38 15.63 -17.97
C LEU B 262 17.30 16.56 -19.18
N ALA B 263 16.13 16.68 -19.79
CA ALA B 263 15.96 17.54 -20.95
C ALA B 263 15.40 18.90 -20.57
N GLY B 264 15.37 19.25 -19.29
CA GLY B 264 14.69 20.46 -18.90
C GLY B 264 13.18 20.39 -19.01
N ILE B 265 12.61 19.19 -18.96
CA ILE B 265 11.17 18.97 -19.11
C ILE B 265 10.63 18.55 -17.76
N VAL B 266 9.87 19.44 -17.10
CA VAL B 266 9.43 19.24 -15.73
C VAL B 266 7.91 19.42 -15.61
N GLN B 267 7.21 19.42 -16.75
CA GLN B 267 5.76 19.50 -16.75
C GLN B 267 5.17 18.10 -16.84
N PRO B 268 4.34 17.68 -15.89
CA PRO B 268 3.79 16.32 -15.94
C PRO B 268 2.83 16.18 -17.10
N ASN B 269 2.60 14.94 -17.52
CA ASN B 269 1.68 14.69 -18.62
C ASN B 269 0.23 14.91 -18.14
N ASP B 270 -0.57 15.56 -18.98
CA ASP B 270 -1.94 15.90 -18.60
C ASP B 270 -2.95 14.91 -19.15
N GLY B 271 -2.49 13.92 -19.91
CA GLY B 271 -3.35 12.91 -20.47
C GLY B 271 -4.33 13.44 -21.50
N GLN B 272 -4.16 14.67 -21.92
CA GLN B 272 -5.06 15.21 -22.95
C GLN B 272 -4.49 14.96 -24.35
N CYS B 273 -5.34 15.11 -25.35
CA CYS B 273 -4.91 14.98 -26.74
C CYS B 273 -4.20 16.24 -27.19
N HIS B 274 -2.98 16.06 -27.72
CA HIS B 274 -2.22 17.19 -28.24
C HIS B 274 -1.79 17.01 -29.70
N VAL B 275 -2.14 15.90 -30.35
CA VAL B 275 -1.89 15.77 -31.78
C VAL B 275 -2.87 16.65 -32.54
N GLY B 276 -2.33 17.52 -33.40
CA GLY B 276 -3.16 18.46 -34.15
C GLY B 276 -3.33 18.09 -35.62
N SER B 277 -3.53 19.11 -36.47
CA SER B 277 -3.71 18.88 -37.89
C SER B 277 -2.43 18.38 -38.57
N ASP B 278 -1.26 18.64 -38.00
CA ASP B 278 -0.01 18.17 -38.57
C ASP B 278 0.26 16.70 -38.27
N ASN B 279 -0.59 16.05 -37.48
CA ASN B 279 -0.41 14.66 -37.05
C ASN B 279 0.89 14.47 -36.27
N HIS B 280 1.25 15.47 -35.46
CA HIS B 280 2.47 15.45 -34.65
C HIS B 280 2.14 15.80 -33.20
N TYR B 281 2.77 15.08 -32.28
CA TYR B 281 2.61 15.37 -30.85
C TYR B 281 3.17 16.75 -30.55
N SER B 282 2.29 17.75 -30.43
CA SER B 282 2.76 19.13 -30.36
C SER B 282 3.40 19.48 -29.02
N ALA B 283 3.30 18.62 -28.01
CA ALA B 283 3.90 18.90 -26.72
C ALA B 283 5.02 17.92 -26.38
N SER B 284 5.48 17.15 -27.37
CA SER B 284 6.56 16.18 -27.13
C SER B 284 7.77 16.84 -26.46
N THR B 285 8.09 18.08 -26.85
CA THR B 285 9.26 18.73 -26.31
C THR B 285 9.00 19.50 -25.03
N THR B 286 7.74 19.68 -24.63
CA THR B 286 7.39 20.49 -23.46
C THR B 286 6.83 19.67 -22.30
N MET B 287 6.44 18.42 -22.54
CA MET B 287 5.71 17.65 -21.55
C MET B 287 6.41 16.33 -21.28
N ASP B 288 6.51 15.97 -20.00
CA ASP B 288 7.21 14.77 -19.60
C ASP B 288 6.50 13.54 -20.18
N TYR B 289 7.19 12.40 -20.07
CA TYR B 289 6.60 11.12 -20.40
C TYR B 289 5.43 10.86 -19.47
N PRO B 290 4.52 9.95 -19.83
CA PRO B 290 3.39 9.63 -18.95
C PRO B 290 3.78 8.55 -17.95
N SER B 291 3.23 8.64 -16.74
CA SER B 291 3.49 7.59 -15.75
C SER B 291 2.56 6.40 -15.97
N LEU B 292 2.99 5.23 -15.51
CA LEU B 292 2.18 4.02 -15.66
C LEU B 292 0.75 4.24 -15.18
N GLY B 293 0.59 4.90 -14.02
CA GLY B 293 -0.75 5.16 -13.51
C GLY B 293 -1.60 5.97 -14.48
N LEU B 294 -1.03 7.03 -15.04
CA LEU B 294 -1.80 7.85 -15.97
C LEU B 294 -2.15 7.07 -17.22
N MET B 295 -1.20 6.30 -17.75
CA MET B 295 -1.49 5.44 -18.89
C MET B 295 -2.60 4.45 -18.57
N THR B 296 -2.48 3.75 -17.42
CA THR B 296 -3.51 2.77 -17.05
C THR B 296 -4.88 3.41 -16.97
N GLU B 297 -5.00 4.54 -16.26
CA GLU B 297 -6.28 5.20 -16.15
C GLU B 297 -6.83 5.50 -17.54
N LYS B 298 -6.04 6.12 -18.40
CA LYS B 298 -6.57 6.49 -19.71
C LYS B 298 -6.76 5.26 -20.59
N LEU B 299 -5.91 4.24 -20.42
CA LEU B 299 -6.04 3.05 -21.24
C LEU B 299 -7.33 2.30 -20.90
N SER B 300 -7.80 2.44 -19.65
CA SER B 300 -9.03 1.80 -19.20
C SER B 300 -10.28 2.64 -19.50
N GLN B 301 -10.19 3.96 -19.38
CA GLN B 301 -11.33 4.83 -19.71
C GLN B 301 -11.66 4.72 -21.18
N LYS B 302 -10.65 4.74 -22.05
CA LYS B 302 -10.86 4.63 -23.48
C LYS B 302 -10.97 3.18 -23.96
N ASN B 303 -11.02 2.21 -23.05
CA ASN B 303 -11.24 0.82 -23.40
C ASN B 303 -10.28 0.38 -24.50
N ILE B 304 -8.99 0.58 -24.25
CA ILE B 304 -7.94 0.17 -25.16
C ILE B 304 -7.14 -0.96 -24.52
N ASN B 305 -6.82 -1.98 -25.32
CA ASN B 305 -5.93 -3.05 -24.90
C ASN B 305 -4.55 -2.83 -25.50
N LEU B 306 -3.53 -2.85 -24.63
CA LEU B 306 -2.15 -2.65 -25.04
C LEU B 306 -1.47 -3.99 -25.28
N ILE B 307 -0.96 -4.19 -26.50
CA ILE B 307 -0.21 -5.39 -26.86
C ILE B 307 1.26 -5.02 -27.01
N PHE B 308 2.14 -5.72 -26.30
CA PHE B 308 3.57 -5.50 -26.40
C PHE B 308 4.16 -6.53 -27.37
N ALA B 309 4.49 -6.06 -28.57
CA ALA B 309 5.16 -6.88 -29.60
C ALA B 309 6.65 -6.51 -29.58
N VAL B 310 7.48 -7.33 -28.93
CA VAL B 310 8.85 -6.95 -28.62
C VAL B 310 9.79 -8.11 -28.94
N THR B 311 11.09 -7.82 -28.92
CA THR B 311 12.12 -8.79 -29.30
C THR B 311 12.63 -9.57 -28.09
N GLU B 312 13.29 -10.70 -28.36
CA GLU B 312 13.71 -11.61 -27.28
C GLU B 312 14.54 -10.89 -26.22
N ASN B 313 15.47 -10.03 -26.65
CA ASN B 313 16.39 -9.33 -25.75
C ASN B 313 15.65 -8.49 -24.71
N VAL B 314 14.38 -8.20 -24.94
CA VAL B 314 13.66 -7.20 -24.15
C VAL B 314 12.29 -7.74 -23.72
N VAL B 315 12.01 -9.02 -23.99
CA VAL B 315 10.69 -9.58 -23.67
C VAL B 315 10.47 -9.64 -22.17
N ASN B 316 11.47 -10.10 -21.41
CA ASN B 316 11.32 -10.15 -19.96
C ASN B 316 11.00 -8.77 -19.39
N LEU B 317 11.48 -7.72 -20.06
CA LEU B 317 11.28 -6.37 -19.54
C LEU B 317 9.80 -5.97 -19.59
N TYR B 318 9.23 -5.92 -20.80
CA TYR B 318 7.82 -5.54 -20.90
C TYR B 318 6.90 -6.57 -20.26
N GLN B 319 7.33 -7.84 -20.20
CA GLN B 319 6.60 -8.81 -19.41
C GLN B 319 6.49 -8.34 -17.97
N ASN B 320 7.59 -7.80 -17.42
CA ASN B 320 7.54 -7.24 -16.08
C ASN B 320 6.74 -5.94 -16.05
N TYR B 321 6.82 -5.13 -17.12
CA TYR B 321 6.00 -3.92 -17.19
C TYR B 321 4.53 -4.26 -17.30
N SER B 322 4.19 -5.33 -18.03
CA SER B 322 2.79 -5.66 -18.25
C SER B 322 2.09 -6.02 -16.95
N GLU B 323 2.84 -6.58 -15.99
CA GLU B 323 2.21 -6.90 -14.72
C GLU B 323 1.78 -5.65 -13.97
N LEU B 324 2.31 -4.48 -14.33
CA LEU B 324 1.92 -3.22 -13.70
C LEU B 324 0.75 -2.54 -14.42
N ILE B 325 0.47 -2.91 -15.67
CA ILE B 325 -0.69 -2.40 -16.39
C ILE B 325 -1.63 -3.57 -16.63
N PRO B 326 -2.54 -3.89 -15.71
CA PRO B 326 -3.23 -5.18 -15.75
C PRO B 326 -4.03 -5.35 -17.04
N GLY B 327 -3.97 -6.55 -17.59
CA GLY B 327 -4.64 -6.85 -18.85
C GLY B 327 -3.86 -6.57 -20.11
N THR B 328 -2.54 -6.40 -20.01
CA THR B 328 -1.70 -6.17 -21.19
C THR B 328 -0.91 -7.44 -21.49
N THR B 329 -0.62 -7.66 -22.76
CA THR B 329 0.03 -8.90 -23.19
C THR B 329 1.33 -8.61 -23.91
N VAL B 330 2.28 -9.53 -23.77
CA VAL B 330 3.58 -9.44 -24.42
C VAL B 330 3.68 -10.57 -25.44
N GLY B 331 4.49 -10.35 -26.48
CA GLY B 331 4.69 -11.36 -27.51
C GLY B 331 5.98 -11.21 -28.30
N VAL B 332 6.72 -12.31 -28.46
CA VAL B 332 8.03 -12.26 -29.12
C VAL B 332 7.87 -11.93 -30.60
N LEU B 333 8.85 -11.23 -31.15
CA LEU B 333 8.88 -10.77 -32.53
C LEU B 333 10.19 -11.31 -33.14
N SER B 334 10.13 -12.54 -33.65
CA SER B 334 11.29 -13.20 -34.25
C SER B 334 10.83 -14.44 -35.00
N MET B 335 11.29 -14.61 -36.24
CA MET B 335 10.95 -15.79 -37.03
C MET B 335 11.55 -17.07 -36.47
N ASP B 336 12.34 -16.98 -35.38
CA ASP B 336 12.95 -18.13 -34.71
C ASP B 336 11.98 -18.87 -33.78
N SER B 337 10.68 -18.64 -33.94
CA SER B 337 9.66 -19.22 -33.07
C SER B 337 8.51 -19.74 -33.93
N SER B 338 7.54 -20.35 -33.26
CA SER B 338 6.43 -21.03 -33.94
C SER B 338 5.57 -20.04 -34.73
N ASN B 339 4.97 -19.08 -34.02
CA ASN B 339 3.99 -18.17 -34.60
C ASN B 339 4.45 -16.73 -34.38
N VAL B 340 4.60 -15.98 -35.47
CA VAL B 340 4.88 -14.55 -35.41
C VAL B 340 3.81 -13.85 -36.23
N LEU B 341 3.24 -14.57 -37.19
CA LEU B 341 2.08 -14.07 -37.95
C LEU B 341 0.80 -14.22 -37.14
N GLN B 342 0.77 -15.18 -36.22
CA GLN B 342 -0.34 -15.35 -35.30
C GLN B 342 -0.13 -14.58 -33.99
N LEU B 343 0.79 -13.61 -33.98
CA LEU B 343 1.17 -12.96 -32.73
C LEU B 343 0.01 -12.21 -32.10
N ILE B 344 -0.69 -11.39 -32.91
CA ILE B 344 -1.77 -10.55 -32.38
C ILE B 344 -3.00 -11.38 -32.05
N VAL B 345 -3.37 -12.30 -32.94
CA VAL B 345 -4.56 -13.11 -32.68
C VAL B 345 -4.35 -14.02 -31.48
N ASP B 346 -3.09 -14.43 -31.22
CA ASP B 346 -2.80 -15.15 -29.97
C ASP B 346 -3.05 -14.26 -28.76
N ALA B 347 -2.69 -12.98 -28.85
CA ALA B 347 -2.90 -12.07 -27.73
C ALA B 347 -4.38 -11.78 -27.54
N TYR B 348 -5.11 -11.54 -28.63
CA TYR B 348 -6.54 -11.24 -28.52
C TYR B 348 -7.29 -12.39 -27.87
N GLY B 349 -6.79 -13.62 -28.03
CA GLY B 349 -7.33 -14.70 -27.24
C GLY B 349 -7.17 -14.46 -25.76
N LYS B 350 -5.97 -14.03 -25.34
CA LYS B 350 -5.71 -13.81 -23.93
C LYS B 350 -6.56 -12.68 -23.38
N ILE B 351 -6.71 -11.59 -24.16
CA ILE B 351 -7.52 -10.45 -23.72
C ILE B 351 -8.96 -10.90 -23.45
N ARG B 352 -9.52 -11.69 -24.36
CA ARG B 352 -10.89 -12.17 -24.25
C ARG B 352 -11.00 -13.40 -23.37
N SER B 353 -9.89 -13.90 -22.83
CA SER B 353 -9.93 -15.09 -21.98
C SER B 353 -10.36 -14.79 -20.55
N LYS B 354 -10.68 -13.54 -20.23
CA LYS B 354 -11.12 -13.19 -18.88
C LYS B 354 -12.14 -12.06 -18.95
N VAL B 355 -12.99 -12.03 -17.93
CA VAL B 355 -14.00 -10.99 -17.74
C VAL B 355 -13.86 -10.52 -16.30
N GLU B 356 -13.43 -9.26 -16.13
CA GLU B 356 -13.26 -8.66 -14.81
C GLU B 356 -14.13 -7.41 -14.73
N LEU B 357 -14.84 -7.24 -13.62
CA LEU B 357 -15.71 -6.09 -13.44
C LEU B 357 -15.00 -4.92 -12.79
N GLU B 358 -15.31 -3.70 -13.26
CA GLU B 358 -14.79 -2.47 -12.70
C GLU B 358 -15.95 -1.53 -12.35
N VAL B 359 -15.73 -0.69 -11.34
CA VAL B 359 -16.76 0.25 -10.86
C VAL B 359 -16.25 1.68 -11.04
N ARG B 360 -17.11 2.54 -11.56
CA ARG B 360 -16.82 3.97 -11.72
C ARG B 360 -17.85 4.80 -10.97
N ASP B 361 -17.38 5.84 -10.31
CA ASP B 361 -18.22 6.83 -9.62
C ASP B 361 -19.03 6.20 -8.47
N LEU B 362 -18.51 5.15 -7.86
CA LEU B 362 -19.21 4.55 -6.73
C LEU B 362 -19.32 5.55 -5.59
N PRO B 363 -20.53 5.84 -5.11
CA PRO B 363 -20.66 6.70 -3.93
C PRO B 363 -19.88 6.15 -2.74
N GLU B 364 -19.26 7.07 -1.99
CA GLU B 364 -18.39 6.67 -0.88
C GLU B 364 -19.17 5.94 0.21
N GLU B 365 -20.47 6.23 0.30
CA GLU B 365 -21.32 5.58 1.30
C GLU B 365 -21.56 4.12 0.95
N LEU B 366 -21.59 3.78 -0.34
CA LEU B 366 -21.93 2.43 -0.77
C LEU B 366 -20.74 1.48 -0.71
N SER B 367 -21.05 0.20 -0.53
CA SER B 367 -20.08 -0.89 -0.57
C SER B 367 -20.68 -2.07 -1.32
N LEU B 368 -19.96 -2.58 -2.32
CA LEU B 368 -20.44 -3.65 -3.20
C LEU B 368 -19.79 -4.98 -2.86
N SER B 369 -20.60 -6.01 -2.63
CA SER B 369 -20.15 -7.39 -2.55
C SER B 369 -20.33 -8.07 -3.91
N PHE B 370 -19.61 -9.18 -4.12
CA PHE B 370 -19.57 -9.84 -5.42
C PHE B 370 -19.49 -11.35 -5.25
N ASN B 371 -20.49 -12.05 -5.76
CA ASN B 371 -20.32 -13.45 -6.06
C ASN B 371 -19.95 -13.62 -7.54
N ALA B 372 -19.57 -14.83 -7.92
CA ALA B 372 -19.22 -15.09 -9.31
C ALA B 372 -19.66 -16.50 -9.67
N THR B 373 -20.45 -16.60 -10.74
CA THR B 373 -20.90 -17.86 -11.31
C THR B 373 -20.27 -17.94 -12.70
N CYS B 374 -19.07 -18.54 -12.76
CA CYS B 374 -18.27 -18.59 -13.98
C CYS B 374 -18.53 -19.82 -14.82
N LEU B 375 -18.92 -20.93 -14.20
CA LEU B 375 -19.04 -22.20 -14.90
C LEU B 375 -20.14 -23.02 -14.24
N ASN B 376 -21.13 -23.43 -15.03
CA ASN B 376 -22.12 -24.45 -14.68
C ASN B 376 -22.67 -24.30 -13.24
N ASN B 377 -23.10 -23.09 -12.90
CA ASN B 377 -23.75 -22.82 -11.60
C ASN B 377 -22.83 -23.16 -10.43
N GLU B 378 -21.58 -22.69 -10.50
CA GLU B 378 -20.54 -23.00 -9.52
C GLU B 378 -20.17 -21.80 -8.66
N VAL B 379 -21.17 -21.13 -8.09
CA VAL B 379 -21.05 -19.82 -7.43
C VAL B 379 -19.79 -19.71 -6.57
N ILE B 380 -19.01 -18.66 -6.81
CA ILE B 380 -17.75 -18.39 -6.12
C ILE B 380 -17.88 -17.04 -5.43
N PRO B 381 -17.83 -16.96 -4.10
CA PRO B 381 -17.98 -15.66 -3.43
C PRO B 381 -16.75 -14.78 -3.58
N GLY B 382 -16.97 -13.47 -3.50
CA GLY B 382 -15.87 -12.54 -3.49
C GLY B 382 -15.10 -12.39 -4.77
N LEU B 383 -15.56 -12.98 -5.87
CA LEU B 383 -14.89 -12.82 -7.15
C LEU B 383 -15.73 -11.92 -8.04
N LYS B 384 -15.10 -10.91 -8.62
CA LYS B 384 -15.73 -10.07 -9.65
C LYS B 384 -15.11 -10.35 -11.01
N SER B 385 -14.39 -11.47 -11.13
CA SER B 385 -13.67 -11.82 -12.34
C SER B 385 -13.81 -13.32 -12.58
N CYS B 386 -14.06 -13.69 -13.84
CA CYS B 386 -14.04 -15.06 -14.34
C CYS B 386 -12.95 -15.19 -15.39
N MET B 387 -12.22 -16.29 -15.33
CA MET B 387 -11.08 -16.49 -16.21
C MET B 387 -11.24 -17.81 -16.97
N GLY B 388 -10.30 -18.04 -17.89
CA GLY B 388 -10.32 -19.24 -18.70
C GLY B 388 -11.40 -19.27 -19.74
N LEU B 389 -12.00 -18.13 -20.05
CA LEU B 389 -13.09 -18.06 -21.00
C LEU B 389 -12.56 -18.10 -22.44
N LYS B 390 -13.47 -18.43 -23.36
CA LYS B 390 -13.27 -18.33 -24.80
C LYS B 390 -14.28 -17.35 -25.36
N ILE B 391 -13.96 -16.79 -26.53
CA ILE B 391 -14.85 -15.84 -27.19
C ILE B 391 -16.16 -16.56 -27.49
N GLY B 392 -17.26 -16.07 -26.91
CA GLY B 392 -18.57 -16.71 -27.03
C GLY B 392 -19.18 -17.12 -25.72
N ASP B 393 -18.35 -17.36 -24.69
CA ASP B 393 -18.86 -17.78 -23.39
C ASP B 393 -19.72 -16.69 -22.76
N THR B 394 -20.45 -17.08 -21.71
CA THR B 394 -21.33 -16.17 -20.99
C THR B 394 -21.22 -16.47 -19.50
N VAL B 395 -21.04 -15.41 -18.70
CA VAL B 395 -20.85 -15.53 -17.27
C VAL B 395 -21.84 -14.61 -16.56
N SER B 396 -22.02 -14.89 -15.27
CA SER B 396 -22.98 -14.17 -14.43
C SER B 396 -22.29 -13.75 -13.15
N PHE B 397 -22.56 -12.52 -12.72
CA PHE B 397 -22.08 -11.99 -11.45
C PHE B 397 -23.29 -11.58 -10.61
N SER B 398 -23.30 -12.01 -9.36
CA SER B 398 -24.30 -11.56 -8.39
C SER B 398 -23.69 -10.45 -7.56
N ILE B 399 -24.43 -9.37 -7.36
CA ILE B 399 -23.90 -8.16 -6.74
C ILE B 399 -24.79 -7.76 -5.58
N GLU B 400 -24.18 -7.39 -4.46
CA GLU B 400 -24.88 -6.78 -3.34
C GLU B 400 -24.46 -5.32 -3.25
N ALA B 401 -25.40 -4.45 -2.89
CA ALA B 401 -25.11 -3.05 -2.64
C ALA B 401 -25.68 -2.69 -1.28
N LYS B 402 -24.81 -2.27 -0.36
CA LYS B 402 -25.19 -1.89 1.00
C LYS B 402 -24.64 -0.51 1.31
N VAL B 403 -25.44 0.29 2.01
CA VAL B 403 -25.05 1.62 2.45
C VAL B 403 -24.95 1.62 3.97
N ARG B 404 -23.89 2.24 4.49
CA ARG B 404 -23.73 2.42 5.93
C ARG B 404 -24.41 3.73 6.31
N GLY B 405 -25.33 3.65 7.29
CA GLY B 405 -26.20 4.78 7.53
C GLY B 405 -26.87 5.19 6.23
N CYS B 406 -27.00 6.50 6.02
CA CYS B 406 -27.51 7.01 4.76
C CYS B 406 -27.15 8.47 4.56
N PRO B 407 -26.69 8.86 3.37
CA PRO B 407 -26.46 10.27 3.08
C PRO B 407 -27.71 10.97 2.60
N GLN B 408 -27.81 12.26 2.92
CA GLN B 408 -28.90 13.09 2.43
C GLN B 408 -28.37 13.90 1.25
N GLU B 409 -28.80 13.53 0.04
CA GLU B 409 -28.32 14.15 -1.19
C GLU B 409 -29.24 13.71 -2.32
N LYS B 410 -29.04 14.31 -3.49
CA LYS B 410 -29.70 13.87 -4.71
C LYS B 410 -29.29 12.44 -5.04
N GLU B 411 -29.95 11.86 -6.04
CA GLU B 411 -29.59 10.52 -6.48
C GLU B 411 -28.27 10.57 -7.24
N LYS B 412 -27.39 9.62 -6.93
CA LYS B 412 -26.13 9.46 -7.63
C LYS B 412 -26.28 8.41 -8.72
N SER B 413 -25.23 8.24 -9.53
CA SER B 413 -25.26 7.26 -10.62
C SER B 413 -23.86 6.72 -10.82
N PHE B 414 -23.65 5.44 -10.54
CA PHE B 414 -22.37 4.80 -10.77
C PHE B 414 -22.52 3.70 -11.82
N THR B 415 -21.38 3.22 -12.31
CA THR B 415 -21.32 2.32 -13.46
C THR B 415 -20.59 1.05 -13.08
N ILE B 416 -21.17 -0.10 -13.41
CA ILE B 416 -20.53 -1.41 -13.25
C ILE B 416 -20.26 -1.95 -14.65
N LYS B 417 -18.99 -2.23 -14.95
CA LYS B 417 -18.56 -2.37 -16.33
C LYS B 417 -17.56 -3.51 -16.50
N PRO B 418 -17.66 -4.26 -17.60
CA PRO B 418 -16.58 -5.16 -17.98
C PRO B 418 -15.37 -4.39 -18.49
N VAL B 419 -14.18 -4.81 -18.05
CA VAL B 419 -12.94 -4.14 -18.44
C VAL B 419 -12.76 -4.21 -19.96
N GLY B 420 -12.56 -3.05 -20.58
CA GLY B 420 -12.27 -3.02 -21.99
C GLY B 420 -13.45 -3.12 -22.94
N PHE B 421 -14.69 -2.93 -22.45
CA PHE B 421 -15.87 -3.01 -23.31
C PHE B 421 -16.74 -1.77 -23.11
N LYS B 422 -17.43 -1.39 -24.18
CA LYS B 422 -18.28 -0.21 -24.10
C LYS B 422 -19.53 -0.47 -23.25
N ASP B 423 -20.02 -1.70 -23.25
CA ASP B 423 -21.30 -2.03 -22.59
C ASP B 423 -21.17 -1.94 -21.07
N SER B 424 -22.23 -1.44 -20.43
CA SER B 424 -22.16 -1.11 -19.01
C SER B 424 -23.52 -1.27 -18.36
N LEU B 425 -23.51 -1.49 -17.04
CA LEU B 425 -24.71 -1.48 -16.21
C LEU B 425 -24.65 -0.25 -15.31
N ILE B 426 -25.52 0.72 -15.58
CA ILE B 426 -25.57 1.97 -14.81
C ILE B 426 -26.58 1.84 -13.69
N VAL B 427 -26.16 2.17 -12.46
CA VAL B 427 -27.00 2.00 -11.28
C VAL B 427 -27.36 3.36 -10.72
N GLN B 428 -28.62 3.77 -10.88
CA GLN B 428 -29.13 5.01 -10.29
C GLN B 428 -29.55 4.74 -8.85
N VAL B 429 -28.73 5.14 -7.89
CA VAL B 429 -29.00 4.89 -6.47
C VAL B 429 -29.66 6.13 -5.86
N THR B 430 -30.84 5.94 -5.27
CA THR B 430 -31.57 6.96 -4.52
C THR B 430 -31.69 6.49 -3.08
N PHE B 431 -31.62 7.42 -2.14
CA PHE B 431 -31.63 7.10 -0.71
C PHE B 431 -32.93 7.56 -0.09
N ASP B 432 -33.71 6.61 0.45
CA ASP B 432 -34.97 6.90 1.12
C ASP B 432 -34.65 7.04 2.61
N CYS B 433 -34.17 8.23 2.97
CA CYS B 433 -33.69 8.53 4.31
C CYS B 433 -34.77 9.06 5.23
N ASP B 434 -35.67 9.92 4.73
CA ASP B 434 -36.62 10.64 5.55
C ASP B 434 -38.05 10.18 5.23
N CYS B 435 -38.94 10.43 6.18
CA CYS B 435 -40.36 10.13 6.04
C CYS B 435 -41.08 11.28 5.33
N ALA B 436 -42.38 11.09 5.10
CA ALA B 436 -43.24 12.19 4.64
C ALA B 436 -43.91 12.85 5.85
N CYS B 437 -43.07 13.29 6.78
CA CYS B 437 -43.51 13.82 8.07
C CYS B 437 -43.08 15.25 8.33
N GLN B 438 -41.90 15.66 7.84
CA GLN B 438 -41.42 17.01 8.11
C GLN B 438 -42.24 18.06 7.36
N ALA B 439 -42.49 17.83 6.07
CA ALA B 439 -43.29 18.78 5.29
C ALA B 439 -44.73 18.84 5.77
N GLN B 440 -45.28 17.70 6.21
CA GLN B 440 -46.66 17.59 6.68
C GLN B 440 -46.88 18.18 8.06
N ALA B 441 -45.87 18.78 8.68
CA ALA B 441 -46.01 19.37 10.00
C ALA B 441 -46.55 20.79 9.93
N GLU B 442 -47.16 21.24 11.02
CA GLU B 442 -47.42 22.65 11.24
C GLU B 442 -46.07 23.36 11.46
N PRO B 443 -46.05 24.69 11.36
CA PRO B 443 -44.80 25.42 11.66
C PRO B 443 -44.23 25.06 13.03
N ASN B 444 -42.90 25.10 13.13
CA ASN B 444 -42.11 24.76 14.32
C ASN B 444 -42.25 25.82 15.46
N SER B 445 -43.16 26.78 15.37
CA SER B 445 -43.22 27.88 16.31
C SER B 445 -44.59 27.97 16.97
N HIS B 446 -44.62 28.58 18.15
CA HIS B 446 -45.82 28.98 18.89
C HIS B 446 -46.64 27.78 19.39
N ARG B 447 -46.19 26.55 19.13
CA ARG B 447 -46.90 25.34 19.52
C ARG B 447 -46.43 24.89 20.90
N CYS B 448 -46.74 23.64 21.28
CA CYS B 448 -46.92 23.33 22.70
C CYS B 448 -45.71 23.75 23.52
N ASN B 449 -45.81 24.92 24.17
CA ASN B 449 -44.80 25.51 25.05
C ASN B 449 -45.33 26.88 25.45
N ASN B 450 -44.60 27.54 26.34
CA ASN B 450 -44.86 28.95 26.64
C ASN B 450 -44.20 29.86 25.61
N GLY B 451 -42.95 29.56 25.24
CA GLY B 451 -42.26 30.26 24.17
C GLY B 451 -41.46 29.36 23.24
N ASN B 452 -41.80 29.37 21.95
CA ASN B 452 -41.02 28.71 20.90
C ASN B 452 -40.95 27.20 21.04
N GLY B 453 -42.09 26.51 21.02
CA GLY B 453 -42.11 25.05 20.95
C GLY B 453 -42.17 24.55 19.51
N THR B 454 -41.44 23.46 19.24
CA THR B 454 -41.27 22.90 17.89
C THR B 454 -41.58 21.41 17.90
N PHE B 455 -42.60 21.00 17.16
CA PHE B 455 -43.05 19.61 17.20
C PHE B 455 -43.86 19.33 15.92
N GLU B 456 -44.73 18.31 15.98
CA GLU B 456 -45.71 17.97 14.96
C GLU B 456 -45.20 17.08 13.82
N CYS B 457 -44.22 16.23 14.09
CA CYS B 457 -44.18 15.00 13.29
C CYS B 457 -44.97 13.91 13.98
N GLY B 458 -44.52 13.49 15.17
CA GLY B 458 -45.31 12.62 16.02
C GLY B 458 -45.59 13.11 17.43
N VAL B 459 -44.65 13.86 18.03
CA VAL B 459 -44.69 14.16 19.46
C VAL B 459 -44.29 15.62 19.69
N CYS B 460 -44.58 16.10 20.91
CA CYS B 460 -44.17 17.43 21.36
C CYS B 460 -42.69 17.44 21.69
N ARG B 461 -41.96 18.43 21.16
CA ARG B 461 -40.54 18.66 21.43
C ARG B 461 -40.34 20.12 21.80
N CYS B 462 -40.58 20.47 23.05
CA CYS B 462 -40.67 21.87 23.46
C CYS B 462 -39.42 22.28 24.24
N GLY B 463 -38.75 23.32 23.74
CA GLY B 463 -37.64 23.93 24.44
C GLY B 463 -36.37 23.10 24.42
N PRO B 464 -35.25 23.73 24.74
CA PRO B 464 -33.98 23.01 24.87
C PRO B 464 -33.75 22.50 26.28
N GLY B 465 -33.14 21.31 26.36
CA GLY B 465 -32.85 20.66 27.62
C GLY B 465 -34.04 20.13 28.40
N TRP B 466 -35.27 20.48 28.00
CA TRP B 466 -36.48 20.10 28.72
C TRP B 466 -37.36 19.14 27.91
N LEU B 467 -37.82 19.54 26.72
CA LEU B 467 -38.50 18.66 25.77
C LEU B 467 -39.59 17.82 26.46
N GLY B 468 -40.62 18.50 26.96
CA GLY B 468 -41.69 17.81 27.64
C GLY B 468 -42.46 16.90 26.71
N SER B 469 -42.95 15.78 27.26
CA SER B 469 -43.79 14.86 26.51
C SER B 469 -45.04 15.58 26.00
N GLN B 470 -45.74 16.27 26.89
CA GLN B 470 -46.69 17.30 26.51
C GLN B 470 -45.98 18.65 26.36
N CYS B 471 -45.35 19.12 27.44
CA CYS B 471 -44.35 20.18 27.38
C CYS B 471 -43.74 20.36 28.77
N GLU B 472 -42.53 20.91 28.79
CA GLU B 472 -41.79 21.32 29.99
C GLU B 472 -41.60 20.15 30.97
N CYS B 473 -40.77 19.21 30.52
CA CYS B 473 -40.10 18.29 31.45
C CYS B 473 -39.11 19.10 32.27
N SER B 474 -39.34 19.23 33.57
CA SER B 474 -38.71 20.31 34.31
C SER B 474 -37.73 19.77 35.35
N GLU B 475 -37.17 20.68 36.13
CA GLU B 475 -36.19 20.43 37.19
C GLU B 475 -36.82 19.62 38.33
N GLU B 476 -36.04 19.37 39.38
CA GLU B 476 -36.40 18.40 40.42
C GLU B 476 -37.85 18.50 40.85
N ASP B 477 -38.61 17.45 40.53
CA ASP B 477 -40.00 17.21 40.92
C ASP B 477 -40.20 15.85 41.55
N TYR B 478 -39.51 14.82 41.03
CA TYR B 478 -39.75 13.39 41.26
C TYR B 478 -41.00 12.96 40.51
N ARG B 479 -41.53 13.83 39.63
CA ARG B 479 -42.68 13.64 38.73
C ARG B 479 -42.25 12.76 37.55
N PRO B 480 -43.09 12.57 36.47
CA PRO B 480 -43.36 11.22 35.94
C PRO B 480 -42.23 10.19 36.00
N SER B 481 -40.97 10.61 35.99
CA SER B 481 -39.89 9.64 36.10
C SER B 481 -39.91 9.01 37.49
N GLN B 482 -40.50 7.81 37.56
CA GLN B 482 -40.63 7.06 38.81
C GLN B 482 -39.98 5.68 38.70
N GLN B 483 -39.05 5.53 37.75
CA GLN B 483 -38.33 4.29 37.47
C GLN B 483 -39.21 3.21 36.87
N ASP B 484 -40.47 3.53 36.52
CA ASP B 484 -41.32 2.58 35.80
C ASP B 484 -40.67 2.27 34.46
N GLU B 485 -40.62 3.28 33.59
CA GLU B 485 -39.76 3.30 32.42
C GLU B 485 -38.38 3.79 32.85
N CYS B 486 -37.54 4.17 31.88
CA CYS B 486 -36.17 4.63 32.14
C CYS B 486 -35.32 3.53 32.77
N SER B 487 -35.78 2.29 32.66
CA SER B 487 -35.11 1.08 33.08
C SER B 487 -35.78 -0.08 32.35
N PRO B 488 -35.02 -0.89 31.60
CA PRO B 488 -35.66 -1.96 30.81
C PRO B 488 -36.47 -2.94 31.66
N ARG B 489 -36.00 -3.25 32.87
CA ARG B 489 -36.73 -4.04 33.85
C ARG B 489 -36.56 -3.36 35.19
N GLU B 490 -37.67 -3.17 35.93
CA GLU B 490 -37.64 -2.47 37.22
C GLU B 490 -37.12 -3.41 38.32
N GLY B 491 -35.88 -3.84 38.13
CA GLY B 491 -35.08 -4.52 39.13
C GLY B 491 -33.64 -4.10 38.92
N GLN B 492 -33.48 -2.97 38.23
CA GLN B 492 -32.21 -2.46 37.73
C GLN B 492 -32.07 -0.98 38.05
N PRO B 493 -30.83 -0.44 38.02
CA PRO B 493 -30.64 1.02 38.21
C PRO B 493 -31.31 1.87 37.14
N VAL B 494 -31.20 3.21 37.26
CA VAL B 494 -31.95 4.13 36.43
C VAL B 494 -31.16 4.48 35.18
N CYS B 495 -31.79 4.32 34.02
CA CYS B 495 -31.26 4.74 32.71
C CYS B 495 -29.79 4.43 32.48
N SER B 496 -29.30 3.28 32.97
CA SER B 496 -27.96 2.79 32.67
C SER B 496 -26.92 3.86 33.02
N GLN B 497 -26.71 4.02 34.33
CA GLN B 497 -25.97 5.11 34.94
C GLN B 497 -24.77 5.52 34.10
N ARG B 498 -24.40 6.80 34.15
CA ARG B 498 -24.14 7.66 32.98
C ARG B 498 -25.42 8.40 32.64
N GLY B 499 -26.42 8.34 33.53
CA GLY B 499 -27.63 9.09 33.33
C GLY B 499 -28.67 8.90 34.42
N GLU B 500 -29.39 9.97 34.75
CA GLU B 500 -30.50 9.90 35.68
C GLU B 500 -31.78 10.41 35.00
N CYS B 501 -32.89 9.73 35.28
CA CYS B 501 -34.17 10.03 34.63
C CYS B 501 -34.87 11.17 35.36
N LEU B 502 -34.92 12.35 34.73
CA LEU B 502 -35.54 13.50 35.37
C LEU B 502 -37.06 13.48 35.21
N CYS B 503 -37.54 13.59 33.98
CA CYS B 503 -38.92 13.29 33.62
C CYS B 503 -38.91 11.95 32.88
N GLY B 504 -40.06 11.56 32.30
CA GLY B 504 -40.12 10.30 31.57
C GLY B 504 -38.95 10.04 30.64
N GLN B 505 -38.52 11.08 29.90
CA GLN B 505 -37.38 10.99 28.99
C GLN B 505 -36.11 11.39 29.75
N CYS B 506 -35.17 10.46 29.91
CA CYS B 506 -33.93 10.79 30.61
C CYS B 506 -32.90 11.27 29.59
N VAL B 507 -32.41 12.50 29.80
CA VAL B 507 -31.30 13.04 29.00
C VAL B 507 -30.04 12.71 29.80
N CYS B 508 -29.43 11.59 29.43
CA CYS B 508 -28.29 11.00 30.10
C CYS B 508 -26.96 11.47 29.54
N HIS B 509 -26.92 12.65 28.92
CA HIS B 509 -25.90 12.98 27.93
C HIS B 509 -24.64 13.49 28.60
N SER B 510 -24.38 13.01 29.82
CA SER B 510 -23.11 13.17 30.50
C SER B 510 -21.95 13.06 29.51
N SER B 511 -21.09 14.07 29.51
CA SER B 511 -20.25 14.38 28.35
C SER B 511 -18.99 13.53 28.30
N ASP B 512 -19.17 12.21 28.11
CA ASP B 512 -18.04 11.35 27.81
C ASP B 512 -17.44 11.73 26.45
N PHE B 513 -16.16 11.40 26.26
CA PHE B 513 -15.48 11.61 24.99
C PHE B 513 -16.23 10.87 23.88
N GLY B 514 -16.58 11.59 22.83
CA GLY B 514 -17.55 11.05 21.88
C GLY B 514 -18.96 11.47 22.23
N LYS B 515 -19.96 10.68 21.84
CA LYS B 515 -21.36 11.03 22.03
C LYS B 515 -22.10 9.86 22.66
N ILE B 516 -23.32 10.14 23.12
CA ILE B 516 -24.10 9.19 23.91
C ILE B 516 -25.58 9.40 23.61
N THR B 517 -26.29 8.31 23.31
CA THR B 517 -27.72 8.35 23.04
C THR B 517 -28.36 7.05 23.53
N GLY B 518 -29.60 6.83 23.13
CA GLY B 518 -30.38 5.67 23.57
C GLY B 518 -31.43 6.03 24.59
N LYS B 519 -32.66 5.52 24.43
CA LYS B 519 -33.73 5.86 25.36
C LYS B 519 -33.37 5.50 26.79
N TYR B 520 -32.95 4.25 27.03
CA TYR B 520 -32.44 3.83 28.32
C TYR B 520 -30.94 4.08 28.45
N CYS B 521 -30.35 4.78 27.50
CA CYS B 521 -28.96 5.24 27.55
C CYS B 521 -27.97 4.08 27.47
N GLU B 522 -28.32 3.03 26.74
CA GLU B 522 -27.49 1.85 26.65
C GLU B 522 -26.45 1.93 25.53
N CYS B 523 -26.64 2.81 24.57
CA CYS B 523 -25.75 2.91 23.43
C CYS B 523 -24.43 3.57 23.82
N ASP B 524 -23.39 3.23 23.07
CA ASP B 524 -22.01 3.56 23.41
C ASP B 524 -21.44 4.65 22.51
N ASP B 525 -21.48 4.47 21.18
CA ASP B 525 -20.82 5.30 20.18
C ASP B 525 -19.30 5.18 20.22
N PHE B 526 -18.75 4.48 21.20
CA PHE B 526 -17.32 4.18 21.27
C PHE B 526 -17.18 2.89 22.07
N SER B 527 -15.93 2.46 22.26
CA SER B 527 -15.62 1.19 22.94
C SER B 527 -16.30 0.01 22.23
N CYS B 528 -16.16 -0.03 20.91
CA CYS B 528 -16.74 -1.13 20.14
C CYS B 528 -15.88 -2.39 20.27
N VAL B 529 -14.70 -2.36 19.68
CA VAL B 529 -13.69 -3.41 19.83
C VAL B 529 -12.41 -2.90 19.17
N ARG B 530 -11.25 -3.43 19.60
CA ARG B 530 -9.96 -3.00 19.09
C ARG B 530 -9.15 -4.22 18.66
N TYR B 531 -8.70 -4.23 17.40
CA TYR B 531 -7.77 -5.24 16.92
C TYR B 531 -6.32 -4.84 17.23
N LYS B 532 -5.87 -3.73 16.65
CA LYS B 532 -4.72 -2.97 17.11
C LYS B 532 -5.22 -1.90 18.07
N GLY B 533 -4.39 -0.91 18.39
CA GLY B 533 -4.84 0.19 19.24
C GLY B 533 -5.95 1.06 18.66
N GLU B 534 -6.44 0.70 17.46
CA GLU B 534 -7.49 1.44 16.79
C GLU B 534 -8.82 0.70 16.91
N MET B 535 -9.88 1.46 17.16
CA MET B 535 -11.22 0.90 17.28
C MET B 535 -11.75 0.50 15.91
N CYS B 536 -12.40 -0.68 15.87
CA CYS B 536 -12.85 -1.31 14.61
C CYS B 536 -11.72 -1.39 13.58
N SER B 537 -10.49 -1.55 14.07
CA SER B 537 -9.29 -1.65 13.25
C SER B 537 -9.07 -0.42 12.37
N GLY B 538 -9.63 0.73 12.75
CA GLY B 538 -9.56 1.91 11.91
C GLY B 538 -10.39 1.86 10.64
N HIS B 539 -11.04 0.72 10.35
CA HIS B 539 -11.81 0.53 9.12
C HIS B 539 -13.31 0.42 9.38
N GLY B 540 -13.78 1.00 10.49
CA GLY B 540 -15.20 0.93 10.78
C GLY B 540 -15.63 1.92 11.84
N GLN B 541 -16.81 2.52 11.66
CA GLN B 541 -17.39 3.44 12.63
C GLN B 541 -18.14 2.65 13.70
N CYS B 542 -18.13 3.19 14.92
CA CYS B 542 -18.68 2.50 16.09
C CYS B 542 -20.10 2.99 16.35
N SER B 543 -21.07 2.09 16.23
CA SER B 543 -22.48 2.42 16.42
C SER B 543 -23.08 1.48 17.46
N CYS B 544 -23.29 2.01 18.66
CA CYS B 544 -23.91 1.31 19.79
C CYS B 544 -23.23 -0.03 20.05
N GLY B 545 -21.91 0.03 20.24
CA GLY B 545 -21.10 -1.13 20.54
C GLY B 545 -20.83 -2.06 19.38
N ASP B 546 -21.29 -1.73 18.17
CA ASP B 546 -21.12 -2.60 17.02
C ASP B 546 -20.31 -1.90 15.92
N CYS B 547 -19.40 -2.66 15.30
CA CYS B 547 -18.54 -2.11 14.26
C CYS B 547 -19.22 -2.16 12.90
N LEU B 548 -19.37 -1.00 12.26
CA LEU B 548 -19.90 -0.90 10.91
C LEU B 548 -18.73 -0.74 9.94
N CYS B 549 -18.26 -1.86 9.41
CA CYS B 549 -17.05 -1.87 8.59
C CYS B 549 -17.17 -0.93 7.39
N ASP B 550 -16.06 -0.26 7.10
CA ASP B 550 -15.93 0.53 5.88
C ASP B 550 -16.00 -0.38 4.66
N SER B 551 -16.10 0.23 3.48
CA SER B 551 -16.08 -0.52 2.23
C SER B 551 -14.83 -1.38 2.14
N ASP B 552 -14.96 -2.56 1.55
CA ASP B 552 -13.88 -3.52 1.31
C ASP B 552 -13.36 -4.17 2.58
N TRP B 553 -14.03 -3.98 3.72
CA TRP B 553 -13.65 -4.65 4.96
C TRP B 553 -14.85 -5.35 5.58
N THR B 554 -14.60 -6.47 6.24
CA THR B 554 -15.63 -7.25 6.91
C THR B 554 -15.10 -7.74 8.24
N GLY B 555 -15.99 -8.33 9.02
CA GLY B 555 -15.60 -8.99 10.26
C GLY B 555 -16.12 -8.25 11.50
N TYR B 556 -16.19 -8.99 12.60
CA TYR B 556 -16.61 -8.41 13.86
C TYR B 556 -15.67 -7.29 14.29
N TYR B 557 -14.40 -7.36 13.88
CA TYR B 557 -13.44 -6.32 14.16
C TYR B 557 -13.18 -5.39 12.96
N CYS B 558 -13.76 -5.71 11.79
CA CYS B 558 -13.44 -5.02 10.53
C CYS B 558 -11.96 -5.12 10.20
N ASN B 559 -11.38 -6.31 10.39
CA ASN B 559 -9.99 -6.54 10.07
C ASN B 559 -9.80 -7.56 8.95
N CYS B 560 -10.89 -8.01 8.31
CA CYS B 560 -10.83 -8.99 7.23
C CYS B 560 -11.21 -8.31 5.91
N THR B 561 -10.28 -8.28 4.95
CA THR B 561 -10.55 -7.62 3.67
C THR B 561 -11.48 -8.46 2.80
N THR B 562 -11.84 -7.86 1.67
CA THR B 562 -12.52 -8.55 0.59
C THR B 562 -11.62 -8.73 -0.63
N ARG B 563 -10.34 -8.40 -0.48
CA ARG B 563 -9.44 -8.45 -1.62
C ARG B 563 -9.12 -9.90 -1.95
N THR B 564 -8.87 -10.14 -3.23
CA THR B 564 -8.41 -11.43 -3.72
C THR B 564 -7.10 -11.33 -4.48
N ASP B 565 -6.52 -10.12 -4.59
CA ASP B 565 -5.30 -9.96 -5.39
C ASP B 565 -4.14 -10.66 -4.70
N THR B 566 -4.00 -10.47 -3.38
CA THR B 566 -2.98 -11.17 -2.62
C THR B 566 -3.20 -12.68 -2.64
N CYS B 567 -4.41 -13.12 -2.98
CA CYS B 567 -4.69 -14.55 -3.09
C CYS B 567 -4.26 -15.11 -4.43
N MET B 568 -4.17 -14.28 -5.48
CA MET B 568 -3.87 -14.79 -6.81
C MET B 568 -2.43 -15.27 -6.90
N SER B 569 -2.20 -16.26 -7.75
CA SER B 569 -0.89 -16.82 -8.03
C SER B 569 -0.43 -16.41 -9.42
N SER B 570 0.81 -16.75 -9.75
CA SER B 570 1.39 -16.33 -11.02
C SER B 570 0.67 -16.96 -12.21
N ASN B 571 0.20 -18.20 -12.07
CA ASN B 571 -0.54 -18.83 -13.16
C ASN B 571 -1.89 -18.17 -13.43
N GLY B 572 -2.42 -17.42 -12.46
CA GLY B 572 -3.67 -16.72 -12.66
C GLY B 572 -4.81 -17.17 -11.77
N LEU B 573 -4.93 -18.47 -11.53
CA LEU B 573 -5.98 -18.99 -10.67
C LEU B 573 -5.65 -18.67 -9.21
N LEU B 574 -6.68 -18.33 -8.44
CA LEU B 574 -6.45 -17.90 -7.06
C LEU B 574 -6.06 -19.08 -6.18
N CYS B 575 -5.11 -18.85 -5.27
CA CYS B 575 -4.53 -19.90 -4.40
C CYS B 575 -4.05 -21.11 -5.20
N SER B 576 -3.69 -20.91 -6.46
CA SER B 576 -3.19 -21.98 -7.32
C SER B 576 -4.19 -23.15 -7.41
N GLY B 577 -5.47 -22.88 -7.18
CA GLY B 577 -6.50 -23.90 -7.30
C GLY B 577 -6.52 -24.95 -6.20
N ARG B 578 -5.69 -24.82 -5.17
CA ARG B 578 -5.62 -25.80 -4.09
C ARG B 578 -6.08 -25.24 -2.75
N GLY B 579 -6.52 -23.99 -2.69
CA GLY B 579 -6.96 -23.41 -1.43
C GLY B 579 -8.04 -22.38 -1.61
N LYS B 580 -8.63 -22.00 -0.47
CA LYS B 580 -9.66 -20.98 -0.40
C LYS B 580 -9.04 -19.65 0.03
N CYS B 581 -9.54 -18.57 -0.55
CA CYS B 581 -9.13 -17.23 -0.17
C CYS B 581 -10.02 -16.74 0.96
N GLU B 582 -9.41 -16.41 2.10
CA GLU B 582 -10.14 -15.89 3.25
C GLU B 582 -9.33 -14.72 3.81
N CYS B 583 -9.97 -13.55 3.87
CA CYS B 583 -9.31 -12.35 4.38
C CYS B 583 -8.03 -12.05 3.61
N GLY B 584 -8.11 -12.18 2.28
CA GLY B 584 -6.99 -11.86 1.42
C GLY B 584 -5.78 -12.75 1.56
N SER B 585 -5.83 -13.81 2.36
CA SER B 585 -4.70 -14.73 2.49
C SER B 585 -5.17 -16.14 2.20
N CYS B 586 -4.44 -16.86 1.35
CA CYS B 586 -4.80 -18.24 1.03
C CYS B 586 -4.69 -19.14 2.25
N VAL B 587 -5.79 -19.80 2.58
CA VAL B 587 -5.80 -20.94 3.48
C VAL B 587 -5.79 -22.17 2.60
N CYS B 588 -4.62 -22.79 2.44
CA CYS B 588 -4.49 -23.93 1.53
C CYS B 588 -5.22 -25.14 2.09
N ILE B 589 -6.27 -25.57 1.38
CA ILE B 589 -6.94 -26.80 1.76
C ILE B 589 -6.66 -27.86 0.73
N GLN B 590 -5.58 -28.61 0.93
CA GLN B 590 -5.12 -29.64 0.02
C GLN B 590 -3.97 -30.35 0.72
N PRO B 591 -3.88 -31.67 0.61
CA PRO B 591 -2.84 -32.40 1.33
C PRO B 591 -1.45 -31.98 0.85
N GLY B 592 -0.62 -31.56 1.79
CA GLY B 592 0.77 -31.25 1.49
C GLY B 592 1.01 -30.05 0.60
N SER B 593 0.04 -29.16 0.49
CA SER B 593 0.21 -27.90 -0.23
C SER B 593 0.40 -26.78 0.78
N TYR B 594 1.28 -25.85 0.46
CA TYR B 594 1.57 -24.72 1.34
C TYR B 594 2.14 -23.59 0.49
N GLY B 595 2.46 -22.48 1.14
CA GLY B 595 2.88 -21.28 0.44
C GLY B 595 1.79 -20.21 0.46
N ASP B 596 2.21 -18.97 0.17
CA ASP B 596 1.29 -17.84 0.21
C ASP B 596 0.10 -18.04 -0.71
N THR B 597 0.32 -18.67 -1.88
CA THR B 597 -0.75 -18.94 -2.82
C THR B 597 -0.85 -20.44 -3.15
N CYS B 598 -0.41 -21.30 -2.22
CA CYS B 598 -0.43 -22.76 -2.40
C CYS B 598 0.35 -23.20 -3.62
N GLU B 599 1.41 -22.46 -3.97
CA GLU B 599 2.20 -22.82 -5.15
C GLU B 599 3.05 -24.04 -4.88
N LYS B 600 3.45 -24.25 -3.63
CA LYS B 600 4.36 -25.35 -3.28
C LYS B 600 3.55 -26.59 -2.89
N CYS B 601 3.81 -27.70 -3.59
CA CYS B 601 3.26 -28.96 -3.12
C CYS B 601 4.09 -30.10 -3.70
N PRO B 602 5.27 -30.37 -3.14
CA PRO B 602 6.16 -31.39 -3.73
C PRO B 602 5.66 -32.81 -3.50
N THR B 603 4.69 -32.98 -2.61
CA THR B 603 4.03 -34.26 -2.37
C THR B 603 2.84 -34.49 -3.29
N CYS B 604 2.30 -33.43 -3.88
CA CYS B 604 1.22 -33.60 -4.83
C CYS B 604 1.66 -34.50 -5.97
N PRO B 605 0.73 -35.28 -6.54
CA PRO B 605 1.08 -36.15 -7.66
C PRO B 605 1.49 -35.35 -8.89
N ASP B 606 2.33 -35.97 -9.73
CA ASP B 606 2.83 -35.33 -10.93
C ASP B 606 1.68 -34.94 -11.87
N ALA B 607 1.98 -33.98 -12.76
CA ALA B 607 0.98 -33.53 -13.73
C ALA B 607 0.44 -34.66 -14.59
N CYS B 608 1.14 -35.81 -14.65
CA CYS B 608 0.64 -36.97 -15.39
C CYS B 608 -0.75 -37.40 -14.95
N THR B 609 -1.21 -36.94 -13.79
CA THR B 609 -2.47 -37.41 -13.23
C THR B 609 -3.66 -36.58 -13.68
N PHE B 610 -3.56 -35.25 -13.62
CA PHE B 610 -4.67 -34.42 -14.09
C PHE B 610 -4.71 -34.31 -15.61
N LYS B 611 -3.55 -34.31 -16.27
CA LYS B 611 -3.54 -34.24 -17.72
C LYS B 611 -4.16 -35.48 -18.35
N LYS B 612 -4.00 -36.64 -17.72
CA LYS B 612 -4.69 -37.83 -18.21
C LYS B 612 -6.21 -37.69 -18.14
N GLU B 613 -6.71 -36.87 -17.21
CA GLU B 613 -8.15 -36.63 -17.17
C GLU B 613 -8.61 -35.85 -18.40
N CYS B 614 -7.74 -34.99 -18.94
CA CYS B 614 -8.04 -34.28 -20.18
C CYS B 614 -7.92 -35.19 -21.39
N VAL B 615 -6.97 -36.14 -21.36
CA VAL B 615 -6.88 -37.14 -22.41
C VAL B 615 -8.16 -37.98 -22.47
N GLU B 616 -8.72 -38.33 -21.32
CA GLU B 616 -9.91 -39.17 -21.32
C GLU B 616 -11.15 -38.39 -21.76
N CYS B 617 -11.28 -37.12 -21.39
CA CYS B 617 -12.51 -36.44 -21.73
C CYS B 617 -12.48 -35.82 -23.12
N LYS B 618 -11.31 -35.42 -23.63
CA LYS B 618 -11.24 -34.86 -24.98
C LYS B 618 -11.11 -35.95 -26.03
N LYS B 619 -10.30 -36.98 -25.76
CA LYS B 619 -9.99 -37.98 -26.76
C LYS B 619 -10.84 -39.24 -26.65
N PHE B 620 -11.30 -39.61 -25.45
CA PHE B 620 -12.13 -40.78 -25.26
C PHE B 620 -13.56 -40.46 -24.79
N ASP B 621 -13.91 -39.18 -24.66
CA ASP B 621 -15.24 -38.80 -24.20
C ASP B 621 -15.61 -39.55 -22.92
N ARG B 622 -14.71 -39.50 -21.95
CA ARG B 622 -14.78 -40.41 -20.82
C ARG B 622 -14.05 -39.78 -19.64
N GLY B 623 -14.33 -40.28 -18.44
CA GLY B 623 -13.66 -39.81 -17.24
C GLY B 623 -14.55 -38.91 -16.39
N ALA B 624 -13.93 -38.28 -15.38
CA ALA B 624 -14.67 -37.49 -14.41
C ALA B 624 -15.00 -36.09 -14.93
N LEU B 625 -14.04 -35.44 -15.59
CA LEU B 625 -14.30 -34.12 -16.16
C LEU B 625 -15.41 -34.14 -17.20
N HIS B 626 -15.73 -35.31 -17.75
CA HIS B 626 -16.84 -35.43 -18.70
C HIS B 626 -18.18 -35.41 -17.99
N ASP B 627 -18.25 -36.00 -16.78
CA ASP B 627 -19.50 -36.04 -16.05
C ASP B 627 -19.85 -34.66 -15.49
N GLU B 628 -18.86 -33.90 -15.06
CA GLU B 628 -19.06 -32.57 -14.49
C GLU B 628 -19.08 -31.46 -15.54
N ASN B 629 -18.92 -31.81 -16.82
CA ASN B 629 -18.97 -30.86 -17.95
C ASN B 629 -17.84 -29.84 -17.89
N THR B 630 -16.75 -30.16 -17.18
CA THR B 630 -15.66 -29.22 -16.97
C THR B 630 -14.51 -29.43 -17.95
N CYS B 631 -14.67 -30.33 -18.91
CA CYS B 631 -13.58 -30.66 -19.82
C CYS B 631 -13.27 -29.49 -20.75
N ASN B 632 -14.30 -28.78 -21.21
CA ASN B 632 -14.09 -27.69 -22.16
C ASN B 632 -13.55 -26.44 -21.48
N ARG B 633 -13.72 -26.30 -20.17
CA ARG B 633 -13.13 -25.16 -19.47
C ARG B 633 -11.76 -25.49 -18.90
N TYR B 634 -11.56 -26.70 -18.38
CA TYR B 634 -10.30 -27.00 -17.72
C TYR B 634 -9.24 -27.44 -18.72
N CYS B 635 -9.64 -28.17 -19.75
CA CYS B 635 -8.68 -28.73 -20.71
C CYS B 635 -8.59 -27.78 -21.91
N ARG B 636 -7.67 -26.83 -21.83
CA ARG B 636 -7.44 -25.92 -22.93
C ARG B 636 -6.18 -26.28 -23.72
N ASP B 637 -5.37 -27.21 -23.22
CA ASP B 637 -4.18 -27.64 -23.94
C ASP B 637 -4.57 -28.39 -25.20
N GLU B 638 -4.03 -27.95 -26.34
CA GLU B 638 -4.32 -28.64 -27.58
C GLU B 638 -3.74 -30.06 -27.54
N ILE B 639 -4.59 -31.06 -27.81
CA ILE B 639 -4.20 -32.46 -27.81
C ILE B 639 -4.15 -32.95 -29.24
N GLU B 640 -3.15 -33.79 -29.55
CA GLU B 640 -2.93 -34.31 -30.88
C GLU B 640 -2.51 -35.78 -30.80
N SER B 641 -3.08 -36.60 -31.68
CA SER B 641 -2.72 -38.02 -31.78
C SER B 641 -1.56 -38.14 -32.76
N VAL B 642 -0.45 -38.73 -32.33
CA VAL B 642 0.82 -38.51 -32.99
C VAL B 642 1.51 -39.80 -33.44
N LYS B 643 0.78 -40.91 -33.53
CA LYS B 643 1.21 -42.01 -34.41
C LYS B 643 2.60 -42.51 -34.04
N GLU B 644 2.68 -43.22 -32.91
CA GLU B 644 3.97 -43.65 -32.37
C GLU B 644 4.83 -42.46 -31.95
N LEU B 645 4.48 -41.90 -30.79
CA LEU B 645 4.95 -40.66 -30.19
C LEU B 645 6.38 -40.25 -30.46
N LYS B 646 6.56 -39.00 -30.88
CA LYS B 646 7.86 -38.39 -31.07
C LYS B 646 8.59 -38.26 -29.73
N ASP B 647 9.91 -38.09 -29.79
CA ASP B 647 10.70 -37.84 -28.59
C ASP B 647 12.00 -37.15 -28.97
N THR B 648 12.34 -36.09 -28.22
CA THR B 648 13.64 -35.46 -28.27
C THR B 648 14.18 -35.35 -26.85
N GLY B 649 15.51 -35.39 -26.72
CA GLY B 649 16.18 -35.18 -25.45
C GLY B 649 16.22 -33.73 -25.05
N LYS B 650 15.06 -33.07 -25.11
CA LYS B 650 14.88 -31.63 -24.90
C LYS B 650 13.68 -31.37 -24.00
N ASP B 651 13.65 -32.05 -22.84
CA ASP B 651 12.64 -31.86 -21.80
C ASP B 651 11.25 -32.26 -22.27
N ALA B 652 11.12 -33.49 -22.74
CA ALA B 652 9.83 -34.10 -23.03
C ALA B 652 9.45 -34.98 -21.85
N VAL B 653 8.31 -34.68 -21.22
CA VAL B 653 7.83 -35.40 -20.04
C VAL B 653 6.82 -36.45 -20.48
N ASN B 654 7.17 -37.73 -20.30
CA ASN B 654 6.34 -38.85 -20.75
C ASN B 654 5.50 -39.42 -19.61
N CYS B 655 4.22 -39.66 -19.90
CA CYS B 655 3.26 -40.21 -18.95
C CYS B 655 2.51 -41.38 -19.57
N THR B 656 2.16 -42.37 -18.74
CA THR B 656 1.35 -43.49 -19.20
C THR B 656 0.30 -43.80 -18.14
N TYR B 657 -0.77 -44.47 -18.58
CA TYR B 657 -1.84 -44.87 -17.69
C TYR B 657 -2.67 -45.93 -18.38
N LYS B 658 -3.47 -46.61 -17.58
CA LYS B 658 -4.29 -47.73 -18.04
C LYS B 658 -5.75 -47.37 -17.84
N ASN B 659 -6.53 -47.36 -18.93
CA ASN B 659 -7.89 -46.84 -18.91
C ASN B 659 -8.85 -47.95 -18.48
N GLU B 660 -10.15 -47.69 -18.60
CA GLU B 660 -11.19 -48.65 -18.26
C GLU B 660 -11.12 -49.91 -19.12
N ASP B 661 -10.56 -49.81 -20.31
CA ASP B 661 -10.53 -50.91 -21.26
C ASP B 661 -9.24 -51.72 -21.18
N ASP B 662 -8.51 -51.62 -20.07
CA ASP B 662 -7.27 -52.35 -19.84
C ASP B 662 -6.23 -52.10 -20.91
N CYS B 663 -6.31 -50.94 -21.56
CA CYS B 663 -5.37 -50.55 -22.59
C CYS B 663 -4.43 -49.48 -22.05
N VAL B 664 -3.15 -49.61 -22.39
CA VAL B 664 -2.13 -48.73 -21.84
C VAL B 664 -1.99 -47.54 -22.79
N VAL B 665 -2.54 -46.39 -22.37
CA VAL B 665 -2.41 -45.13 -23.10
C VAL B 665 -1.10 -44.49 -22.71
N ARG B 666 -0.35 -44.02 -23.71
CA ARG B 666 0.95 -43.39 -23.51
C ARG B 666 0.91 -42.02 -24.15
N PHE B 667 1.39 -41.01 -23.42
CA PHE B 667 1.37 -39.64 -23.93
C PHE B 667 2.47 -38.83 -23.28
N GLN B 668 2.95 -37.81 -23.99
CA GLN B 668 3.90 -36.85 -23.47
C GLN B 668 3.33 -35.45 -23.66
N TYR B 669 3.83 -34.49 -22.89
CA TYR B 669 3.45 -33.10 -23.06
C TYR B 669 4.71 -32.24 -23.10
N TYR B 670 4.92 -31.59 -24.24
CA TYR B 670 5.99 -30.62 -24.38
C TYR B 670 5.62 -29.38 -23.59
N GLU B 671 6.33 -29.16 -22.48
CA GLU B 671 6.12 -28.00 -21.61
C GLU B 671 6.21 -26.70 -22.42
N ASP B 672 5.70 -25.61 -21.85
CA ASP B 672 5.59 -24.36 -22.58
C ASP B 672 6.92 -24.00 -23.24
N SER B 673 6.91 -23.97 -24.58
CA SER B 673 8.01 -23.44 -25.38
C SER B 673 7.73 -22.02 -25.86
N SER B 674 6.49 -21.74 -26.27
CA SER B 674 5.97 -20.41 -26.56
C SER B 674 4.81 -20.05 -25.62
N GLY B 675 4.87 -20.55 -24.38
CA GLY B 675 3.76 -20.49 -23.46
C GLY B 675 2.73 -21.59 -23.65
N LYS B 676 2.59 -22.06 -24.90
CA LYS B 676 1.65 -23.13 -25.21
C LYS B 676 2.10 -24.45 -24.57
N SER B 677 1.15 -25.13 -23.94
CA SER B 677 1.36 -26.49 -23.42
C SER B 677 0.67 -27.47 -24.38
N ILE B 678 1.44 -28.11 -25.25
CA ILE B 678 0.90 -29.03 -26.24
C ILE B 678 1.02 -30.44 -25.70
N LEU B 679 0.03 -31.28 -26.00
CA LEU B 679 -0.10 -32.61 -25.44
C LEU B 679 -0.19 -33.62 -26.59
N TYR B 680 0.71 -34.59 -26.62
CA TYR B 680 0.83 -35.52 -27.73
C TYR B 680 0.47 -36.93 -27.25
N VAL B 681 -0.45 -37.58 -27.97
CA VAL B 681 -0.99 -38.88 -27.57
C VAL B 681 -0.68 -39.90 -28.66
N VAL B 682 -0.21 -41.07 -28.24
CA VAL B 682 -0.02 -42.17 -29.18
C VAL B 682 -1.39 -42.72 -29.54
N GLU B 683 -1.62 -42.93 -30.83
CA GLU B 683 -2.71 -43.81 -31.23
C GLU B 683 -2.34 -45.25 -30.92
N GLU B 684 -3.28 -46.13 -31.12
CA GLU B 684 -3.06 -47.54 -30.85
C GLU B 684 -2.50 -47.76 -29.44
N PRO B 685 -3.28 -47.51 -28.40
CA PRO B 685 -2.93 -48.03 -27.07
C PRO B 685 -2.55 -49.51 -27.06
N GLU B 686 -1.71 -49.93 -26.11
CA GLU B 686 -1.40 -51.35 -25.95
C GLU B 686 -2.63 -52.08 -25.43
N CYS B 687 -3.33 -52.80 -26.31
CA CYS B 687 -4.42 -53.61 -25.80
C CYS B 687 -4.05 -55.09 -25.87
N PRO B 688 -4.68 -55.92 -25.04
CA PRO B 688 -4.40 -57.36 -25.07
C PRO B 688 -4.70 -57.97 -26.44
N LYS B 689 -4.29 -59.22 -26.58
CA LYS B 689 -4.39 -59.96 -27.83
C LYS B 689 -5.38 -61.11 -27.67
N GLY B 690 -6.09 -61.43 -28.76
CA GLY B 690 -7.11 -62.48 -28.73
C GLY B 690 -6.59 -63.90 -28.66
N CYS C 1 28.02 -12.41 -29.67
CA CYS C 1 29.12 -12.03 -28.79
C CYS C 1 29.36 -10.49 -28.76
N PRO C 2 29.39 -9.82 -29.91
CA PRO C 2 29.52 -8.36 -29.88
C PRO C 2 28.16 -7.68 -29.88
N GLN C 3 28.17 -6.40 -29.50
CA GLN C 3 26.97 -5.55 -29.52
C GLN C 3 27.40 -4.09 -29.49
N GLY C 4 26.41 -3.20 -29.55
CA GLY C 4 26.67 -1.78 -29.50
C GLY C 4 25.74 -1.08 -28.53
N ARG C 5 26.11 0.15 -28.18
CA ARG C 5 25.41 0.93 -27.16
C ARG C 5 24.63 2.07 -27.81
N GLY C 6 23.53 2.46 -27.15
CA GLY C 6 22.67 3.50 -27.69
C GLY C 6 21.63 2.97 -28.68
N ASP C 7 21.33 3.78 -29.68
CA ASP C 7 20.41 3.42 -30.78
C ASP C 7 21.13 2.57 -31.83
N TRP C 8 21.63 1.41 -31.37
CA TRP C 8 22.56 0.59 -32.13
C TRP C 8 21.85 -0.47 -32.96
N ALA C 9 22.40 -0.75 -34.16
CA ALA C 9 21.87 -1.78 -35.03
C ALA C 9 23.02 -2.44 -35.79
N PRO C 10 23.06 -3.77 -35.87
CA PRO C 10 24.10 -4.43 -36.67
C PRO C 10 24.06 -3.97 -38.12
N THR C 11 25.23 -3.70 -38.70
CA THR C 11 25.29 -2.99 -39.97
C THR C 11 24.72 -3.75 -41.17
N SER C 12 25.38 -4.83 -41.60
CA SER C 12 24.96 -5.59 -42.78
C SER C 12 25.78 -6.87 -42.96
N CYS C 13 25.12 -8.01 -43.19
CA CYS C 13 25.84 -9.28 -43.37
C CYS C 13 26.12 -9.52 -44.84
N LYS C 14 27.37 -9.37 -45.23
CA LYS C 14 27.93 -10.00 -46.42
C LYS C 14 29.06 -10.90 -45.92
N GLN C 15 28.71 -11.74 -44.94
CA GLN C 15 29.66 -12.36 -44.01
C GLN C 15 30.86 -12.96 -44.75
N ASP C 16 32.00 -12.98 -44.06
CA ASP C 16 33.35 -13.29 -44.49
C ASP C 16 34.00 -12.10 -45.20
N SER C 17 33.28 -10.99 -45.42
CA SER C 17 33.86 -9.79 -46.01
C SER C 17 33.72 -8.55 -45.12
N ASP C 18 32.50 -8.22 -44.69
CA ASP C 18 32.18 -6.87 -44.20
C ASP C 18 32.54 -6.68 -42.72
N CYS C 19 31.90 -7.44 -41.83
CA CYS C 19 32.09 -7.27 -40.40
C CYS C 19 33.32 -8.01 -39.90
N LEU C 20 34.14 -7.32 -39.11
CA LEU C 20 35.46 -7.81 -38.72
C LEU C 20 35.39 -9.20 -38.07
N ALA C 21 34.69 -9.30 -36.95
CA ALA C 21 34.51 -10.59 -36.28
C ALA C 21 33.06 -11.06 -36.34
N GLY C 22 32.12 -10.28 -35.81
CA GLY C 22 30.72 -10.70 -35.73
C GLY C 22 30.52 -11.97 -34.94
N CYS C 23 29.26 -12.37 -34.69
CA CYS C 23 29.03 -13.73 -34.18
C CYS C 23 27.74 -14.37 -34.72
N VAL C 24 27.12 -13.82 -35.74
CA VAL C 24 25.94 -14.43 -36.36
C VAL C 24 25.68 -13.77 -37.70
N CYS C 25 24.98 -14.50 -38.58
CA CYS C 25 24.33 -13.93 -39.76
C CYS C 25 23.07 -14.75 -40.04
N GLY C 26 22.33 -14.35 -41.08
CA GLY C 26 21.09 -15.02 -41.43
C GLY C 26 20.10 -14.13 -42.14
N PRO C 27 18.85 -14.11 -41.67
CA PRO C 27 17.81 -13.36 -42.39
C PRO C 27 18.06 -11.86 -42.41
N ASN C 28 17.63 -11.23 -43.51
CA ASN C 28 17.74 -9.80 -43.78
C ASN C 28 19.18 -9.30 -43.80
N GLY C 29 20.15 -10.19 -43.72
CA GLY C 29 21.56 -9.85 -43.84
C GLY C 29 22.09 -8.81 -42.87
N PHE C 30 22.18 -9.16 -41.58
CA PHE C 30 22.80 -8.30 -40.58
C PHE C 30 23.89 -9.07 -39.85
N CYS C 31 24.83 -8.33 -39.30
CA CYS C 31 26.00 -8.91 -38.64
C CYS C 31 25.58 -9.48 -37.29
N GLY C 32 26.57 -9.82 -36.46
CA GLY C 32 26.33 -10.30 -35.11
C GLY C 32 25.63 -9.31 -34.18
#